data_8HY8
# 
_entry.id   8HY8 
# 
_audit_conform.dict_name       mmcif_pdbx.dic 
_audit_conform.dict_version    5.383 
_audit_conform.dict_location   http://mmcif.pdb.org/dictionaries/ascii/mmcif_pdbx.dic 
# 
loop_
_database_2.database_id 
_database_2.database_code 
_database_2.pdbx_database_accession 
_database_2.pdbx_DOI 
PDB   8HY8         pdb_00008hy8 10.2210/pdb8hy8/pdb 
WWPDB D_1300034391 ?            ?                   
# 
loop_
_pdbx_audit_revision_history.ordinal 
_pdbx_audit_revision_history.data_content_type 
_pdbx_audit_revision_history.major_revision 
_pdbx_audit_revision_history.minor_revision 
_pdbx_audit_revision_history.revision_date 
1 'Structure model' 1 0 2024-01-10 
2 'Structure model' 1 1 2024-01-24 
# 
_pdbx_audit_revision_details.ordinal             1 
_pdbx_audit_revision_details.revision_ordinal    1 
_pdbx_audit_revision_details.data_content_type   'Structure model' 
_pdbx_audit_revision_details.provider            repository 
_pdbx_audit_revision_details.type                'Initial release' 
_pdbx_audit_revision_details.description         ? 
_pdbx_audit_revision_details.details             ? 
# 
_pdbx_audit_revision_group.ordinal             1 
_pdbx_audit_revision_group.revision_ordinal    2 
_pdbx_audit_revision_group.data_content_type   'Structure model' 
_pdbx_audit_revision_group.group               'Database references' 
# 
loop_
_pdbx_audit_revision_category.ordinal 
_pdbx_audit_revision_category.revision_ordinal 
_pdbx_audit_revision_category.data_content_type 
_pdbx_audit_revision_category.category 
1 2 'Structure model' citation        
2 2 'Structure model' citation_author 
# 
loop_
_pdbx_audit_revision_item.ordinal 
_pdbx_audit_revision_item.revision_ordinal 
_pdbx_audit_revision_item.data_content_type 
_pdbx_audit_revision_item.item 
1  2 'Structure model' '_citation.country'                 
2  2 'Structure model' '_citation.journal_abbrev'          
3  2 'Structure model' '_citation.journal_id_CSD'          
4  2 'Structure model' '_citation.journal_id_ISSN'         
5  2 'Structure model' '_citation.journal_volume'          
6  2 'Structure model' '_citation.page_first'              
7  2 'Structure model' '_citation.page_last'               
8  2 'Structure model' '_citation.pdbx_database_id_DOI'    
9  2 'Structure model' '_citation.pdbx_database_id_PubMed' 
10 2 'Structure model' '_citation.title'                   
11 2 'Structure model' '_citation.year'                    
# 
_pdbx_database_status.status_code                     REL 
_pdbx_database_status.status_code_sf                  REL 
_pdbx_database_status.status_code_mr                  ? 
_pdbx_database_status.entry_id                        8HY8 
_pdbx_database_status.recvd_initial_deposition_date   2023-01-06 
_pdbx_database_status.SG_entry                        N 
_pdbx_database_status.deposit_site                    PDBJ 
_pdbx_database_status.process_site                    PDBJ 
_pdbx_database_status.status_code_cs                  ? 
_pdbx_database_status.status_code_nmr_data            ? 
_pdbx_database_status.methods_development_category    ? 
_pdbx_database_status.pdb_format_compatible           Y 
# 
_pdbx_contact_author.id                 2 
_pdbx_contact_author.email              chyeah6599@mail.cmu.edu.tw 
_pdbx_contact_author.name_first         Yeh 
_pdbx_contact_author.name_last          Chen 
_pdbx_contact_author.name_mi            ? 
_pdbx_contact_author.role               'principal investigator/group leader' 
_pdbx_contact_author.identifier_ORCID   0000-0002-7740-0446 
# 
loop_
_audit_author.name 
_audit_author.pdbx_ordinal 
_audit_author.identifier_ORCID 
'Wang, Y.-C.' 1 ? 
'Yang, C.-S.' 2 ? 
'Hou, M.-H.'  3 ? 
'Chen, Y.'    4 ? 
# 
_citation.abstract                  ? 
_citation.abstract_id_CAS           ? 
_citation.book_id_ISBN              ? 
_citation.book_publisher            ? 
_citation.book_publisher_city       ? 
_citation.book_title                ? 
_citation.coordinate_linkage        ? 
_citation.country                   UK 
_citation.database_id_Medline       ? 
_citation.details                   ? 
_citation.id                        primary 
_citation.journal_abbrev            'Nat Commun' 
_citation.journal_id_ASTM           ? 
_citation.journal_id_CSD            ? 
_citation.journal_id_ISSN           2041-1723 
_citation.journal_full              ? 
_citation.journal_issue             ? 
_citation.journal_volume            14 
_citation.language                  ? 
_citation.page_first                8519 
_citation.page_last                 8519 
_citation.title                     
'Structural insights into the regulation, ligand recognition, and oligomerization of bacterial STING.' 
_citation.year                      2023 
_citation.database_id_CSD           ? 
_citation.pdbx_database_id_DOI      10.1038/s41467-023-44052-x 
_citation.pdbx_database_id_PubMed   38129386 
_citation.pdbx_database_id_patent   ? 
_citation.unpublished_flag          ? 
# 
loop_
_citation_author.citation_id 
_citation_author.name 
_citation_author.ordinal 
_citation_author.identifier_ORCID 
primary 'Hou, M.H.'       1  ?                   
primary 'Wang, Y.C.'      2  0000-0003-2726-9731 
primary 'Yang, C.S.'      3  ?                   
primary 'Liao, K.F.'      4  ?                   
primary 'Chang, J.W.'     5  0000-0003-3821-5261 
primary 'Shih, O.'        6  ?                   
primary 'Yeh, Y.Q.'       7  0000-0002-2387-3600 
primary 'Sriramoju, M.K.' 8  ?                   
primary 'Weng, T.W.'      9  ?                   
primary 'Jeng, U.S.'      10 ?                   
primary 'Hsu, S.D.'       11 0000-0002-7231-0185 
primary 'Chen, Y.'        12 0000-0002-7740-0446 
# 
loop_
_entity.id 
_entity.type 
_entity.src_method 
_entity.pdbx_description 
_entity.formula_weight 
_entity.pdbx_number_of_molecules 
_entity.pdbx_ec 
_entity.pdbx_mutation 
_entity.pdbx_fragment 
_entity.details 
1 polymer man 'CD-NTase-associated protein 12' 18813.592 1  ? ? ? 'The GLU5 should be re-indexed as GLU152. Thank you very much!' 
2 water   nat water                            18.015    41 ? ? ? ?                                                               
# 
_entity_poly.entity_id                      1 
_entity_poly.type                           'polypeptide(L)' 
_entity_poly.nstd_linkage                   no 
_entity_poly.nstd_monomer                   no 
_entity_poly.pdbx_seq_one_letter_code       
;ISLGELGLLPSTVLAIGYYENFVSTVCDALHSLPTIKLNGIEYKDFVFNIIIPNDLDADIKRRAQIYFKKMDIHEVKIDT
NGRSFPLYLQIDEENSGDVAVLYDMPTTLGGIDKAIEMYMKKGHIGKTSQQQLLEERELRNFKTTLINLINNNSFTKTFV
KVIEE
;
_entity_poly.pdbx_seq_one_letter_code_can   
;ISLGELGLLPSTVLAIGYYENFVSTVCDALHSLPTIKLNGIEYKDFVFNIIIPNDLDADIKRRAQIYFKKMDIHEVKIDT
NGRSFPLYLQIDEENSGDVAVLYDMPTTLGGIDKAIEMYMKKGHIGKTSQQQLLEERELRNFKTTLINLINNNSFTKTFV
KVIEE
;
_entity_poly.pdbx_strand_id                 A 
_entity_poly.pdbx_target_identifier         ? 
# 
_pdbx_entity_nonpoly.entity_id   2 
_pdbx_entity_nonpoly.name        water 
_pdbx_entity_nonpoly.comp_id     HOH 
# 
loop_
_entity_poly_seq.entity_id 
_entity_poly_seq.num 
_entity_poly_seq.mon_id 
_entity_poly_seq.hetero 
1 1   ILE n 
1 2   SER n 
1 3   LEU n 
1 4   GLY n 
1 5   GLU n 
1 6   LEU n 
1 7   GLY n 
1 8   LEU n 
1 9   LEU n 
1 10  PRO n 
1 11  SER n 
1 12  THR n 
1 13  VAL n 
1 14  LEU n 
1 15  ALA n 
1 16  ILE n 
1 17  GLY n 
1 18  TYR n 
1 19  TYR n 
1 20  GLU n 
1 21  ASN n 
1 22  PHE n 
1 23  VAL n 
1 24  SER n 
1 25  THR n 
1 26  VAL n 
1 27  CYS n 
1 28  ASP n 
1 29  ALA n 
1 30  LEU n 
1 31  HIS n 
1 32  SER n 
1 33  LEU n 
1 34  PRO n 
1 35  THR n 
1 36  ILE n 
1 37  LYS n 
1 38  LEU n 
1 39  ASN n 
1 40  GLY n 
1 41  ILE n 
1 42  GLU n 
1 43  TYR n 
1 44  LYS n 
1 45  ASP n 
1 46  PHE n 
1 47  VAL n 
1 48  PHE n 
1 49  ASN n 
1 50  ILE n 
1 51  ILE n 
1 52  ILE n 
1 53  PRO n 
1 54  ASN n 
1 55  ASP n 
1 56  LEU n 
1 57  ASP n 
1 58  ALA n 
1 59  ASP n 
1 60  ILE n 
1 61  LYS n 
1 62  ARG n 
1 63  ARG n 
1 64  ALA n 
1 65  GLN n 
1 66  ILE n 
1 67  TYR n 
1 68  PHE n 
1 69  LYS n 
1 70  LYS n 
1 71  MET n 
1 72  ASP n 
1 73  ILE n 
1 74  HIS n 
1 75  GLU n 
1 76  VAL n 
1 77  LYS n 
1 78  ILE n 
1 79  ASP n 
1 80  THR n 
1 81  ASN n 
1 82  GLY n 
1 83  ARG n 
1 84  SER n 
1 85  PHE n 
1 86  PRO n 
1 87  LEU n 
1 88  TYR n 
1 89  LEU n 
1 90  GLN n 
1 91  ILE n 
1 92  ASP n 
1 93  GLU n 
1 94  GLU n 
1 95  ASN n 
1 96  SER n 
1 97  GLY n 
1 98  ASP n 
1 99  VAL n 
1 100 ALA n 
1 101 VAL n 
1 102 LEU n 
1 103 TYR n 
1 104 ASP n 
1 105 MET n 
1 106 PRO n 
1 107 THR n 
1 108 THR n 
1 109 LEU n 
1 110 GLY n 
1 111 GLY n 
1 112 ILE n 
1 113 ASP n 
1 114 LYS n 
1 115 ALA n 
1 116 ILE n 
1 117 GLU n 
1 118 MET n 
1 119 TYR n 
1 120 MET n 
1 121 LYS n 
1 122 LYS n 
1 123 GLY n 
1 124 HIS n 
1 125 ILE n 
1 126 GLY n 
1 127 LYS n 
1 128 THR n 
1 129 SER n 
1 130 GLN n 
1 131 GLN n 
1 132 GLN n 
1 133 LEU n 
1 134 LEU n 
1 135 GLU n 
1 136 GLU n 
1 137 ARG n 
1 138 GLU n 
1 139 LEU n 
1 140 ARG n 
1 141 ASN n 
1 142 PHE n 
1 143 LYS n 
1 144 THR n 
1 145 THR n 
1 146 LEU n 
1 147 ILE n 
1 148 ASN n 
1 149 LEU n 
1 150 ILE n 
1 151 ASN n 
1 152 ASN n 
1 153 ASN n 
1 154 SER n 
1 155 PHE n 
1 156 THR n 
1 157 LYS n 
1 158 THR n 
1 159 PHE n 
1 160 VAL n 
1 161 LYS n 
1 162 VAL n 
1 163 ILE n 
1 164 GLU n 
1 165 GLU n 
# 
_entity_src_gen.entity_id                          1 
_entity_src_gen.pdbx_src_id                        1 
_entity_src_gen.pdbx_alt_source_flag               sample 
_entity_src_gen.pdbx_seq_type                      'Biological sequence' 
_entity_src_gen.pdbx_beg_seq_num                   1 
_entity_src_gen.pdbx_end_seq_num                   165 
_entity_src_gen.gene_src_common_name               ? 
_entity_src_gen.gene_src_genus                     ? 
_entity_src_gen.pdbx_gene_src_gene                 IO89_10965 
_entity_src_gen.gene_src_species                   ? 
_entity_src_gen.gene_src_strain                    ? 
_entity_src_gen.gene_src_tissue                    ? 
_entity_src_gen.gene_src_tissue_fraction           ? 
_entity_src_gen.gene_src_details                   ? 
_entity_src_gen.pdbx_gene_src_fragment             ? 
_entity_src_gen.pdbx_gene_src_scientific_name      'Epilithonimonas lactis' 
_entity_src_gen.pdbx_gene_src_ncbi_taxonomy_id     421072 
_entity_src_gen.pdbx_gene_src_variant              ? 
_entity_src_gen.pdbx_gene_src_cell_line            ? 
_entity_src_gen.pdbx_gene_src_atcc                 ? 
_entity_src_gen.pdbx_gene_src_organ                ? 
_entity_src_gen.pdbx_gene_src_organelle            ? 
_entity_src_gen.pdbx_gene_src_cell                 ? 
_entity_src_gen.pdbx_gene_src_cellular_location    ? 
_entity_src_gen.host_org_common_name               ? 
_entity_src_gen.pdbx_host_org_scientific_name      'Escherichia coli BL21(DE3)' 
_entity_src_gen.pdbx_host_org_ncbi_taxonomy_id     469008 
_entity_src_gen.host_org_genus                     ? 
_entity_src_gen.pdbx_host_org_gene                 ? 
_entity_src_gen.pdbx_host_org_organ                ? 
_entity_src_gen.host_org_species                   ? 
_entity_src_gen.pdbx_host_org_tissue               ? 
_entity_src_gen.pdbx_host_org_tissue_fraction      ? 
_entity_src_gen.pdbx_host_org_strain               ? 
_entity_src_gen.pdbx_host_org_variant              ? 
_entity_src_gen.pdbx_host_org_cell_line            ? 
_entity_src_gen.pdbx_host_org_atcc                 ? 
_entity_src_gen.pdbx_host_org_culture_collection   ? 
_entity_src_gen.pdbx_host_org_cell                 ? 
_entity_src_gen.pdbx_host_org_organelle            ? 
_entity_src_gen.pdbx_host_org_cellular_location    ? 
_entity_src_gen.pdbx_host_org_vector_type          ? 
_entity_src_gen.pdbx_host_org_vector               ? 
_entity_src_gen.host_org_details                   ? 
_entity_src_gen.expression_system_id               ? 
_entity_src_gen.plasmid_name                       ? 
_entity_src_gen.plasmid_details                    ? 
_entity_src_gen.pdbx_description                   ? 
# 
loop_
_chem_comp.id 
_chem_comp.type 
_chem_comp.mon_nstd_flag 
_chem_comp.name 
_chem_comp.pdbx_synonyms 
_chem_comp.formula 
_chem_comp.formula_weight 
ALA 'L-peptide linking' y ALANINE         ? 'C3 H7 N O2'     89.093  
ARG 'L-peptide linking' y ARGININE        ? 'C6 H15 N4 O2 1' 175.209 
ASN 'L-peptide linking' y ASPARAGINE      ? 'C4 H8 N2 O3'    132.118 
ASP 'L-peptide linking' y 'ASPARTIC ACID' ? 'C4 H7 N O4'     133.103 
CYS 'L-peptide linking' y CYSTEINE        ? 'C3 H7 N O2 S'   121.158 
GLN 'L-peptide linking' y GLUTAMINE       ? 'C5 H10 N2 O3'   146.144 
GLU 'L-peptide linking' y 'GLUTAMIC ACID' ? 'C5 H9 N O4'     147.129 
GLY 'peptide linking'   y GLYCINE         ? 'C2 H5 N O2'     75.067  
HIS 'L-peptide linking' y HISTIDINE       ? 'C6 H10 N3 O2 1' 156.162 
HOH non-polymer         . WATER           ? 'H2 O'           18.015  
ILE 'L-peptide linking' y ISOLEUCINE      ? 'C6 H13 N O2'    131.173 
LEU 'L-peptide linking' y LEUCINE         ? 'C6 H13 N O2'    131.173 
LYS 'L-peptide linking' y LYSINE          ? 'C6 H15 N2 O2 1' 147.195 
MET 'L-peptide linking' y METHIONINE      ? 'C5 H11 N O2 S'  149.211 
PHE 'L-peptide linking' y PHENYLALANINE   ? 'C9 H11 N O2'    165.189 
PRO 'L-peptide linking' y PROLINE         ? 'C5 H9 N O2'     115.130 
SER 'L-peptide linking' y SERINE          ? 'C3 H7 N O3'     105.093 
THR 'L-peptide linking' y THREONINE       ? 'C4 H9 N O3'     119.119 
TYR 'L-peptide linking' y TYROSINE        ? 'C9 H11 N O3'    181.189 
VAL 'L-peptide linking' y VALINE          ? 'C5 H11 N O2'    117.146 
# 
loop_
_pdbx_poly_seq_scheme.asym_id 
_pdbx_poly_seq_scheme.entity_id 
_pdbx_poly_seq_scheme.seq_id 
_pdbx_poly_seq_scheme.mon_id 
_pdbx_poly_seq_scheme.ndb_seq_num 
_pdbx_poly_seq_scheme.pdb_seq_num 
_pdbx_poly_seq_scheme.auth_seq_num 
_pdbx_poly_seq_scheme.pdb_mon_id 
_pdbx_poly_seq_scheme.auth_mon_id 
_pdbx_poly_seq_scheme.pdb_strand_id 
_pdbx_poly_seq_scheme.pdb_ins_code 
_pdbx_poly_seq_scheme.hetero 
A 1 1   ILE 1   1   ?   ?   ?   A . n 
A 1 2   SER 2   2   ?   ?   ?   A . n 
A 1 3   LEU 3   3   ?   ?   ?   A . n 
A 1 4   GLY 4   4   ?   ?   ?   A . n 
A 1 5   GLU 5   5   5   GLU GLU A . n 
A 1 6   LEU 6   6   6   LEU LEU A . n 
A 1 7   GLY 7   7   7   GLY GLY A . n 
A 1 8   LEU 8   8   8   LEU LEU A . n 
A 1 9   LEU 9   9   9   LEU LEU A . n 
A 1 10  PRO 10  10  10  PRO PRO A . n 
A 1 11  SER 11  11  11  SER SER A . n 
A 1 12  THR 12  12  12  THR THR A . n 
A 1 13  VAL 13  13  13  VAL VAL A . n 
A 1 14  LEU 14  14  14  LEU LEU A . n 
A 1 15  ALA 15  15  15  ALA ALA A . n 
A 1 16  ILE 16  16  16  ILE ILE A . n 
A 1 17  GLY 17  17  17  GLY GLY A . n 
A 1 18  TYR 18  18  18  TYR TYR A . n 
A 1 19  TYR 19  19  19  TYR TYR A . n 
A 1 20  GLU 20  20  20  GLU GLU A . n 
A 1 21  ASN 21  21  21  ASN ASN A . n 
A 1 22  PHE 22  22  22  PHE PHE A . n 
A 1 23  VAL 23  23  23  VAL VAL A . n 
A 1 24  SER 24  24  24  SER SER A . n 
A 1 25  THR 25  25  25  THR THR A . n 
A 1 26  VAL 26  26  26  VAL VAL A . n 
A 1 27  CYS 27  27  27  CYS CYS A . n 
A 1 28  ASP 28  28  28  ASP ASP A . n 
A 1 29  ALA 29  29  29  ALA ALA A . n 
A 1 30  LEU 30  30  30  LEU LEU A . n 
A 1 31  HIS 31  31  31  HIS HIS A . n 
A 1 32  SER 32  32  32  SER SER A . n 
A 1 33  LEU 33  33  33  LEU LEU A . n 
A 1 34  PRO 34  34  34  PRO PRO A . n 
A 1 35  THR 35  35  35  THR THR A . n 
A 1 36  ILE 36  36  36  ILE ILE A . n 
A 1 37  LYS 37  37  37  LYS LYS A . n 
A 1 38  LEU 38  38  38  LEU LEU A . n 
A 1 39  ASN 39  39  39  ASN ASN A . n 
A 1 40  GLY 40  40  40  GLY GLY A . n 
A 1 41  ILE 41  41  41  ILE ILE A . n 
A 1 42  GLU 42  42  42  GLU GLU A . n 
A 1 43  TYR 43  43  43  TYR TYR A . n 
A 1 44  LYS 44  44  44  LYS LYS A . n 
A 1 45  ASP 45  45  45  ASP ASP A . n 
A 1 46  PHE 46  46  46  PHE PHE A . n 
A 1 47  VAL 47  47  47  VAL VAL A . n 
A 1 48  PHE 48  48  48  PHE PHE A . n 
A 1 49  ASN 49  49  49  ASN ASN A . n 
A 1 50  ILE 50  50  50  ILE ILE A . n 
A 1 51  ILE 51  51  51  ILE ILE A . n 
A 1 52  ILE 52  52  52  ILE ILE A . n 
A 1 53  PRO 53  53  53  PRO PRO A . n 
A 1 54  ASN 54  54  54  ASN ASN A . n 
A 1 55  ASP 55  55  55  ASP ASP A . n 
A 1 56  LEU 56  56  56  LEU LEU A . n 
A 1 57  ASP 57  57  57  ASP ASP A . n 
A 1 58  ALA 58  58  58  ALA ALA A . n 
A 1 59  ASP 59  59  59  ASP ASP A . n 
A 1 60  ILE 60  60  60  ILE ILE A . n 
A 1 61  LYS 61  61  61  LYS LYS A . n 
A 1 62  ARG 62  62  62  ARG ARG A . n 
A 1 63  ARG 63  63  63  ARG ARG A . n 
A 1 64  ALA 64  64  64  ALA ALA A . n 
A 1 65  GLN 65  65  65  GLN GLN A . n 
A 1 66  ILE 66  66  66  ILE ILE A . n 
A 1 67  TYR 67  67  67  TYR TYR A . n 
A 1 68  PHE 68  68  68  PHE PHE A . n 
A 1 69  LYS 69  69  69  LYS LYS A . n 
A 1 70  LYS 70  70  70  LYS LYS A . n 
A 1 71  MET 71  71  71  MET MET A . n 
A 1 72  ASP 72  72  72  ASP ASP A . n 
A 1 73  ILE 73  73  73  ILE ILE A . n 
A 1 74  HIS 74  74  74  HIS HIS A . n 
A 1 75  GLU 75  75  75  GLU GLU A . n 
A 1 76  VAL 76  76  76  VAL VAL A . n 
A 1 77  LYS 77  77  77  LYS LYS A . n 
A 1 78  ILE 78  78  78  ILE ILE A . n 
A 1 79  ASP 79  79  ?   ?   ?   A . n 
A 1 80  THR 80  80  ?   ?   ?   A . n 
A 1 81  ASN 81  81  ?   ?   ?   A . n 
A 1 82  GLY 82  82  ?   ?   ?   A . n 
A 1 83  ARG 83  83  ?   ?   ?   A . n 
A 1 84  SER 84  84  ?   ?   ?   A . n 
A 1 85  PHE 85  85  ?   ?   ?   A . n 
A 1 86  PRO 86  86  ?   ?   ?   A . n 
A 1 87  LEU 87  87  87  LEU LEU A . n 
A 1 88  TYR 88  88  88  TYR TYR A . n 
A 1 89  LEU 89  89  89  LEU LEU A . n 
A 1 90  GLN 90  90  90  GLN GLN A . n 
A 1 91  ILE 91  91  91  ILE ILE A . n 
A 1 92  ASP 92  92  92  ASP ASP A . n 
A 1 93  GLU 93  93  93  GLU GLU A . n 
A 1 94  GLU 94  94  94  GLU GLU A . n 
A 1 95  ASN 95  95  95  ASN ASN A . n 
A 1 96  SER 96  96  96  SER SER A . n 
A 1 97  GLY 97  97  97  GLY GLY A . n 
A 1 98  ASP 98  98  98  ASP ASP A . n 
A 1 99  VAL 99  99  99  VAL VAL A . n 
A 1 100 ALA 100 100 100 ALA ALA A . n 
A 1 101 VAL 101 101 101 VAL VAL A . n 
A 1 102 LEU 102 102 102 LEU LEU A . n 
A 1 103 TYR 103 103 103 TYR TYR A . n 
A 1 104 ASP 104 104 104 ASP ASP A . n 
A 1 105 MET 105 105 105 MET MET A . n 
A 1 106 PRO 106 106 106 PRO PRO A . n 
A 1 107 THR 107 107 107 THR THR A . n 
A 1 108 THR 108 108 108 THR THR A . n 
A 1 109 LEU 109 109 109 LEU LEU A . n 
A 1 110 GLY 110 110 110 GLY GLY A . n 
A 1 111 GLY 111 111 111 GLY GLY A . n 
A 1 112 ILE 112 112 112 ILE ILE A . n 
A 1 113 ASP 113 113 113 ASP ASP A . n 
A 1 114 LYS 114 114 114 LYS LYS A . n 
A 1 115 ALA 115 115 115 ALA ALA A . n 
A 1 116 ILE 116 116 116 ILE ILE A . n 
A 1 117 GLU 117 117 117 GLU GLU A . n 
A 1 118 MET 118 118 118 MET MET A . n 
A 1 119 TYR 119 119 119 TYR TYR A . n 
A 1 120 MET 120 120 120 MET MET A . n 
A 1 121 LYS 121 121 121 LYS LYS A . n 
A 1 122 LYS 122 122 122 LYS LYS A . n 
A 1 123 GLY 123 123 123 GLY GLY A . n 
A 1 124 HIS 124 124 124 HIS HIS A . n 
A 1 125 ILE 125 125 125 ILE ILE A . n 
A 1 126 GLY 126 126 126 GLY GLY A . n 
A 1 127 LYS 127 127 127 LYS LYS A . n 
A 1 128 THR 128 128 128 THR THR A . n 
A 1 129 SER 129 129 129 SER SER A . n 
A 1 130 GLN 130 130 130 GLN GLN A . n 
A 1 131 GLN 131 131 131 GLN GLN A . n 
A 1 132 GLN 132 132 132 GLN GLN A . n 
A 1 133 LEU 133 133 133 LEU LEU A . n 
A 1 134 LEU 134 134 134 LEU LEU A . n 
A 1 135 GLU 135 135 135 GLU GLU A . n 
A 1 136 GLU 136 136 136 GLU GLU A . n 
A 1 137 ARG 137 137 137 ARG ARG A . n 
A 1 138 GLU 138 138 138 GLU GLU A . n 
A 1 139 LEU 139 139 139 LEU LEU A . n 
A 1 140 ARG 140 140 140 ARG ARG A . n 
A 1 141 ASN 141 141 141 ASN ASN A . n 
A 1 142 PHE 142 142 142 PHE PHE A . n 
A 1 143 LYS 143 143 143 LYS LYS A . n 
A 1 144 THR 144 144 144 THR THR A . n 
A 1 145 THR 145 145 145 THR THR A . n 
A 1 146 LEU 146 146 146 LEU LEU A . n 
A 1 147 ILE 147 147 147 ILE ILE A . n 
A 1 148 ASN 148 148 148 ASN ASN A . n 
A 1 149 LEU 149 149 149 LEU LEU A . n 
A 1 150 ILE 150 150 150 ILE ILE A . n 
A 1 151 ASN 151 151 151 ASN ASN A . n 
A 1 152 ASN 152 152 152 ASN ASN A . n 
A 1 153 ASN 153 153 153 ASN ASN A . n 
A 1 154 SER 154 154 154 SER SER A . n 
A 1 155 PHE 155 155 155 PHE PHE A . n 
A 1 156 THR 156 156 156 THR THR A . n 
A 1 157 LYS 157 157 157 LYS LYS A . n 
A 1 158 THR 158 158 158 THR THR A . n 
A 1 159 PHE 159 159 159 PHE PHE A . n 
A 1 160 VAL 160 160 160 VAL VAL A . n 
A 1 161 LYS 161 161 161 LYS LYS A . n 
A 1 162 VAL 162 162 162 VAL VAL A . n 
A 1 163 ILE 163 163 163 ILE ILE A . n 
A 1 164 GLU 164 164 164 GLU GLU A . n 
A 1 165 GLU 165 165 165 GLU GLU A . n 
# 
loop_
_pdbx_nonpoly_scheme.asym_id 
_pdbx_nonpoly_scheme.entity_id 
_pdbx_nonpoly_scheme.mon_id 
_pdbx_nonpoly_scheme.ndb_seq_num 
_pdbx_nonpoly_scheme.pdb_seq_num 
_pdbx_nonpoly_scheme.auth_seq_num 
_pdbx_nonpoly_scheme.pdb_mon_id 
_pdbx_nonpoly_scheme.auth_mon_id 
_pdbx_nonpoly_scheme.pdb_strand_id 
_pdbx_nonpoly_scheme.pdb_ins_code 
B 2 HOH 1  201 34 HOH HOH A . 
B 2 HOH 2  202 18 HOH HOH A . 
B 2 HOH 3  203 25 HOH HOH A . 
B 2 HOH 4  204 5  HOH HOH A . 
B 2 HOH 5  205 28 HOH HOH A . 
B 2 HOH 6  206 32 HOH HOH A . 
B 2 HOH 7  207 8  HOH HOH A . 
B 2 HOH 8  208 14 HOH HOH A . 
B 2 HOH 9  209 24 HOH HOH A . 
B 2 HOH 10 210 35 HOH HOH A . 
B 2 HOH 11 211 2  HOH HOH A . 
B 2 HOH 12 212 19 HOH HOH A . 
B 2 HOH 13 213 3  HOH HOH A . 
B 2 HOH 14 214 16 HOH HOH A . 
B 2 HOH 15 215 27 HOH HOH A . 
B 2 HOH 16 216 1  HOH HOH A . 
B 2 HOH 17 217 22 HOH HOH A . 
B 2 HOH 18 218 12 HOH HOH A . 
B 2 HOH 19 219 10 HOH HOH A . 
B 2 HOH 20 220 26 HOH HOH A . 
B 2 HOH 21 221 40 HOH HOH A . 
B 2 HOH 22 222 31 HOH HOH A . 
B 2 HOH 23 223 20 HOH HOH A . 
B 2 HOH 24 224 6  HOH HOH A . 
B 2 HOH 25 225 4  HOH HOH A . 
B 2 HOH 26 226 11 HOH HOH A . 
B 2 HOH 27 227 13 HOH HOH A . 
B 2 HOH 28 228 17 HOH HOH A . 
B 2 HOH 29 229 21 HOH HOH A . 
B 2 HOH 30 230 33 HOH HOH A . 
B 2 HOH 31 231 7  HOH HOH A . 
B 2 HOH 32 232 41 HOH HOH A . 
B 2 HOH 33 233 30 HOH HOH A . 
B 2 HOH 34 234 39 HOH HOH A . 
B 2 HOH 35 235 36 HOH HOH A . 
B 2 HOH 36 236 23 HOH HOH A . 
B 2 HOH 37 237 29 HOH HOH A . 
B 2 HOH 38 238 15 HOH HOH A . 
B 2 HOH 39 239 37 HOH HOH A . 
B 2 HOH 40 240 9  HOH HOH A . 
B 2 HOH 41 241 38 HOH HOH A . 
# 
loop_
_software.citation_id 
_software.classification 
_software.compiler_name 
_software.compiler_version 
_software.contact_author 
_software.contact_author_email 
_software.date 
_software.description 
_software.dependencies 
_software.hardware 
_software.language 
_software.location 
_software.mods 
_software.name 
_software.os 
_software.os_version 
_software.type 
_software.version 
_software.pdbx_ordinal 
? refinement       ? ? ? ? ? ? ? ? ? ? ? REFMAC   ? ? ? 5.8.0267 1 
? 'data scaling'   ? ? ? ? ? ? ? ? ? ? ? HKL-2000 ? ? ? .        2 
? phasing          ? ? ? ? ? ? ? ? ? ? ? MOLREP   ? ? ? 11.7.03  3 
? 'data reduction' ? ? ? ? ? ? ? ? ? ? ? HKL-2000 ? ? ? .        4 
# 
_cell.angle_alpha                  90.000 
_cell.angle_alpha_esd              ? 
_cell.angle_beta                   90.000 
_cell.angle_beta_esd               ? 
_cell.angle_gamma                  120.000 
_cell.angle_gamma_esd              ? 
_cell.entry_id                     8HY8 
_cell.details                      ? 
_cell.formula_units_Z              ? 
_cell.length_a                     56.981 
_cell.length_a_esd                 ? 
_cell.length_b                     56.981 
_cell.length_b_esd                 ? 
_cell.length_c                     187.551 
_cell.length_c_esd                 ? 
_cell.volume                       ? 
_cell.volume_esd                   ? 
_cell.Z_PDB                        12 
_cell.reciprocal_angle_alpha       ? 
_cell.reciprocal_angle_beta        ? 
_cell.reciprocal_angle_gamma       ? 
_cell.reciprocal_angle_alpha_esd   ? 
_cell.reciprocal_angle_beta_esd    ? 
_cell.reciprocal_angle_gamma_esd   ? 
_cell.reciprocal_length_a          ? 
_cell.reciprocal_length_b          ? 
_cell.reciprocal_length_c          ? 
_cell.reciprocal_length_a_esd      ? 
_cell.reciprocal_length_b_esd      ? 
_cell.reciprocal_length_c_esd      ? 
_cell.pdbx_unique_axis             ? 
_cell.pdbx_esd_method              ? 
# 
_symmetry.entry_id                         8HY8 
_symmetry.cell_setting                     ? 
_symmetry.Int_Tables_number                179 
_symmetry.space_group_name_Hall            ? 
_symmetry.space_group_name_H-M             'P 65 2 2' 
_symmetry.pdbx_full_space_group_name_H-M   ? 
# 
_exptl.absorpt_coefficient_mu     ? 
_exptl.absorpt_correction_T_max   ? 
_exptl.absorpt_correction_T_min   ? 
_exptl.absorpt_correction_type    ? 
_exptl.absorpt_process_details    ? 
_exptl.entry_id                   8HY8 
_exptl.crystals_number            1 
_exptl.details                    ? 
_exptl.method                     'X-RAY DIFFRACTION' 
_exptl.method_details             ? 
# 
_exptl_crystal.colour                       ? 
_exptl_crystal.density_diffrn               ? 
_exptl_crystal.density_Matthews             2.34 
_exptl_crystal.density_method               ? 
_exptl_crystal.density_percent_sol          47.34 
_exptl_crystal.description                  ? 
_exptl_crystal.F_000                        ? 
_exptl_crystal.id                           1 
_exptl_crystal.preparation                  ? 
_exptl_crystal.size_max                     ? 
_exptl_crystal.size_mid                     ? 
_exptl_crystal.size_min                     ? 
_exptl_crystal.size_rad                     ? 
_exptl_crystal.colour_lustre                ? 
_exptl_crystal.colour_modifier              ? 
_exptl_crystal.colour_primary               ? 
_exptl_crystal.density_meas                 ? 
_exptl_crystal.density_meas_esd             ? 
_exptl_crystal.density_meas_gt              ? 
_exptl_crystal.density_meas_lt              ? 
_exptl_crystal.density_meas_temp            ? 
_exptl_crystal.density_meas_temp_esd        ? 
_exptl_crystal.density_meas_temp_gt         ? 
_exptl_crystal.density_meas_temp_lt         ? 
_exptl_crystal.pdbx_crystal_image_url       ? 
_exptl_crystal.pdbx_crystal_image_format    ? 
_exptl_crystal.pdbx_mosaicity               ? 
_exptl_crystal.pdbx_mosaicity_esd           ? 
_exptl_crystal.pdbx_mosaic_method           ? 
_exptl_crystal.pdbx_mosaic_block_size       ? 
_exptl_crystal.pdbx_mosaic_block_size_esd   ? 
# 
_exptl_crystal_grow.apparatus       ? 
_exptl_crystal_grow.atmosphere      ? 
_exptl_crystal_grow.crystal_id      1 
_exptl_crystal_grow.details         ? 
_exptl_crystal_grow.method          'VAPOR DIFFUSION, SITTING DROP' 
_exptl_crystal_grow.method_ref      ? 
_exptl_crystal_grow.pH              ? 
_exptl_crystal_grow.pressure        ? 
_exptl_crystal_grow.pressure_esd    ? 
_exptl_crystal_grow.seeding         ? 
_exptl_crystal_grow.seeding_ref     ? 
_exptl_crystal_grow.temp_details    ? 
_exptl_crystal_grow.temp_esd        ? 
_exptl_crystal_grow.time            ? 
_exptl_crystal_grow.pdbx_details    
;0.1 M MOPSO/Bis-Tris pH 7.5, 
90 mM lithium/sodium/potassium sulfate,
15 % (w/v) PEG 3000, 20 % (v/v) 1, 2, 4-Butanetriol, 1 % (w/v) NDSB 256
;
_exptl_crystal_grow.pdbx_pH_range   ? 
_exptl_crystal_grow.temp            277 
# 
_diffrn.ambient_environment              ? 
_diffrn.ambient_temp                     100 
_diffrn.ambient_temp_details             ? 
_diffrn.ambient_temp_esd                 ? 
_diffrn.crystal_id                       1 
_diffrn.crystal_support                  ? 
_diffrn.crystal_treatment                ? 
_diffrn.details                          ? 
_diffrn.id                               1 
_diffrn.ambient_pressure                 ? 
_diffrn.ambient_pressure_esd             ? 
_diffrn.ambient_pressure_gt              ? 
_diffrn.ambient_pressure_lt              ? 
_diffrn.ambient_temp_gt                  ? 
_diffrn.ambient_temp_lt                  ? 
_diffrn.pdbx_serial_crystal_experiment   N 
# 
_diffrn_detector.details                      ? 
_diffrn_detector.detector                     PIXEL 
_diffrn_detector.diffrn_id                    1 
_diffrn_detector.type                         'DECTRIS EIGER X 16M' 
_diffrn_detector.area_resol_mean              ? 
_diffrn_detector.dtime                        ? 
_diffrn_detector.pdbx_frames_total            ? 
_diffrn_detector.pdbx_collection_time_total   ? 
_diffrn_detector.pdbx_collection_date         2022-05-09 
_diffrn_detector.pdbx_frequency               ? 
# 
_diffrn_radiation.collimation                      ? 
_diffrn_radiation.diffrn_id                        1 
_diffrn_radiation.filter_edge                      ? 
_diffrn_radiation.inhomogeneity                    ? 
_diffrn_radiation.monochromator                    ? 
_diffrn_radiation.polarisn_norm                    ? 
_diffrn_radiation.polarisn_ratio                   ? 
_diffrn_radiation.probe                            ? 
_diffrn_radiation.type                             ? 
_diffrn_radiation.xray_symbol                      ? 
_diffrn_radiation.wavelength_id                    1 
_diffrn_radiation.pdbx_monochromatic_or_laue_m_l   M 
_diffrn_radiation.pdbx_wavelength_list             ? 
_diffrn_radiation.pdbx_wavelength                  ? 
_diffrn_radiation.pdbx_diffrn_protocol             'SINGLE WAVELENGTH' 
_diffrn_radiation.pdbx_analyzer                    ? 
_diffrn_radiation.pdbx_scattering_type             x-ray 
# 
_diffrn_radiation_wavelength.id           1 
_diffrn_radiation_wavelength.wavelength   0.97625 
_diffrn_radiation_wavelength.wt           1.0 
# 
_diffrn_source.current                     ? 
_diffrn_source.details                     ? 
_diffrn_source.diffrn_id                   1 
_diffrn_source.power                       ? 
_diffrn_source.size                        ? 
_diffrn_source.source                      SYNCHROTRON 
_diffrn_source.target                      ? 
_diffrn_source.type                        'NSRRC BEAMLINE TPS 07A' 
_diffrn_source.voltage                     ? 
_diffrn_source.take-off_angle              ? 
_diffrn_source.pdbx_wavelength_list        0.97625 
_diffrn_source.pdbx_wavelength             ? 
_diffrn_source.pdbx_synchrotron_beamline   'TPS 07A' 
_diffrn_source.pdbx_synchrotron_site       NSRRC 
# 
_reflns.B_iso_Wilson_estimate                          ? 
_reflns.entry_id                                       8HY8 
_reflns.data_reduction_details                         ? 
_reflns.data_reduction_method                          ? 
_reflns.d_resolution_high                              2.56 
_reflns.d_resolution_low                               30.00 
_reflns.details                                        ? 
_reflns.limit_h_max                                    ? 
_reflns.limit_h_min                                    ? 
_reflns.limit_k_max                                    ? 
_reflns.limit_k_min                                    ? 
_reflns.limit_l_max                                    ? 
_reflns.limit_l_min                                    ? 
_reflns.number_all                                     ? 
_reflns.number_obs                                     6344 
_reflns.observed_criterion                             ? 
_reflns.observed_criterion_F_max                       ? 
_reflns.observed_criterion_F_min                       ? 
_reflns.observed_criterion_I_max                       ? 
_reflns.observed_criterion_I_min                       ? 
_reflns.observed_criterion_sigma_F                     ? 
_reflns.observed_criterion_sigma_I                     ? 
_reflns.percent_possible_obs                           99.2 
_reflns.R_free_details                                 ? 
_reflns.Rmerge_F_all                                   ? 
_reflns.Rmerge_F_obs                                   ? 
_reflns.Friedel_coverage                               ? 
_reflns.number_gt                                      ? 
_reflns.threshold_expression                           ? 
_reflns.pdbx_redundancy                                18.8 
_reflns.pdbx_netI_over_av_sigmaI                       ? 
_reflns.pdbx_netI_over_sigmaI                          20.5 
_reflns.pdbx_res_netI_over_av_sigmaI_2                 ? 
_reflns.pdbx_res_netI_over_sigmaI_2                    ? 
_reflns.pdbx_chi_squared                               ? 
_reflns.pdbx_scaling_rejects                           ? 
_reflns.pdbx_d_res_high_opt                            ? 
_reflns.pdbx_d_res_low_opt                             ? 
_reflns.pdbx_d_res_opt_method                          ? 
_reflns.phase_calculation_details                      ? 
_reflns.pdbx_Rrim_I_all                                ? 
_reflns.pdbx_Rpim_I_all                                ? 
_reflns.pdbx_d_opt                                     ? 
_reflns.pdbx_number_measured_all                       ? 
_reflns.pdbx_diffrn_id                                 1 
_reflns.pdbx_ordinal                                   1 
_reflns.pdbx_CC_half                                   ? 
_reflns.pdbx_CC_star                                   ? 
_reflns.pdbx_R_split                                   ? 
_reflns.pdbx_Rmerge_I_obs                              0.178 
_reflns.pdbx_Rmerge_I_all                              ? 
_reflns.pdbx_Rsym_value                                ? 
_reflns.pdbx_CC_split_method                           ? 
_reflns.pdbx_aniso_diffraction_limit_axis_1_ortho[1]   ? 
_reflns.pdbx_aniso_diffraction_limit_axis_1_ortho[2]   ? 
_reflns.pdbx_aniso_diffraction_limit_axis_1_ortho[3]   ? 
_reflns.pdbx_aniso_diffraction_limit_axis_2_ortho[1]   ? 
_reflns.pdbx_aniso_diffraction_limit_axis_2_ortho[2]   ? 
_reflns.pdbx_aniso_diffraction_limit_axis_2_ortho[3]   ? 
_reflns.pdbx_aniso_diffraction_limit_axis_3_ortho[1]   ? 
_reflns.pdbx_aniso_diffraction_limit_axis_3_ortho[2]   ? 
_reflns.pdbx_aniso_diffraction_limit_axis_3_ortho[3]   ? 
_reflns.pdbx_aniso_diffraction_limit_1                 ? 
_reflns.pdbx_aniso_diffraction_limit_2                 ? 
_reflns.pdbx_aniso_diffraction_limit_3                 ? 
_reflns.pdbx_aniso_B_tensor_eigenvector_1_ortho[1]     ? 
_reflns.pdbx_aniso_B_tensor_eigenvector_1_ortho[2]     ? 
_reflns.pdbx_aniso_B_tensor_eigenvector_1_ortho[3]     ? 
_reflns.pdbx_aniso_B_tensor_eigenvector_2_ortho[1]     ? 
_reflns.pdbx_aniso_B_tensor_eigenvector_2_ortho[2]     ? 
_reflns.pdbx_aniso_B_tensor_eigenvector_2_ortho[3]     ? 
_reflns.pdbx_aniso_B_tensor_eigenvector_3_ortho[1]     ? 
_reflns.pdbx_aniso_B_tensor_eigenvector_3_ortho[2]     ? 
_reflns.pdbx_aniso_B_tensor_eigenvector_3_ortho[3]     ? 
_reflns.pdbx_aniso_B_tensor_eigenvalue_1               ? 
_reflns.pdbx_aniso_B_tensor_eigenvalue_2               ? 
_reflns.pdbx_aniso_B_tensor_eigenvalue_3               ? 
_reflns.pdbx_orthogonalization_convention              ? 
_reflns.pdbx_percent_possible_ellipsoidal              ? 
_reflns.pdbx_percent_possible_spherical                ? 
_reflns.pdbx_percent_possible_ellipsoidal_anomalous    ? 
_reflns.pdbx_percent_possible_spherical_anomalous      ? 
_reflns.pdbx_redundancy_anomalous                      ? 
_reflns.pdbx_CC_half_anomalous                         ? 
_reflns.pdbx_absDiff_over_sigma_anomalous              ? 
_reflns.pdbx_percent_possible_anomalous                ? 
_reflns.pdbx_observed_signal_threshold                 ? 
_reflns.pdbx_signal_type                               ? 
_reflns.pdbx_signal_details                            ? 
_reflns.pdbx_signal_software_id                        ? 
# 
_reflns_shell.d_res_high                                    2.56 
_reflns_shell.d_res_low                                     2.65 
_reflns_shell.meanI_over_sigI_all                           ? 
_reflns_shell.meanI_over_sigI_obs                           1.43 
_reflns_shell.number_measured_all                           ? 
_reflns_shell.number_measured_obs                           ? 
_reflns_shell.number_possible                               ? 
_reflns_shell.number_unique_all                             ? 
_reflns_shell.number_unique_obs                             572 
_reflns_shell.percent_possible_obs                          ? 
_reflns_shell.Rmerge_F_all                                  ? 
_reflns_shell.Rmerge_F_obs                                  ? 
_reflns_shell.meanI_over_sigI_gt                            ? 
_reflns_shell.meanI_over_uI_all                             ? 
_reflns_shell.meanI_over_uI_gt                              ? 
_reflns_shell.number_measured_gt                            ? 
_reflns_shell.number_unique_gt                              ? 
_reflns_shell.percent_possible_gt                           ? 
_reflns_shell.Rmerge_F_gt                                   ? 
_reflns_shell.Rmerge_I_gt                                   ? 
_reflns_shell.pdbx_redundancy                               8.9 
_reflns_shell.pdbx_chi_squared                              ? 
_reflns_shell.pdbx_netI_over_sigmaI_all                     ? 
_reflns_shell.pdbx_netI_over_sigmaI_obs                     ? 
_reflns_shell.pdbx_Rrim_I_all                               ? 
_reflns_shell.pdbx_Rpim_I_all                               ? 
_reflns_shell.pdbx_rejects                                  ? 
_reflns_shell.pdbx_ordinal                                  1 
_reflns_shell.pdbx_diffrn_id                                1 
_reflns_shell.pdbx_CC_half                                  ? 
_reflns_shell.pdbx_CC_star                                  ? 
_reflns_shell.pdbx_R_split                                  ? 
_reflns_shell.percent_possible_all                          95.0 
_reflns_shell.Rmerge_I_all                                  ? 
_reflns_shell.Rmerge_I_obs                                  1.090 
_reflns_shell.pdbx_Rsym_value                               ? 
_reflns_shell.pdbx_percent_possible_ellipsoidal             ? 
_reflns_shell.pdbx_percent_possible_spherical               ? 
_reflns_shell.pdbx_percent_possible_ellipsoidal_anomalous   ? 
_reflns_shell.pdbx_percent_possible_spherical_anomalous     ? 
_reflns_shell.pdbx_redundancy_anomalous                     ? 
_reflns_shell.pdbx_CC_half_anomalous                        ? 
_reflns_shell.pdbx_absDiff_over_sigma_anomalous             ? 
_reflns_shell.pdbx_percent_possible_anomalous               ? 
# 
_refine.aniso_B[1][1]                            -0.101 
_refine.aniso_B[1][2]                            -0.050 
_refine.aniso_B[1][3]                            -0.000 
_refine.aniso_B[2][2]                            -0.101 
_refine.aniso_B[2][3]                            0.000 
_refine.aniso_B[3][3]                            0.326 
_refine.B_iso_max                                ? 
_refine.B_iso_mean                               40.987 
_refine.B_iso_min                                ? 
_refine.correlation_coeff_Fo_to_Fc               0.935 
_refine.correlation_coeff_Fo_to_Fc_free          0.903 
_refine.details                                  'Hydrogens have been added in their riding positions' 
_refine.diff_density_max                         ? 
_refine.diff_density_max_esd                     ? 
_refine.diff_density_min                         ? 
_refine.diff_density_min_esd                     ? 
_refine.diff_density_rms                         ? 
_refine.diff_density_rms_esd                     ? 
_refine.entry_id                                 8HY8 
_refine.pdbx_refine_id                           'X-RAY DIFFRACTION' 
_refine.ls_abs_structure_details                 ? 
_refine.ls_abs_structure_Flack                   ? 
_refine.ls_abs_structure_Flack_esd               ? 
_refine.ls_abs_structure_Rogers                  ? 
_refine.ls_abs_structure_Rogers_esd              ? 
_refine.ls_d_res_high                            2.568 
_refine.ls_d_res_low                             23.873 
_refine.ls_extinction_coef                       ? 
_refine.ls_extinction_coef_esd                   ? 
_refine.ls_extinction_expression                 ? 
_refine.ls_extinction_method                     ? 
_refine.ls_goodness_of_fit_all                   ? 
_refine.ls_goodness_of_fit_all_esd               ? 
_refine.ls_goodness_of_fit_obs                   ? 
_refine.ls_goodness_of_fit_obs_esd               ? 
_refine.ls_hydrogen_treatment                    ? 
_refine.ls_matrix_type                           ? 
_refine.ls_number_constraints                    ? 
_refine.ls_number_parameters                     ? 
_refine.ls_number_reflns_all                     ? 
_refine.ls_number_reflns_obs                     5909 
_refine.ls_number_reflns_R_free                  290 
_refine.ls_number_reflns_R_work                  5619 
_refine.ls_number_restraints                     ? 
_refine.ls_percent_reflns_obs                    93.158 
_refine.ls_percent_reflns_R_free                 4.908 
_refine.ls_R_factor_all                          0.209 
_refine.ls_R_factor_obs                          ? 
_refine.ls_R_factor_R_free                       0.2440 
_refine.ls_R_factor_R_free_error                 ? 
_refine.ls_R_factor_R_free_error_details         ? 
_refine.ls_R_factor_R_work                       0.2073 
_refine.ls_R_Fsqd_factor_obs                     ? 
_refine.ls_R_I_factor_obs                        ? 
_refine.ls_redundancy_reflns_all                 ? 
_refine.ls_redundancy_reflns_obs                 ? 
_refine.ls_restrained_S_all                      ? 
_refine.ls_restrained_S_obs                      ? 
_refine.ls_shift_over_esd_max                    ? 
_refine.ls_shift_over_esd_mean                   ? 
_refine.ls_structure_factor_coef                 ? 
_refine.ls_weighting_details                     ? 
_refine.ls_weighting_scheme                      ? 
_refine.ls_wR_factor_all                         ? 
_refine.ls_wR_factor_obs                         ? 
_refine.ls_wR_factor_R_free                      ? 
_refine.ls_wR_factor_R_work                      ? 
_refine.occupancy_max                            ? 
_refine.occupancy_min                            ? 
_refine.solvent_model_details                    'MASK BULK SOLVENT' 
_refine.solvent_model_param_bsol                 ? 
_refine.solvent_model_param_ksol                 ? 
_refine.pdbx_R_complete                          ? 
_refine.ls_R_factor_gt                           ? 
_refine.ls_goodness_of_fit_gt                    ? 
_refine.ls_goodness_of_fit_ref                   ? 
_refine.ls_shift_over_su_max                     ? 
_refine.ls_shift_over_su_max_lt                  ? 
_refine.ls_shift_over_su_mean                    ? 
_refine.ls_shift_over_su_mean_lt                 ? 
_refine.pdbx_ls_sigma_I                          ? 
_refine.pdbx_ls_sigma_F                          ? 
_refine.pdbx_ls_sigma_Fsqd                       ? 
_refine.pdbx_data_cutoff_high_absF               ? 
_refine.pdbx_data_cutoff_high_rms_absF           ? 
_refine.pdbx_data_cutoff_low_absF                ? 
_refine.pdbx_isotropic_thermal_model             ? 
_refine.pdbx_ls_cross_valid_method               THROUGHOUT 
_refine.pdbx_method_to_determine_struct          'MOLECULAR REPLACEMENT' 
_refine.pdbx_starting_model                      7EBL 
_refine.pdbx_stereochemistry_target_values       ? 
_refine.pdbx_R_Free_selection_details            ? 
_refine.pdbx_stereochem_target_val_spec_case     ? 
_refine.pdbx_overall_ESU_R                       0.873 
_refine.pdbx_overall_ESU_R_Free                  0.311 
_refine.pdbx_solvent_vdw_probe_radii             1.200 
_refine.pdbx_solvent_ion_probe_radii             0.800 
_refine.pdbx_solvent_shrinkage_radii             0.800 
_refine.pdbx_real_space_R                        ? 
_refine.pdbx_density_correlation                 ? 
_refine.pdbx_pd_number_of_powder_patterns        ? 
_refine.pdbx_pd_number_of_points                 ? 
_refine.pdbx_pd_meas_number_of_points            ? 
_refine.pdbx_pd_proc_ls_prof_R_factor            ? 
_refine.pdbx_pd_proc_ls_prof_wR_factor           ? 
_refine.pdbx_pd_Marquardt_correlation_coeff      ? 
_refine.pdbx_pd_Fsqrd_R_factor                   ? 
_refine.pdbx_pd_ls_matrix_band_width             ? 
_refine.pdbx_overall_phase_error                 ? 
_refine.pdbx_overall_SU_R_free_Cruickshank_DPI   ? 
_refine.pdbx_overall_SU_R_free_Blow_DPI          ? 
_refine.pdbx_overall_SU_R_Blow_DPI               ? 
_refine.pdbx_TLS_residual_ADP_flag               ? 
_refine.pdbx_diffrn_id                           1 
_refine.overall_SU_B                             9.867 
_refine.overall_SU_ML                            0.207 
_refine.overall_SU_R_Cruickshank_DPI             ? 
_refine.overall_SU_R_free                        ? 
_refine.overall_FOM_free_R_set                   ? 
_refine.overall_FOM_work_R_set                   ? 
_refine.pdbx_average_fsc_overall                 ? 
_refine.pdbx_average_fsc_work                    ? 
_refine.pdbx_average_fsc_free                    ? 
# 
_refine_hist.pdbx_refine_id                   'X-RAY DIFFRACTION' 
_refine_hist.cycle_id                         LAST 
_refine_hist.pdbx_number_atoms_protein        1235 
_refine_hist.pdbx_number_atoms_nucleic_acid   0 
_refine_hist.pdbx_number_atoms_ligand         0 
_refine_hist.number_atoms_solvent             41 
_refine_hist.number_atoms_total               1276 
_refine_hist.d_res_high                       2.568 
_refine_hist.d_res_low                        23.873 
# 
loop_
_refine_ls_restr.pdbx_refine_id 
_refine_ls_restr.criterion 
_refine_ls_restr.dev_ideal 
_refine_ls_restr.dev_ideal_target 
_refine_ls_restr.number 
_refine_ls_restr.rejects 
_refine_ls_restr.type 
_refine_ls_restr.weight 
_refine_ls_restr.pdbx_restraint_function 
'X-RAY DIFFRACTION' ? 0.010  0.013  1254 ? r_bond_refined_d               ? ? 
'X-RAY DIFFRACTION' ? 0.001  0.017  1235 ? r_bond_other_d                 ? ? 
'X-RAY DIFFRACTION' ? 1.406  1.641  1692 ? r_angle_refined_deg            ? ? 
'X-RAY DIFFRACTION' ? 1.189  1.583  2849 ? r_angle_other_deg              ? ? 
'X-RAY DIFFRACTION' ? 7.543  5.000  151  ? r_dihedral_angle_1_deg         ? ? 
'X-RAY DIFFRACTION' ? 41.274 24.677 62   ? r_dihedral_angle_2_deg         ? ? 
'X-RAY DIFFRACTION' ? 19.293 15.000 241  ? r_dihedral_angle_3_deg         ? ? 
'X-RAY DIFFRACTION' ? 24.323 15.000 4    ? r_dihedral_angle_4_deg         ? ? 
'X-RAY DIFFRACTION' ? 0.058  0.200  172  ? r_chiral_restr                 ? ? 
'X-RAY DIFFRACTION' ? 0.008  0.020  1390 ? r_gen_planes_refined           ? ? 
'X-RAY DIFFRACTION' ? 0.002  0.020  266  ? r_gen_planes_other             ? ? 
'X-RAY DIFFRACTION' ? 0.207  0.200  239  ? r_nbd_refined                  ? ? 
'X-RAY DIFFRACTION' ? 0.206  0.200  1086 ? r_symmetry_nbd_other           ? ? 
'X-RAY DIFFRACTION' ? 0.166  0.200  590  ? r_nbtor_refined                ? ? 
'X-RAY DIFFRACTION' ? 0.080  0.200  627  ? r_symmetry_nbtor_other         ? ? 
'X-RAY DIFFRACTION' ? 0.182  0.200  30   ? r_xyhbond_nbd_refined          ? ? 
'X-RAY DIFFRACTION' ? 0.132  0.200  2    ? r_symmetry_xyhbond_nbd_other   ? ? 
'X-RAY DIFFRACTION' ? 0.183  0.200  6    ? r_symmetry_nbd_refined         ? ? 
'X-RAY DIFFRACTION' ? 0.201  0.200  42   ? r_nbd_other                    ? ? 
'X-RAY DIFFRACTION' ? 0.240  0.200  4    ? r_symmetry_xyhbond_nbd_refined ? ? 
'X-RAY DIFFRACTION' ? 4.079  3.940  610  ? r_mcbond_it                    ? ? 
'X-RAY DIFFRACTION' ? 4.073  3.938  609  ? r_mcbond_other                 ? ? 
'X-RAY DIFFRACTION' ? 6.497  5.882  759  ? r_mcangle_it                   ? ? 
'X-RAY DIFFRACTION' ? 6.494  5.884  760  ? r_mcangle_other                ? ? 
'X-RAY DIFFRACTION' ? 4.451  4.621  644  ? r_scbond_it                    ? ? 
'X-RAY DIFFRACTION' ? 4.447  4.621  641  ? r_scbond_other                 ? ? 
'X-RAY DIFFRACTION' ? 7.434  6.672  933  ? r_scangle_it                   ? ? 
'X-RAY DIFFRACTION' ? 7.432  6.671  932  ? r_scangle_other                ? ? 
'X-RAY DIFFRACTION' ? 10.655 44.680 1325 ? r_lrange_it                    ? ? 
'X-RAY DIFFRACTION' ? 10.653 44.696 1326 ? r_lrange_other                 ? ? 
# 
loop_
_refine_ls_shell.pdbx_refine_id 
_refine_ls_shell.d_res_high 
_refine_ls_shell.d_res_low 
_refine_ls_shell.number_reflns_all 
_refine_ls_shell.number_reflns_obs 
_refine_ls_shell.number_reflns_R_free 
_refine_ls_shell.number_reflns_R_work 
_refine_ls_shell.percent_reflns_obs 
_refine_ls_shell.percent_reflns_R_free 
_refine_ls_shell.R_factor_all 
_refine_ls_shell.R_factor_obs 
_refine_ls_shell.R_factor_R_free_error 
_refine_ls_shell.R_factor_R_work 
_refine_ls_shell.redundancy_reflns_all 
_refine_ls_shell.redundancy_reflns_obs 
_refine_ls_shell.wR_factor_all 
_refine_ls_shell.wR_factor_obs 
_refine_ls_shell.wR_factor_R_free 
_refine_ls_shell.wR_factor_R_work 
_refine_ls_shell.pdbx_R_complete 
_refine_ls_shell.pdbx_total_number_of_bins_used 
_refine_ls_shell.pdbx_phase_error 
_refine_ls_shell.pdbx_fsc_work 
_refine_ls_shell.pdbx_fsc_free 
_refine_ls_shell.R_factor_R_free 
'X-RAY DIFFRACTION' 2.568  2.634  . . 7  218 50.1114  . . . . 0.307 . . . . . . . . . . . 0.432 
'X-RAY DIFFRACTION' 2.634  2.706  . . 13 284 66.7416  . . . . 0.276 . . . . . . . . . . . 0.237 
'X-RAY DIFFRACTION' 2.706  2.784  . . 17 367 94.1176  . . . . 0.276 . . . . . . . . . . . 0.198 
'X-RAY DIFFRACTION' 2.784  2.869  . . 21 387 96.4539  . . . . 0.264 . . . . . . . . . . . 0.334 
'X-RAY DIFFRACTION' 2.869  2.962  . . 26 373 100.0000 . . . . 0.235 . . . . . . . . . . . 0.369 
'X-RAY DIFFRACTION' 2.962  3.065  . . 16 370 100.0000 . . . . 0.218 . . . . . . . . . . . 0.392 
'X-RAY DIFFRACTION' 3.065  3.179  . . 20 373 100.0000 . . . . 0.248 . . . . . . . . . . . 0.194 
'X-RAY DIFFRACTION' 3.179  3.308  . . 24 334 100.0000 . . . . 0.188 . . . . . . . . . . . 0.240 
'X-RAY DIFFRACTION' 3.308  3.453  . . 12 331 100.0000 . . . . 0.207 . . . . . . . . . . . 0.127 
'X-RAY DIFFRACTION' 3.453  3.619  . . 13 336 100.0000 . . . . 0.188 . . . . . . . . . . . 0.228 
'X-RAY DIFFRACTION' 3.619  3.811  . . 14 313 99.6951  . . . . 0.169 . . . . . . . . . . . 0.289 
'X-RAY DIFFRACTION' 3.811  4.039  . . 18 282 99.3378  . . . . 0.177 . . . . . . . . . . . 0.232 
'X-RAY DIFFRACTION' 4.039  4.312  . . 19 275 99.6610  . . . . 0.157 . . . . . . . . . . . 0.205 
'X-RAY DIFFRACTION' 4.312  4.649  . . 13 262 99.6377  . . . . 0.164 . . . . . . . . . . . 0.124 
'X-RAY DIFFRACTION' 4.649  5.081  . . 19 244 100.0000 . . . . 0.186 . . . . . . . . . . . 0.243 
'X-RAY DIFFRACTION' 5.081  5.660  . . 11 230 100.0000 . . . . 0.251 . . . . . . . . . . . 0.226 
'X-RAY DIFFRACTION' 5.660  6.498  . . 9  202 99.5283  . . . . 0.260 . . . . . . . . . . . 0.295 
'X-RAY DIFFRACTION' 6.498  7.866  . . 7  186 99.4845  . . . . 0.236 . . . . . . . . . . . 0.710 
'X-RAY DIFFRACTION' 7.866  10.761 . . 8  149 99.3671  . . . . 0.180 . . . . . . . . . . . 0.226 
'X-RAY DIFFRACTION' 10.761 23.873 . . 3  103 92.1739  . . . . 0.230 . . . . . . . . . . . 0.068 
# 
_struct.entry_id                     8HY8 
_struct.title                        'Bacterial STING from Epilithonimonas lactis' 
_struct.pdbx_model_details           ? 
_struct.pdbx_formula_weight          ? 
_struct.pdbx_formula_weight_method   ? 
_struct.pdbx_model_type_details      ? 
_struct.pdbx_CASP_flag               N 
# 
_struct_keywords.entry_id        8HY8 
_struct_keywords.text            'CD-NTase-associated protein 12, SIGNALING PROTEIN' 
_struct_keywords.pdbx_keywords   'SIGNALING PROTEIN' 
# 
loop_
_struct_asym.id 
_struct_asym.pdbx_blank_PDB_chainid_flag 
_struct_asym.pdbx_modified 
_struct_asym.entity_id 
_struct_asym.details 
A N N 1 ? 
B N N 2 ? 
# 
_struct_ref.id                         1 
_struct_ref.db_name                    UNP 
_struct_ref.db_code                    A0A085BE66_9FLAO 
_struct_ref.pdbx_db_accession          A0A085BE66 
_struct_ref.pdbx_db_isoform            ? 
_struct_ref.entity_id                  1 
_struct_ref.pdbx_seq_one_letter_code   
;ISLGELGLLPSTVLAIGYYENFVSTVCDALHSLPTIKLNGIEYKDFVFNIIIPNDLDADIKRRAQIYFKKMDIHEVKIDT
NGRSFPLYLQIDEENSGDVAVLYDMPTTLGGIDKAIEMYMKKGHIGKTSQQQLLEERELRNFKTTLINLINNNSFTKTFV
KVIEE
;
_struct_ref.pdbx_align_begin           148 
# 
_struct_ref_seq.align_id                      1 
_struct_ref_seq.ref_id                        1 
_struct_ref_seq.pdbx_PDB_id_code              8HY8 
_struct_ref_seq.pdbx_strand_id                A 
_struct_ref_seq.seq_align_beg                 1 
_struct_ref_seq.pdbx_seq_align_beg_ins_code   ? 
_struct_ref_seq.seq_align_end                 165 
_struct_ref_seq.pdbx_seq_align_end_ins_code   ? 
_struct_ref_seq.pdbx_db_accession             A0A085BE66 
_struct_ref_seq.db_align_beg                  148 
_struct_ref_seq.pdbx_db_align_beg_ins_code    ? 
_struct_ref_seq.db_align_end                  312 
_struct_ref_seq.pdbx_db_align_end_ins_code    ? 
_struct_ref_seq.pdbx_auth_seq_align_beg       1 
_struct_ref_seq.pdbx_auth_seq_align_end       165 
# 
_pdbx_struct_assembly.id                   1 
_pdbx_struct_assembly.details              author_and_software_defined_assembly 
_pdbx_struct_assembly.method_details       PISA 
_pdbx_struct_assembly.oligomeric_details   dimeric 
_pdbx_struct_assembly.oligomeric_count     2 
# 
loop_
_pdbx_struct_assembly_prop.biol_id 
_pdbx_struct_assembly_prop.type 
_pdbx_struct_assembly_prop.value 
_pdbx_struct_assembly_prop.details 
1 'ABSA (A^2)' 1830  ? 
1 MORE         -21   ? 
1 'SSA (A^2)'  16910 ? 
# 
_pdbx_struct_assembly_gen.assembly_id       1 
_pdbx_struct_assembly_gen.oper_expression   1,2 
_pdbx_struct_assembly_gen.asym_id_list      A,B 
# 
_pdbx_struct_assembly_auth_evidence.id                     1 
_pdbx_struct_assembly_auth_evidence.assembly_id            1 
_pdbx_struct_assembly_auth_evidence.experimental_support   'gel filtration' 
_pdbx_struct_assembly_auth_evidence.details                ? 
# 
loop_
_pdbx_struct_oper_list.id 
_pdbx_struct_oper_list.type 
_pdbx_struct_oper_list.name 
_pdbx_struct_oper_list.symmetry_operation 
_pdbx_struct_oper_list.matrix[1][1] 
_pdbx_struct_oper_list.matrix[1][2] 
_pdbx_struct_oper_list.matrix[1][3] 
_pdbx_struct_oper_list.vector[1] 
_pdbx_struct_oper_list.matrix[2][1] 
_pdbx_struct_oper_list.matrix[2][2] 
_pdbx_struct_oper_list.matrix[2][3] 
_pdbx_struct_oper_list.vector[2] 
_pdbx_struct_oper_list.matrix[3][1] 
_pdbx_struct_oper_list.matrix[3][2] 
_pdbx_struct_oper_list.matrix[3][3] 
_pdbx_struct_oper_list.vector[3] 
1 'identity operation'         1_555 x,y,z     1.0000000000  0.0000000000 0.0000000000  0.0000000000  0.0000000000 1.0000000000 0.0000000000  0.0000000000  0.0000000000  0.0000000000  1.0000000000  0.0000000000  
2 'crystal symmetry operation' 8_555 x-y,-y,-z -0.6776391399 0.6568903089 -0.3306059862 -9.9559915522 0.6568903089 0.3385771393 -0.6736918011 13.4141123122 -0.3306059862 -0.6736918011 -0.6609379994 16.9451813142 
# 
loop_
_struct_conf.conf_type_id 
_struct_conf.id 
_struct_conf.pdbx_PDB_helix_id 
_struct_conf.beg_label_comp_id 
_struct_conf.beg_label_asym_id 
_struct_conf.beg_label_seq_id 
_struct_conf.pdbx_beg_PDB_ins_code 
_struct_conf.end_label_comp_id 
_struct_conf.end_label_asym_id 
_struct_conf.end_label_seq_id 
_struct_conf.pdbx_end_PDB_ins_code 
_struct_conf.beg_auth_comp_id 
_struct_conf.beg_auth_asym_id 
_struct_conf.beg_auth_seq_id 
_struct_conf.end_auth_comp_id 
_struct_conf.end_auth_asym_id 
_struct_conf.end_auth_seq_id 
_struct_conf.pdbx_PDB_helix_class 
_struct_conf.details 
_struct_conf.pdbx_PDB_helix_length 
HELX_P HELX_P1 AA1 LEU A 9   ? PHE A 22  ? LEU A 9   PHE A 22  1 ? 14 
HELX_P HELX_P2 AA2 PHE A 22  ? SER A 32  ? PHE A 22  SER A 32  1 ? 11 
HELX_P HELX_P3 AA3 ASP A 59  ? ASP A 72  ? ASP A 59  ASP A 72  1 ? 14 
HELX_P HELX_P4 AA4 PRO A 106 ? LEU A 109 ? PRO A 106 LEU A 109 5 ? 4  
HELX_P HELX_P5 AA5 GLY A 110 ? MET A 118 ? GLY A 110 MET A 118 1 ? 9  
HELX_P HELX_P6 AA6 THR A 128 ? ASN A 152 ? THR A 128 ASN A 152 1 ? 25 
# 
_struct_conf_type.id          HELX_P 
_struct_conf_type.criteria    ? 
_struct_conf_type.reference   ? 
# 
loop_
_struct_sheet.id 
_struct_sheet.type 
_struct_sheet.number_strands 
_struct_sheet.details 
AA1 ? 2 ? 
AA2 ? 5 ? 
# 
loop_
_struct_sheet_order.sheet_id 
_struct_sheet_order.range_id_1 
_struct_sheet_order.range_id_2 
_struct_sheet_order.offset 
_struct_sheet_order.sense 
AA1 1 2 ? anti-parallel 
AA2 1 2 ? anti-parallel 
AA2 2 3 ? anti-parallel 
AA2 3 4 ? parallel      
AA2 4 5 ? parallel      
# 
loop_
_struct_sheet_range.sheet_id 
_struct_sheet_range.id 
_struct_sheet_range.beg_label_comp_id 
_struct_sheet_range.beg_label_asym_id 
_struct_sheet_range.beg_label_seq_id 
_struct_sheet_range.pdbx_beg_PDB_ins_code 
_struct_sheet_range.end_label_comp_id 
_struct_sheet_range.end_label_asym_id 
_struct_sheet_range.end_label_seq_id 
_struct_sheet_range.pdbx_end_PDB_ins_code 
_struct_sheet_range.beg_auth_comp_id 
_struct_sheet_range.beg_auth_asym_id 
_struct_sheet_range.beg_auth_seq_id 
_struct_sheet_range.end_auth_comp_id 
_struct_sheet_range.end_auth_asym_id 
_struct_sheet_range.end_auth_seq_id 
AA1 1 ILE A 36  ? LEU A 38  ? ILE A 36  LEU A 38  
AA1 2 ILE A 41  ? TYR A 43  ? ILE A 41  TYR A 43  
AA2 1 HIS A 74  ? VAL A 76  ? HIS A 74  VAL A 76  
AA2 2 LEU A 89  ? ILE A 91  ? LEU A 89  ILE A 91  
AA2 3 VAL A 99  ? ASP A 104 ? VAL A 99  ASP A 104 
AA2 4 ASP A 45  ? ILE A 52  ? ASP A 45  ILE A 52  
AA2 5 VAL A 160 ? GLU A 164 ? VAL A 160 GLU A 164 
# 
loop_
_pdbx_struct_sheet_hbond.sheet_id 
_pdbx_struct_sheet_hbond.range_id_1 
_pdbx_struct_sheet_hbond.range_id_2 
_pdbx_struct_sheet_hbond.range_1_label_atom_id 
_pdbx_struct_sheet_hbond.range_1_label_comp_id 
_pdbx_struct_sheet_hbond.range_1_label_asym_id 
_pdbx_struct_sheet_hbond.range_1_label_seq_id 
_pdbx_struct_sheet_hbond.range_1_PDB_ins_code 
_pdbx_struct_sheet_hbond.range_1_auth_atom_id 
_pdbx_struct_sheet_hbond.range_1_auth_comp_id 
_pdbx_struct_sheet_hbond.range_1_auth_asym_id 
_pdbx_struct_sheet_hbond.range_1_auth_seq_id 
_pdbx_struct_sheet_hbond.range_2_label_atom_id 
_pdbx_struct_sheet_hbond.range_2_label_comp_id 
_pdbx_struct_sheet_hbond.range_2_label_asym_id 
_pdbx_struct_sheet_hbond.range_2_label_seq_id 
_pdbx_struct_sheet_hbond.range_2_PDB_ins_code 
_pdbx_struct_sheet_hbond.range_2_auth_atom_id 
_pdbx_struct_sheet_hbond.range_2_auth_comp_id 
_pdbx_struct_sheet_hbond.range_2_auth_asym_id 
_pdbx_struct_sheet_hbond.range_2_auth_seq_id 
AA1 1 2 N ILE A 36  ? N ILE A 36  O TYR A 43  ? O TYR A 43  
AA2 1 2 N VAL A 76  ? N VAL A 76  O LEU A 89  ? O LEU A 89  
AA2 2 3 N GLN A 90  ? N GLN A 90  O TYR A 103 ? O TYR A 103 
AA2 3 4 O LEU A 102 ? O LEU A 102 N ASN A 49  ? N ASN A 49  
AA2 4 5 N ILE A 52  ? N ILE A 52  O ILE A 163 ? O ILE A 163 
# 
loop_
_pdbx_validate_torsion.id 
_pdbx_validate_torsion.PDB_model_num 
_pdbx_validate_torsion.auth_comp_id 
_pdbx_validate_torsion.auth_asym_id 
_pdbx_validate_torsion.auth_seq_id 
_pdbx_validate_torsion.PDB_ins_code 
_pdbx_validate_torsion.label_alt_id 
_pdbx_validate_torsion.phi 
_pdbx_validate_torsion.psi 
1 1 PHE A 22 ? ? -133.09 -62.48 
2 1 ASN A 39 ? ? 38.20   57.82  
3 1 ASP A 59 ? ? -110.36 78.20  
4 1 ASN A 95 ? ? -96.89  30.77  
# 
_pdbx_struct_special_symmetry.id              1 
_pdbx_struct_special_symmetry.PDB_model_num   1 
_pdbx_struct_special_symmetry.auth_asym_id    A 
_pdbx_struct_special_symmetry.auth_comp_id    HOH 
_pdbx_struct_special_symmetry.auth_seq_id     239 
_pdbx_struct_special_symmetry.PDB_ins_code    ? 
_pdbx_struct_special_symmetry.label_asym_id   B 
_pdbx_struct_special_symmetry.label_comp_id   HOH 
_pdbx_struct_special_symmetry.label_seq_id    . 
# 
loop_
_pdbx_distant_solvent_atoms.id 
_pdbx_distant_solvent_atoms.PDB_model_num 
_pdbx_distant_solvent_atoms.auth_atom_id 
_pdbx_distant_solvent_atoms.label_alt_id 
_pdbx_distant_solvent_atoms.auth_asym_id 
_pdbx_distant_solvent_atoms.auth_comp_id 
_pdbx_distant_solvent_atoms.auth_seq_id 
_pdbx_distant_solvent_atoms.PDB_ins_code 
_pdbx_distant_solvent_atoms.neighbor_macromolecule_distance 
_pdbx_distant_solvent_atoms.neighbor_ligand_distance 
1 1 O ? A HOH 239 ? 5.84 . 
2 1 O ? A HOH 240 ? 6.40 . 
3 1 O ? A HOH 241 ? 8.03 . 
# 
loop_
_pdbx_unobs_or_zero_occ_residues.id 
_pdbx_unobs_or_zero_occ_residues.PDB_model_num 
_pdbx_unobs_or_zero_occ_residues.polymer_flag 
_pdbx_unobs_or_zero_occ_residues.occupancy_flag 
_pdbx_unobs_or_zero_occ_residues.auth_asym_id 
_pdbx_unobs_or_zero_occ_residues.auth_comp_id 
_pdbx_unobs_or_zero_occ_residues.auth_seq_id 
_pdbx_unobs_or_zero_occ_residues.PDB_ins_code 
_pdbx_unobs_or_zero_occ_residues.label_asym_id 
_pdbx_unobs_or_zero_occ_residues.label_comp_id 
_pdbx_unobs_or_zero_occ_residues.label_seq_id 
1  1 Y 1 A ILE 1  ? A ILE 1  
2  1 Y 1 A SER 2  ? A SER 2  
3  1 Y 1 A LEU 3  ? A LEU 3  
4  1 Y 1 A GLY 4  ? A GLY 4  
5  1 Y 1 A ASP 79 ? A ASP 79 
6  1 Y 1 A THR 80 ? A THR 80 
7  1 Y 1 A ASN 81 ? A ASN 81 
8  1 Y 1 A GLY 82 ? A GLY 82 
9  1 Y 1 A ARG 83 ? A ARG 83 
10 1 Y 1 A SER 84 ? A SER 84 
11 1 Y 1 A PHE 85 ? A PHE 85 
12 1 Y 1 A PRO 86 ? A PRO 86 
# 
loop_
_chem_comp_atom.comp_id 
_chem_comp_atom.atom_id 
_chem_comp_atom.type_symbol 
_chem_comp_atom.pdbx_aromatic_flag 
_chem_comp_atom.pdbx_stereo_config 
_chem_comp_atom.pdbx_ordinal 
ALA N    N N N 1   
ALA CA   C N S 2   
ALA C    C N N 3   
ALA O    O N N 4   
ALA CB   C N N 5   
ALA OXT  O N N 6   
ALA H    H N N 7   
ALA H2   H N N 8   
ALA HA   H N N 9   
ALA HB1  H N N 10  
ALA HB2  H N N 11  
ALA HB3  H N N 12  
ALA HXT  H N N 13  
ARG N    N N N 14  
ARG CA   C N S 15  
ARG C    C N N 16  
ARG O    O N N 17  
ARG CB   C N N 18  
ARG CG   C N N 19  
ARG CD   C N N 20  
ARG NE   N N N 21  
ARG CZ   C N N 22  
ARG NH1  N N N 23  
ARG NH2  N N N 24  
ARG OXT  O N N 25  
ARG H    H N N 26  
ARG H2   H N N 27  
ARG HA   H N N 28  
ARG HB2  H N N 29  
ARG HB3  H N N 30  
ARG HG2  H N N 31  
ARG HG3  H N N 32  
ARG HD2  H N N 33  
ARG HD3  H N N 34  
ARG HE   H N N 35  
ARG HH11 H N N 36  
ARG HH12 H N N 37  
ARG HH21 H N N 38  
ARG HH22 H N N 39  
ARG HXT  H N N 40  
ASN N    N N N 41  
ASN CA   C N S 42  
ASN C    C N N 43  
ASN O    O N N 44  
ASN CB   C N N 45  
ASN CG   C N N 46  
ASN OD1  O N N 47  
ASN ND2  N N N 48  
ASN OXT  O N N 49  
ASN H    H N N 50  
ASN H2   H N N 51  
ASN HA   H N N 52  
ASN HB2  H N N 53  
ASN HB3  H N N 54  
ASN HD21 H N N 55  
ASN HD22 H N N 56  
ASN HXT  H N N 57  
ASP N    N N N 58  
ASP CA   C N S 59  
ASP C    C N N 60  
ASP O    O N N 61  
ASP CB   C N N 62  
ASP CG   C N N 63  
ASP OD1  O N N 64  
ASP OD2  O N N 65  
ASP OXT  O N N 66  
ASP H    H N N 67  
ASP H2   H N N 68  
ASP HA   H N N 69  
ASP HB2  H N N 70  
ASP HB3  H N N 71  
ASP HD2  H N N 72  
ASP HXT  H N N 73  
CYS N    N N N 74  
CYS CA   C N R 75  
CYS C    C N N 76  
CYS O    O N N 77  
CYS CB   C N N 78  
CYS SG   S N N 79  
CYS OXT  O N N 80  
CYS H    H N N 81  
CYS H2   H N N 82  
CYS HA   H N N 83  
CYS HB2  H N N 84  
CYS HB3  H N N 85  
CYS HG   H N N 86  
CYS HXT  H N N 87  
GLN N    N N N 88  
GLN CA   C N S 89  
GLN C    C N N 90  
GLN O    O N N 91  
GLN CB   C N N 92  
GLN CG   C N N 93  
GLN CD   C N N 94  
GLN OE1  O N N 95  
GLN NE2  N N N 96  
GLN OXT  O N N 97  
GLN H    H N N 98  
GLN H2   H N N 99  
GLN HA   H N N 100 
GLN HB2  H N N 101 
GLN HB3  H N N 102 
GLN HG2  H N N 103 
GLN HG3  H N N 104 
GLN HE21 H N N 105 
GLN HE22 H N N 106 
GLN HXT  H N N 107 
GLU N    N N N 108 
GLU CA   C N S 109 
GLU C    C N N 110 
GLU O    O N N 111 
GLU CB   C N N 112 
GLU CG   C N N 113 
GLU CD   C N N 114 
GLU OE1  O N N 115 
GLU OE2  O N N 116 
GLU OXT  O N N 117 
GLU H    H N N 118 
GLU H2   H N N 119 
GLU HA   H N N 120 
GLU HB2  H N N 121 
GLU HB3  H N N 122 
GLU HG2  H N N 123 
GLU HG3  H N N 124 
GLU HE2  H N N 125 
GLU HXT  H N N 126 
GLY N    N N N 127 
GLY CA   C N N 128 
GLY C    C N N 129 
GLY O    O N N 130 
GLY OXT  O N N 131 
GLY H    H N N 132 
GLY H2   H N N 133 
GLY HA2  H N N 134 
GLY HA3  H N N 135 
GLY HXT  H N N 136 
HIS N    N N N 137 
HIS CA   C N S 138 
HIS C    C N N 139 
HIS O    O N N 140 
HIS CB   C N N 141 
HIS CG   C Y N 142 
HIS ND1  N Y N 143 
HIS CD2  C Y N 144 
HIS CE1  C Y N 145 
HIS NE2  N Y N 146 
HIS OXT  O N N 147 
HIS H    H N N 148 
HIS H2   H N N 149 
HIS HA   H N N 150 
HIS HB2  H N N 151 
HIS HB3  H N N 152 
HIS HD1  H N N 153 
HIS HD2  H N N 154 
HIS HE1  H N N 155 
HIS HE2  H N N 156 
HIS HXT  H N N 157 
HOH O    O N N 158 
HOH H1   H N N 159 
HOH H2   H N N 160 
ILE N    N N N 161 
ILE CA   C N S 162 
ILE C    C N N 163 
ILE O    O N N 164 
ILE CB   C N S 165 
ILE CG1  C N N 166 
ILE CG2  C N N 167 
ILE CD1  C N N 168 
ILE OXT  O N N 169 
ILE H    H N N 170 
ILE H2   H N N 171 
ILE HA   H N N 172 
ILE HB   H N N 173 
ILE HG12 H N N 174 
ILE HG13 H N N 175 
ILE HG21 H N N 176 
ILE HG22 H N N 177 
ILE HG23 H N N 178 
ILE HD11 H N N 179 
ILE HD12 H N N 180 
ILE HD13 H N N 181 
ILE HXT  H N N 182 
LEU N    N N N 183 
LEU CA   C N S 184 
LEU C    C N N 185 
LEU O    O N N 186 
LEU CB   C N N 187 
LEU CG   C N N 188 
LEU CD1  C N N 189 
LEU CD2  C N N 190 
LEU OXT  O N N 191 
LEU H    H N N 192 
LEU H2   H N N 193 
LEU HA   H N N 194 
LEU HB2  H N N 195 
LEU HB3  H N N 196 
LEU HG   H N N 197 
LEU HD11 H N N 198 
LEU HD12 H N N 199 
LEU HD13 H N N 200 
LEU HD21 H N N 201 
LEU HD22 H N N 202 
LEU HD23 H N N 203 
LEU HXT  H N N 204 
LYS N    N N N 205 
LYS CA   C N S 206 
LYS C    C N N 207 
LYS O    O N N 208 
LYS CB   C N N 209 
LYS CG   C N N 210 
LYS CD   C N N 211 
LYS CE   C N N 212 
LYS NZ   N N N 213 
LYS OXT  O N N 214 
LYS H    H N N 215 
LYS H2   H N N 216 
LYS HA   H N N 217 
LYS HB2  H N N 218 
LYS HB3  H N N 219 
LYS HG2  H N N 220 
LYS HG3  H N N 221 
LYS HD2  H N N 222 
LYS HD3  H N N 223 
LYS HE2  H N N 224 
LYS HE3  H N N 225 
LYS HZ1  H N N 226 
LYS HZ2  H N N 227 
LYS HZ3  H N N 228 
LYS HXT  H N N 229 
MET N    N N N 230 
MET CA   C N S 231 
MET C    C N N 232 
MET O    O N N 233 
MET CB   C N N 234 
MET CG   C N N 235 
MET SD   S N N 236 
MET CE   C N N 237 
MET OXT  O N N 238 
MET H    H N N 239 
MET H2   H N N 240 
MET HA   H N N 241 
MET HB2  H N N 242 
MET HB3  H N N 243 
MET HG2  H N N 244 
MET HG3  H N N 245 
MET HE1  H N N 246 
MET HE2  H N N 247 
MET HE3  H N N 248 
MET HXT  H N N 249 
PHE N    N N N 250 
PHE CA   C N S 251 
PHE C    C N N 252 
PHE O    O N N 253 
PHE CB   C N N 254 
PHE CG   C Y N 255 
PHE CD1  C Y N 256 
PHE CD2  C Y N 257 
PHE CE1  C Y N 258 
PHE CE2  C Y N 259 
PHE CZ   C Y N 260 
PHE OXT  O N N 261 
PHE H    H N N 262 
PHE H2   H N N 263 
PHE HA   H N N 264 
PHE HB2  H N N 265 
PHE HB3  H N N 266 
PHE HD1  H N N 267 
PHE HD2  H N N 268 
PHE HE1  H N N 269 
PHE HE2  H N N 270 
PHE HZ   H N N 271 
PHE HXT  H N N 272 
PRO N    N N N 273 
PRO CA   C N S 274 
PRO C    C N N 275 
PRO O    O N N 276 
PRO CB   C N N 277 
PRO CG   C N N 278 
PRO CD   C N N 279 
PRO OXT  O N N 280 
PRO H    H N N 281 
PRO HA   H N N 282 
PRO HB2  H N N 283 
PRO HB3  H N N 284 
PRO HG2  H N N 285 
PRO HG3  H N N 286 
PRO HD2  H N N 287 
PRO HD3  H N N 288 
PRO HXT  H N N 289 
SER N    N N N 290 
SER CA   C N S 291 
SER C    C N N 292 
SER O    O N N 293 
SER CB   C N N 294 
SER OG   O N N 295 
SER OXT  O N N 296 
SER H    H N N 297 
SER H2   H N N 298 
SER HA   H N N 299 
SER HB2  H N N 300 
SER HB3  H N N 301 
SER HG   H N N 302 
SER HXT  H N N 303 
THR N    N N N 304 
THR CA   C N S 305 
THR C    C N N 306 
THR O    O N N 307 
THR CB   C N R 308 
THR OG1  O N N 309 
THR CG2  C N N 310 
THR OXT  O N N 311 
THR H    H N N 312 
THR H2   H N N 313 
THR HA   H N N 314 
THR HB   H N N 315 
THR HG1  H N N 316 
THR HG21 H N N 317 
THR HG22 H N N 318 
THR HG23 H N N 319 
THR HXT  H N N 320 
TYR N    N N N 321 
TYR CA   C N S 322 
TYR C    C N N 323 
TYR O    O N N 324 
TYR CB   C N N 325 
TYR CG   C Y N 326 
TYR CD1  C Y N 327 
TYR CD2  C Y N 328 
TYR CE1  C Y N 329 
TYR CE2  C Y N 330 
TYR CZ   C Y N 331 
TYR OH   O N N 332 
TYR OXT  O N N 333 
TYR H    H N N 334 
TYR H2   H N N 335 
TYR HA   H N N 336 
TYR HB2  H N N 337 
TYR HB3  H N N 338 
TYR HD1  H N N 339 
TYR HD2  H N N 340 
TYR HE1  H N N 341 
TYR HE2  H N N 342 
TYR HH   H N N 343 
TYR HXT  H N N 344 
VAL N    N N N 345 
VAL CA   C N S 346 
VAL C    C N N 347 
VAL O    O N N 348 
VAL CB   C N N 349 
VAL CG1  C N N 350 
VAL CG2  C N N 351 
VAL OXT  O N N 352 
VAL H    H N N 353 
VAL H2   H N N 354 
VAL HA   H N N 355 
VAL HB   H N N 356 
VAL HG11 H N N 357 
VAL HG12 H N N 358 
VAL HG13 H N N 359 
VAL HG21 H N N 360 
VAL HG22 H N N 361 
VAL HG23 H N N 362 
VAL HXT  H N N 363 
# 
loop_
_chem_comp_bond.comp_id 
_chem_comp_bond.atom_id_1 
_chem_comp_bond.atom_id_2 
_chem_comp_bond.value_order 
_chem_comp_bond.pdbx_aromatic_flag 
_chem_comp_bond.pdbx_stereo_config 
_chem_comp_bond.pdbx_ordinal 
ALA N   CA   sing N N 1   
ALA N   H    sing N N 2   
ALA N   H2   sing N N 3   
ALA CA  C    sing N N 4   
ALA CA  CB   sing N N 5   
ALA CA  HA   sing N N 6   
ALA C   O    doub N N 7   
ALA C   OXT  sing N N 8   
ALA CB  HB1  sing N N 9   
ALA CB  HB2  sing N N 10  
ALA CB  HB3  sing N N 11  
ALA OXT HXT  sing N N 12  
ARG N   CA   sing N N 13  
ARG N   H    sing N N 14  
ARG N   H2   sing N N 15  
ARG CA  C    sing N N 16  
ARG CA  CB   sing N N 17  
ARG CA  HA   sing N N 18  
ARG C   O    doub N N 19  
ARG C   OXT  sing N N 20  
ARG CB  CG   sing N N 21  
ARG CB  HB2  sing N N 22  
ARG CB  HB3  sing N N 23  
ARG CG  CD   sing N N 24  
ARG CG  HG2  sing N N 25  
ARG CG  HG3  sing N N 26  
ARG CD  NE   sing N N 27  
ARG CD  HD2  sing N N 28  
ARG CD  HD3  sing N N 29  
ARG NE  CZ   sing N N 30  
ARG NE  HE   sing N N 31  
ARG CZ  NH1  sing N N 32  
ARG CZ  NH2  doub N N 33  
ARG NH1 HH11 sing N N 34  
ARG NH1 HH12 sing N N 35  
ARG NH2 HH21 sing N N 36  
ARG NH2 HH22 sing N N 37  
ARG OXT HXT  sing N N 38  
ASN N   CA   sing N N 39  
ASN N   H    sing N N 40  
ASN N   H2   sing N N 41  
ASN CA  C    sing N N 42  
ASN CA  CB   sing N N 43  
ASN CA  HA   sing N N 44  
ASN C   O    doub N N 45  
ASN C   OXT  sing N N 46  
ASN CB  CG   sing N N 47  
ASN CB  HB2  sing N N 48  
ASN CB  HB3  sing N N 49  
ASN CG  OD1  doub N N 50  
ASN CG  ND2  sing N N 51  
ASN ND2 HD21 sing N N 52  
ASN ND2 HD22 sing N N 53  
ASN OXT HXT  sing N N 54  
ASP N   CA   sing N N 55  
ASP N   H    sing N N 56  
ASP N   H2   sing N N 57  
ASP CA  C    sing N N 58  
ASP CA  CB   sing N N 59  
ASP CA  HA   sing N N 60  
ASP C   O    doub N N 61  
ASP C   OXT  sing N N 62  
ASP CB  CG   sing N N 63  
ASP CB  HB2  sing N N 64  
ASP CB  HB3  sing N N 65  
ASP CG  OD1  doub N N 66  
ASP CG  OD2  sing N N 67  
ASP OD2 HD2  sing N N 68  
ASP OXT HXT  sing N N 69  
CYS N   CA   sing N N 70  
CYS N   H    sing N N 71  
CYS N   H2   sing N N 72  
CYS CA  C    sing N N 73  
CYS CA  CB   sing N N 74  
CYS CA  HA   sing N N 75  
CYS C   O    doub N N 76  
CYS C   OXT  sing N N 77  
CYS CB  SG   sing N N 78  
CYS CB  HB2  sing N N 79  
CYS CB  HB3  sing N N 80  
CYS SG  HG   sing N N 81  
CYS OXT HXT  sing N N 82  
GLN N   CA   sing N N 83  
GLN N   H    sing N N 84  
GLN N   H2   sing N N 85  
GLN CA  C    sing N N 86  
GLN CA  CB   sing N N 87  
GLN CA  HA   sing N N 88  
GLN C   O    doub N N 89  
GLN C   OXT  sing N N 90  
GLN CB  CG   sing N N 91  
GLN CB  HB2  sing N N 92  
GLN CB  HB3  sing N N 93  
GLN CG  CD   sing N N 94  
GLN CG  HG2  sing N N 95  
GLN CG  HG3  sing N N 96  
GLN CD  OE1  doub N N 97  
GLN CD  NE2  sing N N 98  
GLN NE2 HE21 sing N N 99  
GLN NE2 HE22 sing N N 100 
GLN OXT HXT  sing N N 101 
GLU N   CA   sing N N 102 
GLU N   H    sing N N 103 
GLU N   H2   sing N N 104 
GLU CA  C    sing N N 105 
GLU CA  CB   sing N N 106 
GLU CA  HA   sing N N 107 
GLU C   O    doub N N 108 
GLU C   OXT  sing N N 109 
GLU CB  CG   sing N N 110 
GLU CB  HB2  sing N N 111 
GLU CB  HB3  sing N N 112 
GLU CG  CD   sing N N 113 
GLU CG  HG2  sing N N 114 
GLU CG  HG3  sing N N 115 
GLU CD  OE1  doub N N 116 
GLU CD  OE2  sing N N 117 
GLU OE2 HE2  sing N N 118 
GLU OXT HXT  sing N N 119 
GLY N   CA   sing N N 120 
GLY N   H    sing N N 121 
GLY N   H2   sing N N 122 
GLY CA  C    sing N N 123 
GLY CA  HA2  sing N N 124 
GLY CA  HA3  sing N N 125 
GLY C   O    doub N N 126 
GLY C   OXT  sing N N 127 
GLY OXT HXT  sing N N 128 
HIS N   CA   sing N N 129 
HIS N   H    sing N N 130 
HIS N   H2   sing N N 131 
HIS CA  C    sing N N 132 
HIS CA  CB   sing N N 133 
HIS CA  HA   sing N N 134 
HIS C   O    doub N N 135 
HIS C   OXT  sing N N 136 
HIS CB  CG   sing N N 137 
HIS CB  HB2  sing N N 138 
HIS CB  HB3  sing N N 139 
HIS CG  ND1  sing Y N 140 
HIS CG  CD2  doub Y N 141 
HIS ND1 CE1  doub Y N 142 
HIS ND1 HD1  sing N N 143 
HIS CD2 NE2  sing Y N 144 
HIS CD2 HD2  sing N N 145 
HIS CE1 NE2  sing Y N 146 
HIS CE1 HE1  sing N N 147 
HIS NE2 HE2  sing N N 148 
HIS OXT HXT  sing N N 149 
HOH O   H1   sing N N 150 
HOH O   H2   sing N N 151 
ILE N   CA   sing N N 152 
ILE N   H    sing N N 153 
ILE N   H2   sing N N 154 
ILE CA  C    sing N N 155 
ILE CA  CB   sing N N 156 
ILE CA  HA   sing N N 157 
ILE C   O    doub N N 158 
ILE C   OXT  sing N N 159 
ILE CB  CG1  sing N N 160 
ILE CB  CG2  sing N N 161 
ILE CB  HB   sing N N 162 
ILE CG1 CD1  sing N N 163 
ILE CG1 HG12 sing N N 164 
ILE CG1 HG13 sing N N 165 
ILE CG2 HG21 sing N N 166 
ILE CG2 HG22 sing N N 167 
ILE CG2 HG23 sing N N 168 
ILE CD1 HD11 sing N N 169 
ILE CD1 HD12 sing N N 170 
ILE CD1 HD13 sing N N 171 
ILE OXT HXT  sing N N 172 
LEU N   CA   sing N N 173 
LEU N   H    sing N N 174 
LEU N   H2   sing N N 175 
LEU CA  C    sing N N 176 
LEU CA  CB   sing N N 177 
LEU CA  HA   sing N N 178 
LEU C   O    doub N N 179 
LEU C   OXT  sing N N 180 
LEU CB  CG   sing N N 181 
LEU CB  HB2  sing N N 182 
LEU CB  HB3  sing N N 183 
LEU CG  CD1  sing N N 184 
LEU CG  CD2  sing N N 185 
LEU CG  HG   sing N N 186 
LEU CD1 HD11 sing N N 187 
LEU CD1 HD12 sing N N 188 
LEU CD1 HD13 sing N N 189 
LEU CD2 HD21 sing N N 190 
LEU CD2 HD22 sing N N 191 
LEU CD2 HD23 sing N N 192 
LEU OXT HXT  sing N N 193 
LYS N   CA   sing N N 194 
LYS N   H    sing N N 195 
LYS N   H2   sing N N 196 
LYS CA  C    sing N N 197 
LYS CA  CB   sing N N 198 
LYS CA  HA   sing N N 199 
LYS C   O    doub N N 200 
LYS C   OXT  sing N N 201 
LYS CB  CG   sing N N 202 
LYS CB  HB2  sing N N 203 
LYS CB  HB3  sing N N 204 
LYS CG  CD   sing N N 205 
LYS CG  HG2  sing N N 206 
LYS CG  HG3  sing N N 207 
LYS CD  CE   sing N N 208 
LYS CD  HD2  sing N N 209 
LYS CD  HD3  sing N N 210 
LYS CE  NZ   sing N N 211 
LYS CE  HE2  sing N N 212 
LYS CE  HE3  sing N N 213 
LYS NZ  HZ1  sing N N 214 
LYS NZ  HZ2  sing N N 215 
LYS NZ  HZ3  sing N N 216 
LYS OXT HXT  sing N N 217 
MET N   CA   sing N N 218 
MET N   H    sing N N 219 
MET N   H2   sing N N 220 
MET CA  C    sing N N 221 
MET CA  CB   sing N N 222 
MET CA  HA   sing N N 223 
MET C   O    doub N N 224 
MET C   OXT  sing N N 225 
MET CB  CG   sing N N 226 
MET CB  HB2  sing N N 227 
MET CB  HB3  sing N N 228 
MET CG  SD   sing N N 229 
MET CG  HG2  sing N N 230 
MET CG  HG3  sing N N 231 
MET SD  CE   sing N N 232 
MET CE  HE1  sing N N 233 
MET CE  HE2  sing N N 234 
MET CE  HE3  sing N N 235 
MET OXT HXT  sing N N 236 
PHE N   CA   sing N N 237 
PHE N   H    sing N N 238 
PHE N   H2   sing N N 239 
PHE CA  C    sing N N 240 
PHE CA  CB   sing N N 241 
PHE CA  HA   sing N N 242 
PHE C   O    doub N N 243 
PHE C   OXT  sing N N 244 
PHE CB  CG   sing N N 245 
PHE CB  HB2  sing N N 246 
PHE CB  HB3  sing N N 247 
PHE CG  CD1  doub Y N 248 
PHE CG  CD2  sing Y N 249 
PHE CD1 CE1  sing Y N 250 
PHE CD1 HD1  sing N N 251 
PHE CD2 CE2  doub Y N 252 
PHE CD2 HD2  sing N N 253 
PHE CE1 CZ   doub Y N 254 
PHE CE1 HE1  sing N N 255 
PHE CE2 CZ   sing Y N 256 
PHE CE2 HE2  sing N N 257 
PHE CZ  HZ   sing N N 258 
PHE OXT HXT  sing N N 259 
PRO N   CA   sing N N 260 
PRO N   CD   sing N N 261 
PRO N   H    sing N N 262 
PRO CA  C    sing N N 263 
PRO CA  CB   sing N N 264 
PRO CA  HA   sing N N 265 
PRO C   O    doub N N 266 
PRO C   OXT  sing N N 267 
PRO CB  CG   sing N N 268 
PRO CB  HB2  sing N N 269 
PRO CB  HB3  sing N N 270 
PRO CG  CD   sing N N 271 
PRO CG  HG2  sing N N 272 
PRO CG  HG3  sing N N 273 
PRO CD  HD2  sing N N 274 
PRO CD  HD3  sing N N 275 
PRO OXT HXT  sing N N 276 
SER N   CA   sing N N 277 
SER N   H    sing N N 278 
SER N   H2   sing N N 279 
SER CA  C    sing N N 280 
SER CA  CB   sing N N 281 
SER CA  HA   sing N N 282 
SER C   O    doub N N 283 
SER C   OXT  sing N N 284 
SER CB  OG   sing N N 285 
SER CB  HB2  sing N N 286 
SER CB  HB3  sing N N 287 
SER OG  HG   sing N N 288 
SER OXT HXT  sing N N 289 
THR N   CA   sing N N 290 
THR N   H    sing N N 291 
THR N   H2   sing N N 292 
THR CA  C    sing N N 293 
THR CA  CB   sing N N 294 
THR CA  HA   sing N N 295 
THR C   O    doub N N 296 
THR C   OXT  sing N N 297 
THR CB  OG1  sing N N 298 
THR CB  CG2  sing N N 299 
THR CB  HB   sing N N 300 
THR OG1 HG1  sing N N 301 
THR CG2 HG21 sing N N 302 
THR CG2 HG22 sing N N 303 
THR CG2 HG23 sing N N 304 
THR OXT HXT  sing N N 305 
TYR N   CA   sing N N 306 
TYR N   H    sing N N 307 
TYR N   H2   sing N N 308 
TYR CA  C    sing N N 309 
TYR CA  CB   sing N N 310 
TYR CA  HA   sing N N 311 
TYR C   O    doub N N 312 
TYR C   OXT  sing N N 313 
TYR CB  CG   sing N N 314 
TYR CB  HB2  sing N N 315 
TYR CB  HB3  sing N N 316 
TYR CG  CD1  doub Y N 317 
TYR CG  CD2  sing Y N 318 
TYR CD1 CE1  sing Y N 319 
TYR CD1 HD1  sing N N 320 
TYR CD2 CE2  doub Y N 321 
TYR CD2 HD2  sing N N 322 
TYR CE1 CZ   doub Y N 323 
TYR CE1 HE1  sing N N 324 
TYR CE2 CZ   sing Y N 325 
TYR CE2 HE2  sing N N 326 
TYR CZ  OH   sing N N 327 
TYR OH  HH   sing N N 328 
TYR OXT HXT  sing N N 329 
VAL N   CA   sing N N 330 
VAL N   H    sing N N 331 
VAL N   H2   sing N N 332 
VAL CA  C    sing N N 333 
VAL CA  CB   sing N N 334 
VAL CA  HA   sing N N 335 
VAL C   O    doub N N 336 
VAL C   OXT  sing N N 337 
VAL CB  CG1  sing N N 338 
VAL CB  CG2  sing N N 339 
VAL CB  HB   sing N N 340 
VAL CG1 HG11 sing N N 341 
VAL CG1 HG12 sing N N 342 
VAL CG1 HG13 sing N N 343 
VAL CG2 HG21 sing N N 344 
VAL CG2 HG22 sing N N 345 
VAL CG2 HG23 sing N N 346 
VAL OXT HXT  sing N N 347 
# 
loop_
_pdbx_audit_support.funding_organization 
_pdbx_audit_support.country 
_pdbx_audit_support.grant_number 
_pdbx_audit_support.ordinal 
'Ministry of Science and Technology (MoST, Taiwan)' Taiwan 109-2311-B241-001      1 
'Ministry of Science and Technology (MoST, Taiwan)' Taiwan 111-2311-B-039-001-MY3 2 
# 
_pdbx_initial_refinement_model.id               1 
_pdbx_initial_refinement_model.entity_id_list   ? 
_pdbx_initial_refinement_model.type             'experimental model' 
_pdbx_initial_refinement_model.source_name      PDB 
_pdbx_initial_refinement_model.accession_code   7EBL 
_pdbx_initial_refinement_model.details          ? 
# 
_atom_sites.entry_id                    8HY8 
_atom_sites.Cartn_transf_matrix[1][1]   ? 
_atom_sites.Cartn_transf_matrix[1][2]   ? 
_atom_sites.Cartn_transf_matrix[1][3]   ? 
_atom_sites.Cartn_transf_matrix[2][1]   ? 
_atom_sites.Cartn_transf_matrix[2][2]   ? 
_atom_sites.Cartn_transf_matrix[2][3]   ? 
_atom_sites.Cartn_transf_matrix[3][1]   ? 
_atom_sites.Cartn_transf_matrix[3][2]   ? 
_atom_sites.Cartn_transf_matrix[3][3]   ? 
_atom_sites.Cartn_transf_vector[1]      ? 
_atom_sites.Cartn_transf_vector[2]      ? 
_atom_sites.Cartn_transf_vector[3]      ? 
_atom_sites.fract_transf_matrix[1][1]   0.00551421 
_atom_sites.fract_transf_matrix[1][2]   0.01046489 
_atom_sites.fract_transf_matrix[1][3]   -0.01645416 
_atom_sites.fract_transf_matrix[2][1]   -0.00306343 
_atom_sites.fract_transf_matrix[2][2]   -0.00778593 
_atom_sites.fract_transf_matrix[2][3]   -0.01845711 
_atom_sites.fract_transf_matrix[3][1]   -0.00481645 
_atom_sites.fract_transf_matrix[3][2]   0.00228156 
_atom_sites.fract_transf_matrix[3][3]   -0.00016304 
_atom_sites.fract_transf_vector[1]      -0.176683 
_atom_sites.fract_transf_vector[2]      0.193350 
_atom_sites.fract_transf_vector[3]      -0.037897 
_atom_sites.solution_primary            ? 
_atom_sites.solution_secondary          ? 
_atom_sites.solution_hydrogens          ? 
_atom_sites.special_details             ? 
# 
loop_
_atom_type.symbol 
_atom_type.pdbx_scat_Z 
_atom_type.pdbx_N_electrons 
_atom_type.scat_Cromer_Mann_a1 
_atom_type.scat_Cromer_Mann_b1 
_atom_type.scat_Cromer_Mann_a2 
_atom_type.scat_Cromer_Mann_b2 
_atom_type.scat_Cromer_Mann_a3 
_atom_type.scat_Cromer_Mann_b3 
_atom_type.scat_Cromer_Mann_a4 
_atom_type.scat_Cromer_Mann_b4 
_atom_type.scat_Cromer_Mann_c 
C 6  6  2.310  20.844 1.020 10.208 1.589 0.569  0.865 51.651 0.216   
H 1  1  0.493  10.511 0.323 26.126 0.140 3.142  0.041 57.800 0.003   
N 7  7  12.222 0.006  3.135 9.893  2.014 28.997 1.167 0.583  -11.538 
O 8  8  3.049  13.277 2.287 5.701  1.546 0.324  0.867 32.909 0.251   
S 16 16 6.905  1.468  5.203 22.215 1.438 0.254  1.586 56.172 0.867   
# 
loop_
_atom_site.group_PDB 
_atom_site.id 
_atom_site.type_symbol 
_atom_site.label_atom_id 
_atom_site.label_alt_id 
_atom_site.label_comp_id 
_atom_site.label_asym_id 
_atom_site.label_entity_id 
_atom_site.label_seq_id 
_atom_site.pdbx_PDB_ins_code 
_atom_site.Cartn_x 
_atom_site.Cartn_y 
_atom_site.Cartn_z 
_atom_site.occupancy 
_atom_site.B_iso_or_equiv 
_atom_site.pdbx_formal_charge 
_atom_site.auth_seq_id 
_atom_site.auth_comp_id 
_atom_site.auth_asym_id 
_atom_site.auth_atom_id 
_atom_site.pdbx_PDB_model_num 
_atom_site.calc_flag 
ATOM   1    N N   . GLU A 1 5   ? -18.502 -11.876 9.698   1.000 93.665  0 5   GLU A N   1 ? 
ATOM   2    C CA  . GLU A 1 5   ? -17.383 -11.555 10.655  1.000 97.019  0 5   GLU A CA  1 ? 
ATOM   3    C C   . GLU A 1 5   ? -16.443 -10.483 10.066  1.000 90.679  0 5   GLU A C   1 ? 
ATOM   4    O O   . GLU A 1 5   ? -15.680 -9.902  10.863  1.000 87.615  0 5   GLU A O   1 ? 
ATOM   5    C CB  . GLU A 1 5   ? -16.614 -12.824 11.047  1.000 100.044 0 5   GLU A CB  1 ? 
ATOM   6    C CG  . GLU A 1 5   ? -16.108 -13.649 9.870   1.000 104.859 0 5   GLU A CG  1 ? 
ATOM   7    C CD  . GLU A 1 5   ? -15.255 -14.842 10.270  1.000 107.666 0 5   GLU A CD  1 ? 
ATOM   8    O OE1 . GLU A 1 5   ? -14.182 -14.621 10.866  1.000 109.107 0 5   GLU A OE1 1 ? 
ATOM   9    O OE2 . GLU A 1 5   ? -15.672 -15.991 10.004  1.000 99.334  0 5   GLU A OE2 1 ? 
ATOM   10   N N   . LEU A 1 6   ? -16.472 -10.256 8.735   1.000 85.049  0 6   LEU A N   1 ? 
ATOM   11   C CA  . LEU A 1 6   ? -15.758 -9.141  8.036   1.000 72.418  0 6   LEU A CA  1 ? 
ATOM   12   C C   . LEU A 1 6   ? -16.550 -7.849  8.257   1.000 73.094  0 6   LEU A C   1 ? 
ATOM   13   O O   . LEU A 1 6   ? -17.805 -7.898  8.184   1.000 81.385  0 6   LEU A O   1 ? 
ATOM   14   C CB  . LEU A 1 6   ? -15.618 -9.413  6.531   1.000 67.517  0 6   LEU A CB  1 ? 
ATOM   15   C CG  . LEU A 1 6   ? -15.188 -10.820 6.109   1.000 71.806  0 6   LEU A CG  1 ? 
ATOM   16   C CD1 . LEU A 1 6   ? -15.081 -10.914 4.592   1.000 72.318  0 6   LEU A CD1 1 ? 
ATOM   17   C CD2 . LEU A 1 6   ? -13.876 -11.218 6.762   1.000 72.921  0 6   LEU A CD2 1 ? 
ATOM   18   N N   . GLY A 1 7   ? -15.853 -6.737  8.491   1.000 63.469  0 7   GLY A N   1 ? 
ATOM   19   C CA  . GLY A 1 7   ? -16.483 -5.449  8.835   1.000 59.867  0 7   GLY A CA  1 ? 
ATOM   20   C C   . GLY A 1 7   ? -16.252 -5.114  10.286  1.000 59.902  0 7   GLY A C   1 ? 
ATOM   21   O O   . GLY A 1 7   ? -16.397 -3.934  10.660  1.000 66.881  0 7   GLY A O   1 ? 
ATOM   22   N N   . LEU A 1 8   ? -15.892 -6.125  11.073  1.000 62.913  0 8   LEU A N   1 ? 
ATOM   23   C CA  . LEU A 1 8   ? -15.426 -5.984  12.472  1.000 60.252  0 8   LEU A CA  1 ? 
ATOM   24   C C   . LEU A 1 8   ? -13.891 -6.029  12.477  1.000 54.591  0 8   LEU A C   1 ? 
ATOM   25   O O   . LEU A 1 8   ? -13.314 -5.519  13.430  1.000 58.440  0 8   LEU A O   1 ? 
ATOM   26   C CB  . LEU A 1 8   ? -16.009 -7.115  13.341  1.000 69.755  0 8   LEU A CB  1 ? 
ATOM   27   C CG  . LEU A 1 8   ? -17.438 -7.595  13.035  1.000 67.622  0 8   LEU A CG  1 ? 
ATOM   28   C CD1 . LEU A 1 8   ? -17.666 -8.980  13.622  1.000 70.272  0 8   LEU A CD1 1 ? 
ATOM   29   C CD2 . LEU A 1 8   ? -18.484 -6.630  13.566  1.000 58.845  0 8   LEU A CD2 1 ? 
ATOM   30   N N   . LEU A 1 9   ? -13.264 -6.645  11.465  1.000 47.726  0 9   LEU A N   1 ? 
ATOM   31   C CA  . LEU A 1 9   ? -11.784 -6.820  11.392  1.000 45.403  0 9   LEU A CA  1 ? 
ATOM   32   C C   . LEU A 1 9   ? -11.103 -5.466  11.219  1.000 43.792  0 9   LEU A C   1 ? 
ATOM   33   O O   . LEU A 1 9   ? -11.567 -4.604  10.464  1.000 43.361  0 9   LEU A O   1 ? 
ATOM   34   C CB  . LEU A 1 9   ? -11.414 -7.752  10.235  1.000 45.363  0 9   LEU A CB  1 ? 
ATOM   35   C CG  . LEU A 1 9   ? -12.048 -9.140  10.280  1.000 45.643  0 9   LEU A CG  1 ? 
ATOM   36   C CD1 . LEU A 1 9   ? -11.760 -9.903  8.991   1.000 44.786  0 9   LEU A CD1 1 ? 
ATOM   37   C CD2 . LEU A 1 9   ? -11.565 -9.914  11.504  1.000 44.456  0 9   LEU A CD2 1 ? 
ATOM   38   N N   . PRO A 1 10  ? -9.975  -5.244  11.929  1.000 40.473  0 10  PRO A N   1 ? 
ATOM   39   C CA  . PRO A 1 10  ? -9.135  -4.064  11.729  1.000 37.073  0 10  PRO A CA  1 ? 
ATOM   40   C C   . PRO A 1 10  ? -8.682  -3.859  10.279  1.000 32.559  0 10  PRO A C   1 ? 
ATOM   41   O O   . PRO A 1 10  ? -8.622  -2.743  9.846   1.000 35.868  0 10  PRO A O   1 ? 
ATOM   42   C CB  . PRO A 1 10  ? -7.886  -4.349  12.572  1.000 38.204  0 10  PRO A CB  1 ? 
ATOM   43   C CG  . PRO A 1 10  ? -8.354  -5.304  13.628  1.000 37.640  0 10  PRO A CG  1 ? 
ATOM   44   C CD  . PRO A 1 10  ? -9.466  -6.113  12.996  1.000 38.977  0 10  PRO A CD  1 ? 
ATOM   45   N N   . SER A 1 11  ? -8.346  -4.943  9.588   1.000 28.638  0 11  SER A N   1 ? 
ATOM   46   C CA  . SER A 1 11  ? -7.869  -4.926  8.183   1.000 27.048  0 11  SER A CA  1 ? 
ATOM   47   C C   . SER A 1 11  ? -8.934  -4.315  7.256   1.000 24.339  0 11  SER A C   1 ? 
ATOM   48   O O   . SER A 1 11  ? -8.544  -3.790  6.223   1.000 23.147  0 11  SER A O   1 ? 
ATOM   49   C CB  . SER A 1 11  ? -7.466  -6.292  7.730   1.000 26.029  0 11  SER A CB  1 ? 
ATOM   50   O OG  . SER A 1 11  ? -8.506  -7.206  7.984   1.000 27.829  0 11  SER A OG  1 ? 
ATOM   51   N N   . THR A 1 12  ? -10.225 -4.380  7.587   1.000 23.105  0 12  THR A N   1 ? 
ATOM   52   C CA  . THR A 1 12  ? -11.273 -3.695  6.786   1.000 23.241  0 12  THR A CA  1 ? 
ATOM   53   C C   . THR A 1 12  ? -11.126 -2.175  6.952   1.000 22.065  0 12  THR A C   1 ? 
ATOM   54   O O   . THR A 1 12  ? -10.946 -1.500  5.916   1.000 18.838  0 12  THR A O   1 ? 
ATOM   55   C CB  . THR A 1 12  ? -12.682 -4.150  7.167   1.000 27.469  0 12  THR A CB  1 ? 
ATOM   56   O OG1 . THR A 1 12  ? -12.713 -5.576  7.133   1.000 31.349  0 12  THR A OG1 1 ? 
ATOM   57   C CG2 . THR A 1 12  ? -13.758 -3.590  6.252   1.000 28.075  0 12  THR A CG2 1 ? 
ATOM   58   N N   . VAL A 1 13  ? -11.168 -1.670  8.204   1.000 21.353  0 13  VAL A N   1 ? 
ATOM   59   C CA  . VAL A 1 13  ? -11.053 -0.213  8.535   1.000 20.809  0 13  VAL A CA  1 ? 
ATOM   60   C C   . VAL A 1 13  ? -9.719  0.334   8.022   1.000 19.081  0 13  VAL A C   1 ? 
ATOM   61   O O   . VAL A 1 13  ? -9.711  1.475   7.597   1.000 18.554  0 13  VAL A O   1 ? 
ATOM   62   C CB  . VAL A 1 13  ? -11.235 0.101   10.031  1.000 21.867  0 13  VAL A CB  1 ? 
ATOM   63   C CG1 . VAL A 1 13  ? -12.599 -0.304  10.547  1.000 22.282  0 13  VAL A CG1 1 ? 
ATOM   64   C CG2 . VAL A 1 13  ? -10.155 -0.525  10.881  1.000 23.382  0 13  VAL A CG2 1 ? 
ATOM   65   N N   . LEU A 1 14  ? -8.658  -0.470  7.983   1.000 18.963  0 14  LEU A N   1 ? 
ATOM   66   C CA  . LEU A 1 14  ? -7.318  -0.010  7.527   1.000 18.512  0 14  LEU A CA  1 ? 
ATOM   67   C C   . LEU A 1 14  ? -7.291  0.167   6.010   1.000 17.903  0 14  LEU A C   1 ? 
ATOM   68   O O   . LEU A 1 14  ? -6.642  1.122   5.554   1.000 19.042  0 14  LEU A O   1 ? 
ATOM   69   C CB  . LEU A 1 14  ? -6.253  -1.009  7.973   1.000 20.244  0 14  LEU A CB  1 ? 
ATOM   70   C CG  . LEU A 1 14  ? -5.823  -0.900  9.437   1.000 20.218  0 14  LEU A CG  1 ? 
ATOM   71   C CD1 . LEU A 1 14  ? -4.591  -1.748  9.689   1.000 19.709  0 14  LEU A CD1 1 ? 
ATOM   72   C CD2 . LEU A 1 14  ? -5.561  0.549   9.817   1.000 19.851  0 14  LEU A CD2 1 ? 
ATOM   73   N N   . ALA A 1 15  ? -7.971  -0.698  5.258   1.000 16.632  0 15  ALA A N   1 ? 
ATOM   74   C CA  . ALA A 1 15  ? -8.081  -0.620  3.783   1.000 16.007  0 15  ALA A CA  1 ? 
ATOM   75   C C   . ALA A 1 15  ? -9.026  0.533   3.375   1.000 17.912  0 15  ALA A C   1 ? 
ATOM   76   O O   . ALA A 1 15  ? -8.799  1.182   2.353   1.000 16.606  0 15  ALA A O   1 ? 
ATOM   77   C CB  . ALA A 1 15  ? -8.553  -1.937  3.251   1.000 15.126  0 15  ALA A CB  1 ? 
ATOM   78   N N   . ILE A 1 16  ? -10.061 0.805   4.158   1.000 20.813  0 16  ILE A N   1 ? 
ATOM   79   C CA  . ILE A 1 16  ? -10.966 1.957   3.895   1.000 21.524  0 16  ILE A CA  1 ? 
ATOM   80   C C   . ILE A 1 16  ? -10.183 3.264   4.109   1.000 21.669  0 16  ILE A C   1 ? 
ATOM   81   O O   . ILE A 1 16  ? -10.141 4.126   3.162   1.000 22.139  0 16  ILE A O   1 ? 
ATOM   82   C CB  . ILE A 1 16  ? -12.219 1.831   4.756   1.000 21.433  0 16  ILE A CB  1 ? 
ATOM   83   C CG1 . ILE A 1 16  ? -13.055 0.661   4.232   1.000 21.972  0 16  ILE A CG1 1 ? 
ATOM   84   C CG2 . ILE A 1 16  ? -12.979 3.138   4.745   1.000 22.126  0 16  ILE A CG2 1 ? 
ATOM   85   C CD1 . ILE A 1 16  ? -14.151 0.219   5.147   1.000 23.177  0 16  ILE A CD1 1 ? 
ATOM   86   N N   . GLY A 1 17  ? -9.513  3.368   5.250   1.000 18.731  0 17  GLY A N   1 ? 
ATOM   87   C CA  . GLY A 1 17  ? -8.623  4.492   5.561   1.000 17.752  0 17  GLY A CA  1 ? 
ATOM   88   C C   . GLY A 1 17  ? -7.674  4.716   4.428   1.000 17.096  0 17  GLY A C   1 ? 
ATOM   89   O O   . GLY A 1 17  ? -7.753  5.766   3.817   1.000 18.424  0 17  GLY A O   1 ? 
ATOM   90   N N   . TYR A 1 18  ? -6.900  3.695   4.088   1.000 16.081  0 18  TYR A N   1 ? 
ATOM   91   C CA  . TYR A 1 18  ? -5.844  3.761   3.058   1.000 15.846  0 18  TYR A CA  1 ? 
ATOM   92   C C   . TYR A 1 18  ? -6.438  4.155   1.715   1.000 17.275  0 18  TYR A C   1 ? 
ATOM   93   O O   . TYR A 1 18  ? -5.856  4.990   1.021   1.000 17.536  0 18  TYR A O   1 ? 
ATOM   94   C CB  . TYR A 1 18  ? -5.160  2.414   2.910   1.000 15.237  0 18  TYR A CB  1 ? 
ATOM   95   C CG  . TYR A 1 18  ? -3.994  2.406   1.959   1.000 14.184  0 18  TYR A CG  1 ? 
ATOM   96   C CD1 . TYR A 1 18  ? -2.793  3.004   2.299   1.000 13.335  0 18  TYR A CD1 1 ? 
ATOM   97   C CD2 . TYR A 1 18  ? -4.081  1.757   0.734   1.000 14.302  0 18  TYR A CD2 1 ? 
ATOM   98   C CE1 . TYR A 1 18  ? -1.714  3.004   1.427   1.000 13.530  0 18  TYR A CE1 1 ? 
ATOM   99   C CE2 . TYR A 1 18  ? -2.998  1.712   -0.135  1.000 14.498  0 18  TYR A CE2 1 ? 
ATOM   100  C CZ  . TYR A 1 18  ? -1.814  2.345   0.211   1.000 13.869  0 18  TYR A CZ  1 ? 
ATOM   101  O OH  . TYR A 1 18  ? -0.753  2.291   -0.631  1.000 13.274  0 18  TYR A OH  1 ? 
ATOM   102  N N   . TYR A 1 19  ? -7.588  3.586   1.364   1.000 19.072  0 19  TYR A N   1 ? 
ATOM   103  C CA  . TYR A 1 19  ? -8.280  3.875   0.078   1.000 18.497  0 19  TYR A CA  1 ? 
ATOM   104  C C   . TYR A 1 19  ? -8.727  5.333   0.050   1.000 19.430  0 19  TYR A C   1 ? 
ATOM   105  O O   . TYR A 1 19  ? -8.577  5.956   -0.985  1.000 21.091  0 19  TYR A O   1 ? 
ATOM   106  C CB  . TYR A 1 19  ? -9.472  2.948   -0.166  1.000 16.879  0 19  TYR A CB  1 ? 
ATOM   107  C CG  . TYR A 1 19  ? -10.198 3.258   -1.442  1.000 16.412  0 19  TYR A CG  1 ? 
ATOM   108  C CD1 . TYR A 1 19  ? -11.422 3.941   -1.423  1.000 15.926  0 19  TYR A CD1 1 ? 
ATOM   109  C CD2 . TYR A 1 19  ? -9.624  2.970   -2.673  1.000 16.237  0 19  TYR A CD2 1 ? 
ATOM   110  C CE1 . TYR A 1 19  ? -12.073 4.284   -2.591  1.000 14.737  0 19  TYR A CE1 1 ? 
ATOM   111  C CE2 . TYR A 1 19  ? -10.272 3.313   -3.858  1.000 16.388  0 19  TYR A CE2 1 ? 
ATOM   112  C CZ  . TYR A 1 19  ? -11.499 3.965   -3.809  1.000 15.679  0 19  TYR A CZ  1 ? 
ATOM   113  O OH  . TYR A 1 19  ? -12.139 4.294   -4.961  1.000 16.463  0 19  TYR A OH  1 ? 
ATOM   114  N N   . GLU A 1 20  ? -9.306  5.845   1.129   1.000 21.847  0 20  GLU A N   1 ? 
ATOM   115  C CA  . GLU A 1 20  ? -9.915  7.205   1.115   1.000 24.688  0 20  GLU A CA  1 ? 
ATOM   116  C C   . GLU A 1 20  ? -8.809  8.254   1.294   1.000 26.399  0 20  GLU A C   1 ? 
ATOM   117  O O   . GLU A 1 20  ? -8.801  9.255   0.562   1.000 26.397  0 20  GLU A O   1 ? 
ATOM   118  C CB  . GLU A 1 20  ? -11.002 7.309   2.175   1.000 24.652  0 20  GLU A CB  1 ? 
ATOM   119  C CG  . GLU A 1 20  ? -12.236 6.530   1.800   1.000 27.529  0 20  GLU A CG  1 ? 
ATOM   120  C CD  . GLU A 1 20  ? -13.385 6.594   2.802   1.000 32.068  0 20  GLU A CD  1 ? 
ATOM   121  O OE1 . GLU A 1 20  ? -13.114 6.863   4.013   1.000 30.009  0 20  GLU A OE1 1 ? 
ATOM   122  O OE2 . GLU A 1 20  ? -14.559 6.337   2.372   1.000 34.462  0 20  GLU A OE2 1 ? 
ATOM   123  N N   . ASN A 1 21  ? -7.865  8.004   2.196   1.000 28.114  0 21  ASN A N   1 ? 
ATOM   124  C CA  . ASN A 1 21  ? -6.932  9.053   2.666   1.000 27.436  0 21  ASN A CA  1 ? 
ATOM   125  C C   . ASN A 1 21  ? -5.661  9.000   1.863   1.000 25.340  0 21  ASN A C   1 ? 
ATOM   126  O O   . ASN A 1 21  ? -4.911  9.926   1.993   1.000 31.568  0 21  ASN A O   1 ? 
ATOM   127  C CB  . ASN A 1 21  ? -6.632  8.948   4.158   1.000 28.572  0 21  ASN A CB  1 ? 
ATOM   128  C CG  . ASN A 1 21  ? -7.908  9.041   4.958   1.000 29.247  0 21  ASN A CG  1 ? 
ATOM   129  O OD1 . ASN A 1 21  ? -8.701  9.959   4.763   1.000 27.524  0 21  ASN A OD1 1 ? 
ATOM   130  N ND2 . ASN A 1 21  ? -8.167  8.038   5.776   1.000 33.636  0 21  ASN A ND2 1 ? 
ATOM   131  N N   . PHE A 1 22  ? -5.436  7.983   1.049   1.000 23.477  0 22  PHE A N   1 ? 
ATOM   132  C CA  . PHE A 1 22  ? -4.150  7.875   0.324   1.000 22.141  0 22  PHE A CA  1 ? 
ATOM   133  C C   . PHE A 1 22  ? -4.362  7.551   -1.161  1.000 20.452  0 22  PHE A C   1 ? 
ATOM   134  O O   . PHE A 1 22  ? -3.912  8.302   -1.993  1.000 19.465  0 22  PHE A O   1 ? 
ATOM   135  C CB  . PHE A 1 22  ? -3.229  6.873   1.017   1.000 22.257  0 22  PHE A CB  1 ? 
ATOM   136  C CG  . PHE A 1 22  ? -1.934  6.745   0.284   1.000 22.189  0 22  PHE A CG  1 ? 
ATOM   137  C CD1 . PHE A 1 22  ? -1.005  7.761   0.337   1.000 24.134  0 22  PHE A CD1 1 ? 
ATOM   138  C CD2 . PHE A 1 22  ? -1.755  5.750   -0.643  1.000 23.963  0 22  PHE A CD2 1 ? 
ATOM   139  C CE1 . PHE A 1 22  ? 0.168   7.689   -0.396  1.000 24.213  0 22  PHE A CE1 1 ? 
ATOM   140  C CE2 . PHE A 1 22  ? -0.597  5.694   -1.398  1.000 25.711  0 22  PHE A CE2 1 ? 
ATOM   141  C CZ  . PHE A 1 22  ? 0.374   6.652   -1.253  1.000 24.407  0 22  PHE A CZ  1 ? 
ATOM   142  N N   . VAL A 1 23  ? -4.942  6.413   -1.481  1.000 21.679  0 23  VAL A N   1 ? 
ATOM   143  C CA  . VAL A 1 23  ? -5.173  6.012   -2.893  1.000 23.815  0 23  VAL A CA  1 ? 
ATOM   144  C C   . VAL A 1 23  ? -5.968  7.104   -3.588  1.000 24.031  0 23  VAL A C   1 ? 
ATOM   145  O O   . VAL A 1 23  ? -5.551  7.538   -4.681  1.000 28.141  0 23  VAL A O   1 ? 
ATOM   146  C CB  . VAL A 1 23  ? -5.923  4.686   -3.024  1.000 24.747  0 23  VAL A CB  1 ? 
ATOM   147  C CG1 . VAL A 1 23  ? -6.185  4.397   -4.480  1.000 26.078  0 23  VAL A CG1 1 ? 
ATOM   148  C CG2 . VAL A 1 23  ? -5.168  3.537   -2.384  1.000 26.754  0 23  VAL A CG2 1 ? 
ATOM   149  N N   . SER A 1 24  ? -7.114  7.458   -3.031  1.000 23.684  0 24  SER A N   1 ? 
ATOM   150  C CA  . SER A 1 24  ? -8.047  8.443   -3.638  1.000 26.109  0 24  SER A CA  1 ? 
ATOM   151  C C   . SER A 1 24  ? -7.338  9.798   -3.711  1.000 27.064  0 24  SER A C   1 ? 
ATOM   152  O O   . SER A 1 24  ? -7.463  10.469  -4.722  1.000 27.349  0 24  SER A O   1 ? 
ATOM   153  C CB  . SER A 1 24  ? -9.369  8.528   -2.878  1.000 24.543  0 24  SER A CB  1 ? 
ATOM   154  O OG  . SER A 1 24  ? -10.035 7.267   -2.859  1.000 23.159  0 24  SER A OG  1 ? 
ATOM   155  N N   . THR A 1 25  ? -6.557  10.153  -2.692  1.000 30.563  0 25  THR A N   1 ? 
ATOM   156  C CA  . THR A 1 25  ? -5.923  11.499  -2.593  1.000 30.954  0 25  THR A CA  1 ? 
ATOM   157  C C   . THR A 1 25  ? -4.878  11.647  -3.709  1.000 27.211  0 25  THR A C   1 ? 
ATOM   158  O O   . THR A 1 25  ? -4.775  12.730  -4.273  1.000 27.316  0 25  THR A O   1 ? 
ATOM   159  C CB  . THR A 1 25  ? -5.407  11.751  -1.172  1.000 32.083  0 25  THR A CB  1 ? 
ATOM   160  O OG1 . THR A 1 25  ? -6.566  11.871  -0.349  1.000 34.626  0 25  THR A OG1 1 ? 
ATOM   161  C CG2 . THR A 1 25  ? -4.592  13.016  -1.040  1.000 34.744  0 25  THR A CG2 1 ? 
ATOM   162  N N   . VAL A 1 26  ? -4.228  10.558  -4.079  1.000 25.092  0 26  VAL A N   1 ? 
ATOM   163  C CA  . VAL A 1 26  ? -3.075  10.543  -5.001  1.000 24.756  0 26  VAL A CA  1 ? 
ATOM   164  C C   . VAL A 1 26  ? -3.559  10.416  -6.450  1.000 24.363  0 26  VAL A C   1 ? 
ATOM   165  O O   . VAL A 1 26  ? -2.999  11.098  -7.300  1.000 28.132  0 26  VAL A O   1 ? 
ATOM   166  C CB  . VAL A 1 26  ? -2.082  9.436   -4.609  1.000 27.136  0 26  VAL A CB  1 ? 
ATOM   167  C CG1 . VAL A 1 26  ? -1.429  8.805   -5.810  1.000 29.546  0 26  VAL A CG1 1 ? 
ATOM   168  C CG2 . VAL A 1 26  ? -1.019  9.973   -3.668  1.000 28.119  0 26  VAL A CG2 1 ? 
ATOM   169  N N   . CYS A 1 27  ? -4.536  9.578   -6.766  1.000 24.129  0 27  CYS A N   1 ? 
ATOM   170  C CA  . CYS A 1 27  ? -5.148  9.583   -8.123  1.000 23.735  0 27  CYS A CA  1 ? 
ATOM   171  C C   . CYS A 1 27  ? -5.705  10.990  -8.453  1.000 23.429  0 27  CYS A C   1 ? 
ATOM   172  O O   . CYS A 1 27  ? -5.339  11.550  -9.504  1.000 22.827  0 27  CYS A O   1 ? 
ATOM   173  C CB  . CYS A 1 27  ? -6.230  8.532   -8.243  1.000 24.496  0 27  CYS A CB  1 ? 
ATOM   174  S SG  . CYS A 1 27  ? -5.641  6.859   -7.898  1.000 26.757  0 27  CYS A SG  1 ? 
ATOM   175  N N   . ASP A 1 28  ? -6.486  11.590  -7.561  1.000 22.521  0 28  ASP A N   1 ? 
ATOM   176  C CA  . ASP A 1 28  ? -7.076  12.930  -7.798  1.000 25.265  0 28  ASP A CA  1 ? 
ATOM   177  C C   . ASP A 1 28  ? -5.959  13.949  -8.038  1.000 27.868  0 28  ASP A C   1 ? 
ATOM   178  O O   . ASP A 1 28  ? -6.076  14.715  -9.013  1.000 28.766  0 28  ASP A O   1 ? 
ATOM   179  C CB  . ASP A 1 28  ? -8.002  13.332  -6.663  1.000 25.805  0 28  ASP A CB  1 ? 
ATOM   180  C CG  . ASP A 1 28  ? -9.315  12.580  -6.726  1.000 29.721  0 28  ASP A CG  1 ? 
ATOM   181  O OD1 . ASP A 1 28  ? -9.437  11.660  -7.593  1.000 28.719  0 28  ASP A OD1 1 ? 
ATOM   182  O OD2 . ASP A 1 28  ? -10.208 12.903  -5.903  1.000 37.435  0 28  ASP A OD2 1 ? 
ATOM   183  N N   . ALA A 1 29  ? -4.908  13.927  -7.213  1.000 28.630  0 29  ALA A N   1 ? 
ATOM   184  C CA  . ALA A 1 29  ? -3.737  14.825  -7.325  1.000 28.442  0 29  ALA A CA  1 ? 
ATOM   185  C C   . ALA A 1 29  ? -3.080  14.642  -8.697  1.000 29.468  0 29  ALA A C   1 ? 
ATOM   186  O O   . ALA A 1 29  ? -2.793  15.648  -9.368  1.000 33.536  0 29  ALA A O   1 ? 
ATOM   187  C CB  . ALA A 1 29  ? -2.762  14.584  -6.196  1.000 26.051  0 29  ALA A CB  1 ? 
ATOM   188  N N   . LEU A 1 30  ? -2.876  13.413  -9.130  1.000 30.140  0 30  LEU A N   1 ? 
ATOM   189  C CA  . LEU A 1 30  ? -2.176  13.158  -10.412 1.000 32.563  0 30  LEU A CA  1 ? 
ATOM   190  C C   . LEU A 1 30  ? -3.122  13.455  -11.586 1.000 33.358  0 30  LEU A C   1 ? 
ATOM   191  O O   . LEU A 1 30  ? -2.629  13.890  -12.639 1.000 38.577  0 30  LEU A O   1 ? 
ATOM   192  C CB  . LEU A 1 30  ? -1.638  11.719  -10.424 1.000 32.690  0 30  LEU A CB  1 ? 
ATOM   193  C CG  . LEU A 1 30  ? -0.514  11.459  -9.415  1.000 32.106  0 30  LEU A CG  1 ? 
ATOM   194  C CD1 . LEU A 1 30  ? -0.192  9.984   -9.302  1.000 34.106  0 30  LEU A CD1 1 ? 
ATOM   195  C CD2 . LEU A 1 30  ? 0.735   12.229  -9.791  1.000 33.313  0 30  LEU A CD2 1 ? 
ATOM   196  N N   . HIS A 1 31  ? -4.435  13.299  -11.426 1.000 32.774  0 31  HIS A N   1 ? 
ATOM   197  C CA  . HIS A 1 31  ? -5.396  13.632  -12.512 1.000 28.721  0 31  HIS A CA  1 ? 
ATOM   198  C C   . HIS A 1 31  ? -5.651  15.145  -12.552 1.000 28.277  0 31  HIS A C   1 ? 
ATOM   199  O O   . HIS A 1 31  ? -6.084  15.607  -13.567 1.000 31.371  0 31  HIS A O   1 ? 
ATOM   200  C CB  . HIS A 1 31  ? -6.652  12.777  -12.412 1.000 28.922  0 31  HIS A CB  1 ? 
ATOM   201  C CG  . HIS A 1 31  ? -6.465  11.391  -12.935 1.000 30.311  0 31  HIS A CG  1 ? 
ATOM   202  N ND1 . HIS A 1 31  ? -7.079  10.290  -12.358 1.000 34.031  0 31  HIS A ND1 1 ? 
ATOM   203  C CD2 . HIS A 1 31  ? -5.696  10.907  -13.927 1.000 32.064  0 31  HIS A CD2 1 ? 
ATOM   204  C CE1 . HIS A 1 31  ? -6.714  9.198   -12.994 1.000 32.186  0 31  HIS A CE1 1 ? 
ATOM   205  N NE2 . HIS A 1 31  ? -5.871  9.543   -13.957 1.000 33.563  0 31  HIS A NE2 1 ? 
ATOM   206  N N   . SER A 1 32  ? -5.299  15.890  -11.513 1.000 30.623  0 32  SER A N   1 ? 
ATOM   207  C CA  . SER A 1 32  ? -5.511  17.355  -11.414 1.000 32.372  0 32  SER A CA  1 ? 
ATOM   208  C C   . SER A 1 32  ? -4.356  18.120  -12.061 1.000 35.217  0 32  SER A C   1 ? 
ATOM   209  O O   . SER A 1 32  ? -4.359  19.374  -11.974 1.000 35.247  0 32  SER A O   1 ? 
ATOM   210  C CB  . SER A 1 32  ? -5.636  17.759  -9.981  1.000 34.221  0 32  SER A CB  1 ? 
ATOM   211  O OG  . SER A 1 32  ? -6.697  17.066  -9.354  1.000 39.349  0 32  SER A OG  1 ? 
ATOM   212  N N   . LEU A 1 33  ? -3.328  17.412  -12.535 1.000 38.234  0 33  LEU A N   1 ? 
ATOM   213  C CA  . LEU A 1 33  ? -2.086  18.039  -13.075 1.000 37.131  0 33  LEU A CA  1 ? 
ATOM   214  C C   . LEU A 1 33  ? -2.334  18.298  -14.544 1.000 40.515  0 33  LEU A C   1 ? 
ATOM   215  O O   . LEU A 1 33  ? -2.733  17.374  -15.268 1.000 39.649  0 33  LEU A O   1 ? 
ATOM   216  C CB  . LEU A 1 33  ? -0.860  17.128  -12.905 1.000 32.676  0 33  LEU A CB  1 ? 
ATOM   217  C CG  . LEU A 1 33  ? -0.342  16.958  -11.483 1.000 32.784  0 33  LEU A CG  1 ? 
ATOM   218  C CD1 . LEU A 1 33  ? 0.692   15.866  -11.436 1.000 34.363  0 33  LEU A CD1 1 ? 
ATOM   219  C CD2 . LEU A 1 33  ? 0.232   18.247  -10.921 1.000 32.148  0 33  LEU A CD2 1 ? 
ATOM   220  N N   . PRO A 1 34  ? -2.127  19.553  -15.008 1.000 41.196  0 34  PRO A N   1 ? 
ATOM   221  C CA  . PRO A 1 34  ? -2.286  19.875  -16.424 1.000 38.055  0 34  PRO A CA  1 ? 
ATOM   222  C C   . PRO A 1 34  ? -1.477  18.844  -17.211 1.000 36.467  0 34  PRO A C   1 ? 
ATOM   223  O O   . PRO A 1 34  ? -2.047  18.173  -18.043 1.000 37.389  0 34  PRO A O   1 ? 
ATOM   224  C CB  . PRO A 1 34  ? -1.784  21.321  -16.518 1.000 36.839  0 34  PRO A CB  1 ? 
ATOM   225  C CG  . PRO A 1 34  ? -2.045  21.883  -15.133 1.000 38.315  0 34  PRO A CG  1 ? 
ATOM   226  C CD  . PRO A 1 34  ? -1.759  20.724  -14.193 1.000 40.402  0 34  PRO A CD  1 ? 
ATOM   227  N N   . THR A 1 35  ? -0.217  18.649  -16.828 1.000 38.860  0 35  THR A N   1 ? 
ATOM   228  C CA  . THR A 1 35  ? 0.667   17.574  -17.368 1.000 46.267  0 35  THR A CA  1 ? 
ATOM   229  C C   . THR A 1 35  ? 1.361   16.853  -16.199 1.000 40.866  0 35  THR A C   1 ? 
ATOM   230  O O   . THR A 1 35  ? 1.739   17.531  -15.240 1.000 40.038  0 35  THR A O   1 ? 
ATOM   231  C CB  . THR A 1 35  ? 1.655   18.156  -18.396 1.000 49.044  0 35  THR A CB  1 ? 
ATOM   232  O OG1 . THR A 1 35  ? 2.497   17.096  -18.860 1.000 45.400  0 35  THR A OG1 1 ? 
ATOM   233  C CG2 . THR A 1 35  ? 2.493   19.288  -17.830 1.000 49.154  0 35  THR A CG2 1 ? 
ATOM   234  N N   . ILE A 1 36  ? 1.503   15.532  -16.277 1.000 43.909  0 36  ILE A N   1 ? 
ATOM   235  C CA  . ILE A 1 36  ? 2.211   14.696  -15.256 1.000 52.204  0 36  ILE A CA  1 ? 
ATOM   236  C C   . ILE A 1 36  ? 3.722   14.754  -15.535 1.000 51.322  0 36  ILE A C   1 ? 
ATOM   237  O O   . ILE A 1 36  ? 4.171   14.063  -16.462 1.000 48.331  0 36  ILE A O   1 ? 
ATOM   238  C CB  . ILE A 1 36  ? 1.694   13.237  -15.261 1.000 56.474  0 36  ILE A CB  1 ? 
ATOM   239  C CG1 . ILE A 1 36  ? 0.220   13.126  -14.854 1.000 51.434  0 36  ILE A CG1 1 ? 
ATOM   240  C CG2 . ILE A 1 36  ? 2.567   12.362  -14.377 1.000 63.458  0 36  ILE A CG2 1 ? 
ATOM   241  C CD1 . ILE A 1 36  ? -0.429  11.825  -15.269 1.000 48.395  0 36  ILE A CD1 1 ? 
ATOM   242  N N   . LYS A 1 37  ? 4.469   15.512  -14.725 1.000 52.686  0 37  LYS A N   1 ? 
ATOM   243  C CA  . LYS A 1 37  ? 5.905   15.831  -14.932 1.000 60.426  0 37  LYS A CA  1 ? 
ATOM   244  C C   . LYS A 1 37  ? 6.679   15.352  -13.704 1.000 61.700  0 37  LYS A C   1 ? 
ATOM   245  O O   . LYS A 1 37  ? 6.627   16.054  -12.673 1.000 65.401  0 37  LYS A O   1 ? 
ATOM   246  C CB  . LYS A 1 37  ? 6.110   17.334  -15.167 1.000 67.049  0 37  LYS A CB  1 ? 
ATOM   247  C CG  . LYS A 1 37  ? 5.293   18.252  -14.256 1.000 83.291  0 37  LYS A CG  1 ? 
ATOM   248  C CD  . LYS A 1 37  ? 5.180   19.700  -14.739 1.000 92.137  0 37  LYS A CD  1 ? 
ATOM   249  C CE  . LYS A 1 37  ? 4.174   20.515  -13.946 1.000 89.262  0 37  LYS A CE  1 ? 
ATOM   250  N NZ  . LYS A 1 37  ? 2.777   20.071  -14.195 1.000 89.246  0 37  LYS A NZ  1 ? 
ATOM   251  N N   . LEU A 1 38  ? 7.319   14.178  -13.803 1.000 55.669  0 38  LEU A N   1 ? 
ATOM   252  C CA  . LEU A 1 38  ? 8.135   13.562  -12.722 1.000 52.043  0 38  LEU A CA  1 ? 
ATOM   253  C C   . LEU A 1 38  ? 9.584   13.450  -13.209 1.000 57.030  0 38  LEU A C   1 ? 
ATOM   254  O O   . LEU A 1 38  ? 9.805   12.816  -14.248 1.000 61.432  0 38  LEU A O   1 ? 
ATOM   255  C CB  . LEU A 1 38  ? 7.551   12.193  -12.362 1.000 46.257  0 38  LEU A CB  1 ? 
ATOM   256  C CG  . LEU A 1 38  ? 6.030   12.143  -12.251 1.000 46.503  0 38  LEU A CG  1 ? 
ATOM   257  C CD1 . LEU A 1 38  ? 5.515   10.716  -12.087 1.000 42.843  0 38  LEU A CD1 1 ? 
ATOM   258  C CD2 . LEU A 1 38  ? 5.545   13.021  -11.110 1.000 50.572  0 38  LEU A CD2 1 ? 
ATOM   259  N N   . ASN A 1 39  ? 10.523  14.072  -12.485 1.000 63.214  0 39  ASN A N   1 ? 
ATOM   260  C CA  . ASN A 1 39  ? 11.947  14.223  -12.886 1.000 61.166  0 39  ASN A CA  1 ? 
ATOM   261  C C   . ASN A 1 39  ? 12.002  14.481  -14.394 1.000 59.616  0 39  ASN A C   1 ? 
ATOM   262  O O   . ASN A 1 39  ? 12.609  13.669  -15.106 1.000 68.400  0 39  ASN A O   1 ? 
ATOM   263  C CB  . ASN A 1 39  ? 12.788  13.001  -12.487 1.000 61.673  0 39  ASN A CB  1 ? 
ATOM   264  C CG  . ASN A 1 39  ? 14.282  13.178  -12.709 1.000 62.366  0 39  ASN A CG  1 ? 
ATOM   265  O OD1 . ASN A 1 39  ? 14.777  14.291  -12.911 1.000 54.392  0 39  ASN A OD1 1 ? 
ATOM   266  N ND2 . ASN A 1 39  ? 15.017  12.078  -12.671 1.000 63.690  0 39  ASN A ND2 1 ? 
ATOM   267  N N   . GLY A 1 40  ? 11.339  15.536  -14.861 1.000 58.134  0 40  GLY A N   1 ? 
ATOM   268  C CA  . GLY A 1 40  ? 11.559  16.119  -16.205 1.000 57.893  0 40  GLY A CA  1 ? 
ATOM   269  C C   . GLY A 1 40  ? 10.889  15.324  -17.318 1.000 54.664  0 40  GLY A C   1 ? 
ATOM   270  O O   . GLY A 1 40  ? 11.067  15.697  -18.506 1.000 47.291  0 40  GLY A O   1 ? 
ATOM   271  N N   . ILE A 1 41  ? 10.126  14.288  -16.954 1.000 55.974  0 41  ILE A N   1 ? 
ATOM   272  C CA  . ILE A 1 41  ? 9.463   13.350  -17.904 1.000 55.893  0 41  ILE A CA  1 ? 
ATOM   273  C C   . ILE A 1 41  ? 7.954   13.586  -17.838 1.000 50.884  0 41  ILE A C   1 ? 
ATOM   274  O O   . ILE A 1 41  ? 7.397   13.518  -16.736 1.000 50.192  0 41  ILE A O   1 ? 
ATOM   275  C CB  . ILE A 1 41  ? 9.819   11.890  -17.570 1.000 61.288  0 41  ILE A CB  1 ? 
ATOM   276  C CG1 . ILE A 1 41  ? 11.328  11.675  -17.449 1.000 58.380  0 41  ILE A CG1 1 ? 
ATOM   277  C CG2 . ILE A 1 41  ? 9.193   10.938  -18.584 1.000 71.134  0 41  ILE A CG2 1 ? 
ATOM   278  C CD1 . ILE A 1 41  ? 11.701  10.504  -16.564 1.000 64.039  0 41  ILE A CD1 1 ? 
ATOM   279  N N   . GLU A 1 42  ? 7.336   13.857  -18.982 1.000 51.677  0 42  GLU A N   1 ? 
ATOM   280  C CA  . GLU A 1 42  ? 5.868   14.006  -19.128 1.000 54.346  0 42  GLU A CA  1 ? 
ATOM   281  C C   . GLU A 1 42  ? 5.272   12.626  -19.408 1.000 52.482  0 42  GLU A C   1 ? 
ATOM   282  O O   . GLU A 1 42  ? 5.754   11.922  -20.319 1.000 54.861  0 42  GLU A O   1 ? 
ATOM   283  C CB  . GLU A 1 42  ? 5.527   15.013  -20.223 1.000 59.513  0 42  GLU A CB  1 ? 
ATOM   284  C CG  . GLU A 1 42  ? 5.872   16.440  -19.844 1.000 70.939  0 42  GLU A CG  1 ? 
ATOM   285  C CD  . GLU A 1 42  ? 5.400   17.490  -20.839 1.000 79.496  0 42  GLU A CD  1 ? 
ATOM   286  O OE1 . GLU A 1 42  ? 5.294   17.162  -22.041 1.000 70.402  0 42  GLU A OE1 1 ? 
ATOM   287  O OE2 . GLU A 1 42  ? 5.129   18.633  -20.402 1.000 88.928  0 42  GLU A OE2 1 ? 
ATOM   288  N N   . TYR A 1 43  ? 4.300   12.230  -18.596 1.000 50.989  0 43  TYR A N   1 ? 
ATOM   289  C CA  . TYR A 1 43  ? 3.541   10.976  -18.761 1.000 49.001  0 43  TYR A CA  1 ? 
ATOM   290  C C   . TYR A 1 43  ? 2.088   11.333  -19.103 1.000 52.441  0 43  TYR A C   1 ? 
ATOM   291  O O   . TYR A 1 43  ? 1.537   12.329  -18.525 1.000 48.739  0 43  TYR A O   1 ? 
ATOM   292  C CB  . TYR A 1 43  ? 3.676   10.128  -17.495 1.000 48.641  0 43  TYR A CB  1 ? 
ATOM   293  C CG  . TYR A 1 43  ? 5.082   9.740   -17.095 1.000 41.175  0 43  TYR A CG  1 ? 
ATOM   294  C CD1 . TYR A 1 43  ? 5.783   10.482  -16.164 1.000 40.330  0 43  TYR A CD1 1 ? 
ATOM   295  C CD2 . TYR A 1 43  ? 5.679   8.587   -17.571 1.000 39.666  0 43  TYR A CD2 1 ? 
ATOM   296  C CE1 . TYR A 1 43  ? 7.055   10.119  -15.749 1.000 38.803  0 43  TYR A CE1 1 ? 
ATOM   297  C CE2 . TYR A 1 43  ? 6.957   8.215   -17.178 1.000 39.936  0 43  TYR A CE2 1 ? 
ATOM   298  C CZ  . TYR A 1 43  ? 7.647   8.977   -16.256 1.000 40.067  0 43  TYR A CZ  1 ? 
ATOM   299  O OH  . TYR A 1 43  ? 8.899   8.605   -15.833 1.000 45.792  0 43  TYR A OH  1 ? 
ATOM   300  N N   . LYS A 1 44  ? 1.487   10.558  -20.019 1.000 55.390  0 44  LYS A N   1 ? 
ATOM   301  C CA  . LYS A 1 44  ? 0.032   10.607  -20.336 1.000 59.644  0 44  LYS A CA  1 ? 
ATOM   302  C C   . LYS A 1 44  ? -0.736  10.183  -19.078 1.000 62.176  0 44  LYS A C   1 ? 
ATOM   303  O O   . LYS A 1 44  ? -1.538  10.991  -18.552 1.000 59.101  0 44  LYS A O   1 ? 
ATOM   304  C CB  . LYS A 1 44  ? -0.350  9.654   -21.479 1.000 66.145  0 44  LYS A CB  1 ? 
ATOM   305  C CG  . LYS A 1 44  ? 0.588   9.579   -22.689 1.000 72.641  0 44  LYS A CG  1 ? 
ATOM   306  C CD  . LYS A 1 44  ? 0.216   8.484   -23.703 1.000 78.057  0 44  LYS A CD  1 ? 
ATOM   307  C CE  . LYS A 1 44  ? -0.668  7.389   -23.118 1.000 88.067  0 44  LYS A CE  1 ? 
ATOM   308  N NZ  . LYS A 1 44  ? -1.109  6.399   -24.129 1.000 91.568  0 44  LYS A NZ  1 ? 
ATOM   309  N N   . ASP A 1 45  ? -0.443  8.970   -18.594 1.000 61.757  0 45  ASP A N   1 ? 
ATOM   310  C CA  . ASP A 1 45  ? -1.195  8.271   -17.524 1.000 54.167  0 45  ASP A CA  1 ? 
ATOM   311  C C   . ASP A 1 45  ? -0.215  7.598   -16.560 1.000 50.434  0 45  ASP A C   1 ? 
ATOM   312  O O   . ASP A 1 45  ? 0.996   7.591   -16.839 1.000 53.822  0 45  ASP A O   1 ? 
ATOM   313  C CB  . ASP A 1 45  ? -2.141  7.234   -18.135 1.000 56.218  0 45  ASP A CB  1 ? 
ATOM   314  C CG  . ASP A 1 45  ? -3.458  7.078   -17.396 1.000 60.077  0 45  ASP A CG  1 ? 
ATOM   315  O OD1 . ASP A 1 45  ? -3.810  7.990   -16.590 1.000 53.439  0 45  ASP A OD1 1 ? 
ATOM   316  O OD2 . ASP A 1 45  ? -4.135  6.047   -17.640 1.000 69.811  0 45  ASP A OD2 1 ? 
ATOM   317  N N   . PHE A 1 46  ? -0.748  7.042   -15.474 1.000 43.820  0 46  PHE A N   1 ? 
ATOM   318  C CA  . PHE A 1 46  ? -0.012  6.327   -14.411 1.000 37.506  0 46  PHE A CA  1 ? 
ATOM   319  C C   . PHE A 1 46  ? -0.749  5.036   -14.077 1.000 34.084  0 46  PHE A C   1 ? 
ATOM   320  O O   . PHE A 1 46  ? -1.978  4.975   -14.244 1.000 39.268  0 46  PHE A O   1 ? 
ATOM   321  C CB  . PHE A 1 46  ? 0.123   7.211   -13.170 1.000 38.964  0 46  PHE A CB  1 ? 
ATOM   322  C CG  . PHE A 1 46  ? -1.184  7.552   -12.506 1.000 41.554  0 46  PHE A CG  1 ? 
ATOM   323  C CD1 . PHE A 1 46  ? -1.634  6.834   -11.407 1.000 43.828  0 46  PHE A CD1 1 ? 
ATOM   324  C CD2 . PHE A 1 46  ? -1.975  8.577   -12.989 1.000 42.795  0 46  PHE A CD2 1 ? 
ATOM   325  C CE1 . PHE A 1 46  ? -2.845  7.139   -10.807 1.000 42.436  0 46  PHE A CE1 1 ? 
ATOM   326  C CE2 . PHE A 1 46  ? -3.193  8.870   -12.401 1.000 41.930  0 46  PHE A CE2 1 ? 
ATOM   327  C CZ  . PHE A 1 46  ? -3.627  8.153   -11.311 1.000 42.828  0 46  PHE A CZ  1 ? 
ATOM   328  N N   . VAL A 1 47  ? -0.001  4.027   -13.657 1.000 32.696  0 47  VAL A N   1 ? 
ATOM   329  C CA  . VAL A 1 47  ? -0.494  2.929   -12.787 1.000 35.139  0 47  VAL A CA  1 ? 
ATOM   330  C C   . VAL A 1 47  ? 0.075   3.134   -11.384 1.000 34.269  0 47  VAL A C   1 ? 
ATOM   331  O O   . VAL A 1 47  ? 1.273   3.513   -11.244 1.000 30.007  0 47  VAL A O   1 ? 
ATOM   332  C CB  . VAL A 1 47  ? -0.099  1.532   -13.287 1.000 40.377  0 47  VAL A CB  1 ? 
ATOM   333  C CG1 . VAL A 1 47  ? -1.109  0.496   -12.815 1.000 41.116  0 47  VAL A CG1 1 ? 
ATOM   334  C CG2 . VAL A 1 47  ? 0.079   1.483   -14.788 1.000 44.184  0 47  VAL A CG2 1 ? 
ATOM   335  N N   . PHE A 1 48  ? -0.746  2.823   -10.393 1.000 33.797  0 48  PHE A N   1 ? 
ATOM   336  C CA  . PHE A 1 48  ? -0.384  2.784   -8.960  1.000 33.612  0 48  PHE A CA  1 ? 
ATOM   337  C C   . PHE A 1 48  ? -0.434  1.326   -8.508  1.000 31.175  0 48  PHE A C   1 ? 
ATOM   338  O O   . PHE A 1 48  ? -1.521  0.721   -8.466  1.000 27.976  0 48  PHE A O   1 ? 
ATOM   339  C CB  . PHE A 1 48  ? -1.329  3.691   -8.181  1.000 35.629  0 48  PHE A CB  1 ? 
ATOM   340  C CG  . PHE A 1 48  ? -0.814  4.154   -6.854  1.000 40.790  0 48  PHE A CG  1 ? 
ATOM   341  C CD1 . PHE A 1 48  ? 0.541   4.230   -6.611  1.000 50.518  0 48  PHE A CD1 1 ? 
ATOM   342  C CD2 . PHE A 1 48  ? -1.690  4.538   -5.851  1.000 49.663  0 48  PHE A CD2 1 ? 
ATOM   343  C CE1 . PHE A 1 48  ? 1.017   4.676   -5.390  1.000 54.178  0 48  PHE A CE1 1 ? 
ATOM   344  C CE2 . PHE A 1 48  ? -1.215  4.966   -4.621  1.000 52.110  0 48  PHE A CE2 1 ? 
ATOM   345  C CZ  . PHE A 1 48  ? 0.139   5.046   -4.402  1.000 53.396  0 48  PHE A CZ  1 ? 
ATOM   346  N N   . ASN A 1 49  ? 0.735   0.752   -8.262  1.000 31.221  0 49  ASN A N   1 ? 
ATOM   347  C CA  . ASN A 1 49  ? 0.889   -0.645  -7.787  1.000 29.999  0 49  ASN A CA  1 ? 
ATOM   348  C C   . ASN A 1 49  ? 0.998   -0.596  -6.287  1.000 26.176  0 49  ASN A C   1 ? 
ATOM   349  O O   . ASN A 1 49  ? 1.934   0.053   -5.795  1.000 27.256  0 49  ASN A O   1 ? 
ATOM   350  C CB  . ASN A 1 49  ? 2.115   -1.326  -8.390  1.000 33.781  0 49  ASN A CB  1 ? 
ATOM   351  C CG  . ASN A 1 49  ? 2.052   -1.389  -9.898  1.000 35.588  0 49  ASN A CG  1 ? 
ATOM   352  O OD1 . ASN A 1 49  ? 2.939   -0.898  -10.580 1.000 43.847  0 49  ASN A OD1 1 ? 
ATOM   353  N ND2 . ASN A 1 49  ? 0.994   -1.968  -10.430 1.000 36.269  0 49  ASN A ND2 1 ? 
ATOM   354  N N   . ILE A 1 50  ? 0.021   -1.170  -5.606  1.000 27.212  0 50  ILE A N   1 ? 
ATOM   355  C CA  . ILE A 1 50  ? 0.020   -1.340  -4.121  1.000 25.411  0 50  ILE A CA  1 ? 
ATOM   356  C C   . ILE A 1 50  ? 0.567   -2.725  -3.825  1.000 24.020  0 50  ILE A C   1 ? 
ATOM   357  O O   . ILE A 1 50  ? -0.081  -3.729  -4.236  1.000 22.730  0 50  ILE A O   1 ? 
ATOM   358  C CB  . ILE A 1 50  ? -1.390  -1.164  -3.558  1.000 25.230  0 50  ILE A CB  1 ? 
ATOM   359  C CG1 . ILE A 1 50  ? -1.919  0.227   -3.875  1.000 25.298  0 50  ILE A CG1 1 ? 
ATOM   360  C CG2 . ILE A 1 50  ? -1.446  -1.487  -2.075  1.000 24.980  0 50  ILE A CG2 1 ? 
ATOM   361  C CD1 . ILE A 1 50  ? -3.382  0.212   -4.089  1.000 28.991  0 50  ILE A CD1 1 ? 
ATOM   362  N N   . ILE A 1 51  ? 1.707   -2.764  -3.154  1.000 23.600  0 51  ILE A N   1 ? 
ATOM   363  C CA  . ILE A 1 51  ? 2.440   -4.010  -2.822  1.000 25.127  0 51  ILE A CA  1 ? 
ATOM   364  C C   . ILE A 1 51  ? 1.963   -4.499  -1.463  1.000 23.566  0 51  ILE A C   1 ? 
ATOM   365  O O   . ILE A 1 51  ? 2.192   -3.821  -0.483  1.000 20.893  0 51  ILE A O   1 ? 
ATOM   366  C CB  . ILE A 1 51  ? 3.948   -3.761  -2.821  1.000 26.430  0 51  ILE A CB  1 ? 
ATOM   367  C CG1 . ILE A 1 51  ? 4.396   -3.119  -4.129  1.000 29.092  0 51  ILE A CG1 1 ? 
ATOM   368  C CG2 . ILE A 1 51  ? 4.690   -5.040  -2.532  1.000 25.872  0 51  ILE A CG2 1 ? 
ATOM   369  C CD1 . ILE A 1 51  ? 5.542   -2.154  -3.931  1.000 33.993  0 51  ILE A CD1 1 ? 
ATOM   370  N N   . ILE A 1 52  ? 1.349   -5.663  -1.421  1.000 25.004  0 52  ILE A N   1 ? 
ATOM   371  C CA  . ILE A 1 52  ? 0.988   -6.303  -0.140  1.000 28.344  0 52  ILE A CA  1 ? 
ATOM   372  C C   . ILE A 1 52  ? 2.192   -7.112  0.355   1.000 34.151  0 52  ILE A C   1 ? 
ATOM   373  O O   . ILE A 1 52  ? 2.691   -8.000  -0.343  1.000 33.377  0 52  ILE A O   1 ? 
ATOM   374  C CB  . ILE A 1 52  ? -0.290  -7.124  -0.309  1.000 26.713  0 52  ILE A CB  1 ? 
ATOM   375  C CG1 . ILE A 1 52  ? -1.389  -6.298  -0.980  1.000 27.772  0 52  ILE A CG1 1 ? 
ATOM   376  C CG2 . ILE A 1 52  ? -0.739  -7.662  1.030   1.000 27.656  0 52  ILE A CG2 1 ? 
ATOM   377  C CD1 . ILE A 1 52  ? -1.787  -5.035  -0.232  1.000 26.428  0 52  ILE A CD1 1 ? 
ATOM   378  N N   . PRO A 1 53  ? 2.712   -6.814  1.575   1.000 38.337  0 53  PRO A N   1 ? 
ATOM   379  C CA  . PRO A 1 53  ? 3.852   -7.545  2.119   1.000 36.455  0 53  PRO A CA  1 ? 
ATOM   380  C C   . PRO A 1 53  ? 3.454   -9.011  2.293   1.000 39.736  0 53  PRO A C   1 ? 
ATOM   381  O O   . PRO A 1 53  ? 2.259   -9.230  2.578   1.000 34.048  0 53  PRO A O   1 ? 
ATOM   382  C CB  . PRO A 1 53  ? 4.140   -6.913  3.493   1.000 38.671  0 53  PRO A CB  1 ? 
ATOM   383  C CG  . PRO A 1 53  ? 3.226   -5.675  3.587   1.000 38.184  0 53  PRO A CG  1 ? 
ATOM   384  C CD  . PRO A 1 53  ? 2.152   -5.840  2.534   1.000 37.414  0 53  PRO A CD  1 ? 
ATOM   385  N N   . ASN A 1 54  ? 4.406   -9.957  2.118   1.000 44.014  0 54  ASN A N   1 ? 
ATOM   386  C CA  . ASN A 1 54  ? 4.140   -11.419 2.271   1.000 45.798  0 54  ASN A CA  1 ? 
ATOM   387  C C   . ASN A 1 54  ? 4.013   -11.737 3.770   1.000 44.283  0 54  ASN A C   1 ? 
ATOM   388  O O   . ASN A 1 54  ? 3.248   -12.684 4.111   1.000 45.985  0 54  ASN A O   1 ? 
ATOM   389  C CB  . ASN A 1 54  ? 5.137   -12.305 1.507   1.000 51.136  0 54  ASN A CB  1 ? 
ATOM   390  C CG  . ASN A 1 54  ? 6.580   -12.153 1.939   1.000 59.175  0 54  ASN A CG  1 ? 
ATOM   391  O OD1 . ASN A 1 54  ? 6.928   -12.454 3.078   1.000 71.783  0 54  ASN A OD1 1 ? 
ATOM   392  N ND2 . ASN A 1 54  ? 7.439   -11.730 1.024   1.000 61.009  0 54  ASN A ND2 1 ? 
ATOM   393  N N   . ASP A 1 55  ? 4.623   -10.914 4.633   1.000 40.816  0 55  ASP A N   1 ? 
ATOM   394  C CA  . ASP A 1 55  ? 4.589   -11.080 6.112   1.000 44.489  0 55  ASP A CA  1 ? 
ATOM   395  C C   . ASP A 1 55  ? 4.356   -9.725  6.813   1.000 35.711  0 55  ASP A C   1 ? 
ATOM   396  O O   . ASP A 1 55  ? 4.917   -8.713  6.375   1.000 31.978  0 55  ASP A O   1 ? 
ATOM   397  C CB  . ASP A 1 55  ? 5.882   -11.742 6.613   1.000 51.386  0 55  ASP A CB  1 ? 
ATOM   398  C CG  . ASP A 1 55  ? 6.001   -11.710 8.130   1.000 65.308  0 55  ASP A CG  1 ? 
ATOM   399  O OD1 . ASP A 1 55  ? 5.102   -12.283 8.807   1.000 79.813  0 55  ASP A OD1 1 ? 
ATOM   400  O OD2 . ASP A 1 55  ? 6.952   -11.065 8.635   1.000 74.620  0 55  ASP A OD2 1 ? 
ATOM   401  N N   . LEU A 1 56  ? 3.657   -9.740  7.945   1.000 32.399  0 56  LEU A N   1 ? 
ATOM   402  C CA  . LEU A 1 56  ? 3.288   -8.528  8.730   1.000 31.238  0 56  LEU A CA  1 ? 
ATOM   403  C C   . LEU A 1 56  ? 4.325   -8.275  9.833   1.000 31.141  0 56  LEU A C   1 ? 
ATOM   404  O O   . LEU A 1 56  ? 4.785   -9.263  10.431  1.000 31.086  0 56  LEU A O   1 ? 
ATOM   405  C CB  . LEU A 1 56  ? 1.893   -8.749  9.323   1.000 31.471  0 56  LEU A CB  1 ? 
ATOM   406  C CG  . LEU A 1 56  ? 0.836   -7.697  8.996   1.000 33.073  0 56  LEU A CG  1 ? 
ATOM   407  C CD1 . LEU A 1 56  ? 0.934   -7.227  7.556   1.000 33.659  0 56  LEU A CD1 1 ? 
ATOM   408  C CD2 . LEU A 1 56  ? -0.554  -8.229  9.276   1.000 31.945  0 56  LEU A CD2 1 ? 
ATOM   409  N N   . ASP A 1 57  ? 4.629   -6.988  10.097  1.000 31.659  0 57  ASP A N   1 ? 
ATOM   410  C CA  . ASP A 1 57  ? 5.558   -6.471  11.143  1.000 31.491  0 57  ASP A CA  1 ? 
ATOM   411  C C   . ASP A 1 57  ? 5.043   -5.115  11.671  1.000 31.065  0 57  ASP A C   1 ? 
ATOM   412  O O   . ASP A 1 57  ? 4.296   -4.439  10.976  1.000 31.841  0 57  ASP A O   1 ? 
ATOM   413  C CB  . ASP A 1 57  ? 6.990   -6.365  10.592  1.000 35.698  0 57  ASP A CB  1 ? 
ATOM   414  C CG  . ASP A 1 57  ? 8.070   -6.335  11.670  1.000 37.193  0 57  ASP A CG  1 ? 
ATOM   415  O OD1 . ASP A 1 57  ? 8.295   -5.259  12.260  1.000 39.617  0 57  ASP A OD1 1 ? 
ATOM   416  O OD2 . ASP A 1 57  ? 8.648   -7.396  11.942  1.000 45.687  0 57  ASP A OD2 1 ? 
ATOM   417  N N   . ALA A 1 58  ? 5.452   -4.696  12.861  1.000 34.293  0 58  ALA A N   1 ? 
ATOM   418  C CA  . ALA A 1 58  ? 5.149   -3.339  13.373  1.000 35.811  0 58  ALA A CA  1 ? 
ATOM   419  C C   . ALA A 1 58  ? 5.785   -2.300  12.443  1.000 37.661  0 58  ALA A C   1 ? 
ATOM   420  O O   . ALA A 1 58  ? 5.201   -1.186  12.312  1.000 42.361  0 58  ALA A O   1 ? 
ATOM   421  C CB  . ALA A 1 58  ? 5.616   -3.165  14.798  1.000 34.411  0 58  ALA A CB  1 ? 
ATOM   422  N N   . ASP A 1 59  ? 6.941   -2.623  11.843  1.000 35.368  0 59  ASP A N   1 ? 
ATOM   423  C CA  . ASP A 1 59  ? 7.734   -1.660  11.019  1.000 33.454  0 59  ASP A CA  1 ? 
ATOM   424  C C   . ASP A 1 59  ? 7.665   -2.074  9.548   1.000 31.413  0 59  ASP A C   1 ? 
ATOM   425  O O   . ASP A 1 59  ? 8.615   -2.710  9.046   1.000 34.547  0 59  ASP A O   1 ? 
ATOM   426  C CB  . ASP A 1 59  ? 9.169   -1.523  11.521  1.000 32.808  0 59  ASP A CB  1 ? 
ATOM   427  C CG  . ASP A 1 59  ? 9.792   -0.174  11.192  1.000 34.440  0 59  ASP A CG  1 ? 
ATOM   428  O OD1 . ASP A 1 59  ? 9.245   0.546   10.328  1.000 32.961  0 59  ASP A OD1 1 ? 
ATOM   429  O OD2 . ASP A 1 59  ? 10.851  0.127   11.769  1.000 41.463  0 59  ASP A OD2 1 ? 
ATOM   430  N N   . ILE A 1 60  ? 6.547   -1.759  8.908   1.000 29.043  0 60  ILE A N   1 ? 
ATOM   431  C CA  . ILE A 1 60  ? 6.301   -2.030  7.470   1.000 27.566  0 60  ILE A CA  1 ? 
ATOM   432  C C   . ILE A 1 60  ? 7.050   -0.959  6.677   1.000 27.054  0 60  ILE A C   1 ? 
ATOM   433  O O   . ILE A 1 60  ? 7.408   -1.213  5.528   1.000 25.131  0 60  ILE A O   1 ? 
ATOM   434  C CB  . ILE A 1 60  ? 4.780   -2.058  7.169   1.000 28.184  0 60  ILE A CB  1 ? 
ATOM   435  C CG1 . ILE A 1 60  ? 4.119   -3.320  7.727   1.000 27.231  0 60  ILE A CG1 1 ? 
ATOM   436  C CG2 . ILE A 1 60  ? 4.480   -1.913  5.673   1.000 28.865  0 60  ILE A CG2 1 ? 
ATOM   437  C CD1 . ILE A 1 60  ? 4.710   -4.609  7.194   1.000 26.425  0 60  ILE A CD1 1 ? 
ATOM   438  N N   . LYS A 1 61  ? 7.255   0.212   7.260   1.000 27.683  0 61  LYS A N   1 ? 
ATOM   439  C CA  . LYS A 1 61  ? 7.966   1.319   6.582   1.000 28.802  0 61  LYS A CA  1 ? 
ATOM   440  C C   . LYS A 1 61  ? 9.416   0.889   6.383   1.000 27.863  0 61  LYS A C   1 ? 
ATOM   441  O O   . LYS A 1 61  ? 9.998   1.239   5.350   1.000 25.892  0 61  LYS A O   1 ? 
ATOM   442  C CB  . LYS A 1 61  ? 7.825   2.572   7.430   1.000 33.632  0 61  LYS A CB  1 ? 
ATOM   443  C CG  . LYS A 1 61  ? 8.632   3.775   6.995   1.000 40.382  0 61  LYS A CG  1 ? 
ATOM   444  C CD  . LYS A 1 61  ? 8.387   4.950   7.937   1.000 46.071  0 61  LYS A CD  1 ? 
ATOM   445  C CE  . LYS A 1 61  ? 8.948   6.267   7.436   1.000 54.109  0 61  LYS A CE  1 ? 
ATOM   446  N NZ  . LYS A 1 61  ? 8.858   7.311   8.489   1.000 59.632  0 61  LYS A NZ  1 ? 
ATOM   447  N N   . ARG A 1 62  ? 9.963   0.116   7.327   1.000 26.454  0 62  ARG A N   1 ? 
ATOM   448  C CA  . ARG A 1 62  ? 11.367  -0.355  7.252   1.000 28.307  0 62  ARG A CA  1 ? 
ATOM   449  C C   . ARG A 1 62  ? 11.453  -1.463  6.202   1.000 28.392  0 62  ARG A C   1 ? 
ATOM   450  O O   . ARG A 1 62  ? 12.388  -1.425  5.391   1.000 26.348  0 62  ARG A O   1 ? 
ATOM   451  C CB  . ARG A 1 62  ? 11.850  -0.867  8.603   1.000 28.184  0 62  ARG A CB  1 ? 
ATOM   452  C CG  . ARG A 1 62  ? 13.226  -1.494  8.545   1.000 28.015  0 62  ARG A CG  1 ? 
ATOM   453  C CD  . ARG A 1 62  ? 13.799  -1.543  9.936   1.000 29.820  0 62  ARG A CD  1 ? 
ATOM   454  N NE  . ARG A 1 62  ? 15.108  -2.156  9.928   1.000 30.006  0 62  ARG A NE  1 ? 
ATOM   455  C CZ  . ARG A 1 62  ? 15.628  -2.846  10.932  1.000 30.512  0 62  ARG A CZ  1 ? 
ATOM   456  N NH1 . ARG A 1 62  ? 16.841  -3.386  10.815  1.000 28.151  0 62  ARG A NH1 1 ? 
ATOM   457  N NH2 . ARG A 1 62  ? 14.931  -2.998  12.047  1.000 30.153  0 62  ARG A NH2 1 ? 
ATOM   458  N N   . ARG A 1 63  ? 10.495  -2.395  6.227   1.000 25.684  0 63  ARG A N   1 ? 
ATOM   459  C CA  . ARG A 1 63  ? 10.294  -3.423  5.177   1.000 25.242  0 63  ARG A CA  1 ? 
ATOM   460  C C   . ARG A 1 63  ? 10.175  -2.796  3.784   1.000 24.622  0 63  ARG A C   1 ? 
ATOM   461  O O   . ARG A 1 63  ? 10.794  -3.320  2.870   1.000 26.408  0 63  ARG A O   1 ? 
ATOM   462  C CB  . ARG A 1 63  ? 9.019   -4.215  5.402   1.000 24.957  0 63  ARG A CB  1 ? 
ATOM   463  C CG  . ARG A 1 63  ? 8.782   -5.174  4.263   1.000 26.875  0 63  ARG A CG  1 ? 
ATOM   464  C CD  . ARG A 1 63  ? 7.703   -6.195  4.520   1.000 29.347  0 63  ARG A CD  1 ? 
ATOM   465  N NE  . ARG A 1 63  ? 8.097   -7.372  3.779   1.000 30.690  0 63  ARG A NE  1 ? 
ATOM   466  C CZ  . ARG A 1 63  ? 8.246   -8.564  4.297   1.000 33.890  0 63  ARG A CZ  1 ? 
ATOM   467  N NH1 . ARG A 1 63  ? 7.908   -8.781  5.558   1.000 38.141  0 63  ARG A NH1 1 ? 
ATOM   468  N NH2 . ARG A 1 63  ? 8.710   -9.549  3.545   1.000 36.128  0 63  ARG A NH2 1 ? 
ATOM   469  N N   . ALA A 1 64  ? 9.357   -1.757  3.638   1.000 24.091  0 64  ALA A N   1 ? 
ATOM   470  C CA  . ALA A 1 64  ? 9.141   -1.006  2.390   1.000 23.888  0 64  ALA A CA  1 ? 
ATOM   471  C C   . ALA A 1 64  ? 10.463  -0.422  1.928   1.000 23.576  0 64  ALA A C   1 ? 
ATOM   472  O O   . ALA A 1 64  ? 10.771  -0.579  0.765   1.000 22.819  0 64  ALA A O   1 ? 
ATOM   473  C CB  . ALA A 1 64  ? 8.098   0.084   2.578   1.000 24.847  0 64  ALA A CB  1 ? 
ATOM   474  N N   . GLN A 1 65  ? 11.139  0.319   2.789   1.000 27.972  0 65  GLN A N   1 ? 
ATOM   475  C CA  . GLN A 1 65  ? 12.468  0.922   2.505   1.000 32.796  0 65  GLN A CA  1 ? 
ATOM   476  C C   . GLN A 1 65  ? 13.388  -0.146  1.877   1.000 28.613  0 65  GLN A C   1 ? 
ATOM   477  O O   . GLN A 1 65  ? 14.013  0.121   0.845   1.000 24.786  0 65  GLN A O   1 ? 
ATOM   478  C CB  . GLN A 1 65  ? 13.075  1.482   3.794   1.000 41.736  0 65  GLN A CB  1 ? 
ATOM   479  C CG  . GLN A 1 65  ? 13.530  2.931   3.687   1.000 51.895  0 65  GLN A CG  1 ? 
ATOM   480  C CD  . GLN A 1 65  ? 12.418  3.916   3.974   1.000 68.812  0 65  GLN A CD  1 ? 
ATOM   481  O OE1 . GLN A 1 65  ? 12.397  4.581   5.016   1.000 74.042  0 65  GLN A OE1 1 ? 
ATOM   482  N NE2 . GLN A 1 65  ? 11.476  4.015   3.043   1.000 76.706  0 65  GLN A NE2 1 ? 
ATOM   483  N N   . ILE A 1 66  ? 13.437  -1.339  2.450   1.000 26.966  0 66  ILE A N   1 ? 
ATOM   484  C CA  . ILE A 1 66  ? 14.366  -2.415  1.990   1.000 27.791  0 66  ILE A CA  1 ? 
ATOM   485  C C   . ILE A 1 66  ? 13.905  -2.915  0.618   1.000 28.766  0 66  ILE A C   1 ? 
ATOM   486  O O   . ILE A 1 66  ? 14.755  -3.117  -0.252  1.000 27.230  0 66  ILE A O   1 ? 
ATOM   487  C CB  . ILE A 1 66  ? 14.449  -3.560  3.013   1.000 24.216  0 66  ILE A CB  1 ? 
ATOM   488  C CG1 . ILE A 1 66  ? 15.140  -3.108  4.295   1.000 21.742  0 66  ILE A CG1 1 ? 
ATOM   489  C CG2 . ILE A 1 66  ? 15.137  -4.763  2.388   1.000 25.401  0 66  ILE A CG2 1 ? 
ATOM   490  C CD1 . ILE A 1 66  ? 14.940  -4.048  5.437   1.000 22.263  0 66  ILE A CD1 1 ? 
ATOM   491  N N   . TYR A 1 67  ? 12.594  -3.102  0.459   1.000 32.548  0 67  TYR A N   1 ? 
ATOM   492  C CA  . TYR A 1 67  ? 11.948  -3.621  -0.768  1.000 31.560  0 67  TYR A CA  1 ? 
ATOM   493  C C   . TYR A 1 67  ? 12.193  -2.655  -1.935  1.000 29.740  0 67  TYR A C   1 ? 
ATOM   494  O O   . TYR A 1 67  ? 12.660  -3.126  -2.969  1.000 32.218  0 67  TYR A O   1 ? 
ATOM   495  C CB  . TYR A 1 67  ? 10.459  -3.900  -0.537  1.000 32.438  0 67  TYR A CB  1 ? 
ATOM   496  C CG  . TYR A 1 67  ? 9.778   -4.552  -1.715  1.000 35.875  0 67  TYR A CG  1 ? 
ATOM   497  C CD1 . TYR A 1 67  ? 9.777   -5.930  -1.865  1.000 36.934  0 67  TYR A CD1 1 ? 
ATOM   498  C CD2 . TYR A 1 67  ? 9.216   -3.789  -2.733  1.000 34.457  0 67  TYR A CD2 1 ? 
ATOM   499  C CE1 . TYR A 1 67  ? 9.183   -6.533  -2.967  1.000 41.137  0 67  TYR A CE1 1 ? 
ATOM   500  C CE2 . TYR A 1 67  ? 8.618   -4.377  -3.833  1.000 37.175  0 67  TYR A CE2 1 ? 
ATOM   501  C CZ  . TYR A 1 67  ? 8.590   -5.757  -3.951  1.000 39.452  0 67  TYR A CZ  1 ? 
ATOM   502  O OH  . TYR A 1 67  ? 7.970   -6.353  -5.023  1.000 37.371  0 67  TYR A OH  1 ? 
ATOM   503  N N   . PHE A 1 68  ? 11.950  -1.357  -1.781  1.000 28.993  0 68  PHE A N   1 ? 
ATOM   504  C CA  . PHE A 1 68  ? 12.126  -0.383  -2.892  1.000 33.618  0 68  PHE A CA  1 ? 
ATOM   505  C C   . PHE A 1 68  ? 13.615  -0.218  -3.248  1.000 32.246  0 68  PHE A C   1 ? 
ATOM   506  O O   . PHE A 1 68  ? 13.906  0.097   -4.394  1.000 29.307  0 68  PHE A O   1 ? 
ATOM   507  C CB  . PHE A 1 68  ? 11.534  0.994   -2.576  1.000 37.972  0 68  PHE A CB  1 ? 
ATOM   508  C CG  . PHE A 1 68  ? 10.082  1.014   -2.188  1.000 43.748  0 68  PHE A CG  1 ? 
ATOM   509  C CD1 . PHE A 1 68  ? 9.206   0.019   -2.609  1.000 47.294  0 68  PHE A CD1 1 ? 
ATOM   510  C CD2 . PHE A 1 68  ? 9.588   2.046   -1.400  1.000 49.714  0 68  PHE A CD2 1 ? 
ATOM   511  C CE1 . PHE A 1 68  ? 7.870   0.045   -2.232  1.000 48.667  0 68  PHE A CE1 1 ? 
ATOM   512  C CE2 . PHE A 1 68  ? 8.253   2.065   -1.018  1.000 53.268  0 68  PHE A CE2 1 ? 
ATOM   513  C CZ  . PHE A 1 68  ? 7.397   1.065   -1.437  1.000 52.707  0 68  PHE A CZ  1 ? 
ATOM   514  N N   . LYS A 1 69  ? 14.514  -0.321  -2.270  1.000 36.866  0 69  LYS A N   1 ? 
ATOM   515  C CA  . LYS A 1 69  ? 15.985  -0.265  -2.490  1.000 36.996  0 69  LYS A CA  1 ? 
ATOM   516  C C   . LYS A 1 69  ? 16.387  -1.531  -3.251  1.000 33.679  0 69  LYS A C   1 ? 
ATOM   517  O O   . LYS A 1 69  ? 17.003  -1.398  -4.306  1.000 30.658  0 69  LYS A O   1 ? 
ATOM   518  C CB  . LYS A 1 69  ? 16.741  -0.087  -1.168  1.000 42.832  0 69  LYS A CB  1 ? 
ATOM   519  C CG  . LYS A 1 69  ? 17.703  1.099   -1.115  1.000 51.783  0 69  LYS A CG  1 ? 
ATOM   520  C CD  . LYS A 1 69  ? 18.905  0.976   -2.079  1.000 62.747  0 69  LYS A CD  1 ? 
ATOM   521  C CE  . LYS A 1 69  ? 20.084  0.200   -1.508  1.000 69.523  0 69  LYS A CE  1 ? 
ATOM   522  N NZ  . LYS A 1 69  ? 20.608  -0.823  -2.456  1.000 67.716  0 69  LYS A NZ  1 ? 
ATOM   523  N N   . LYS A 1 70  ? 15.924  -2.702  -2.811  1.000 33.789  0 70  LYS A N   1 ? 
ATOM   524  C CA  . LYS A 1 70  ? 16.163  -3.996  -3.510  1.000 35.973  0 70  LYS A CA  1 ? 
ATOM   525  C C   . LYS A 1 70  ? 15.792  -3.883  -4.992  1.000 38.968  0 70  LYS A C   1 ? 
ATOM   526  O O   . LYS A 1 70  ? 16.435  -4.550  -5.803  1.000 42.650  0 70  LYS A O   1 ? 
ATOM   527  C CB  . LYS A 1 70  ? 15.335  -5.117  -2.891  1.000 37.221  0 70  LYS A CB  1 ? 
ATOM   528  C CG  . LYS A 1 70  ? 15.866  -6.508  -3.155  1.000 39.499  0 70  LYS A CG  1 ? 
ATOM   529  C CD  . LYS A 1 70  ? 15.966  -7.332  -1.897  1.000 43.680  0 70  LYS A CD  1 ? 
ATOM   530  C CE  . LYS A 1 70  ? 14.828  -8.306  -1.704  1.000 48.884  0 70  LYS A CE  1 ? 
ATOM   531  N NZ  . LYS A 1 70  ? 15.284  -9.690  -1.982  1.000 52.603  0 70  LYS A NZ  1 ? 
ATOM   532  N N   . MET A 1 71  ? 14.756  -3.106  -5.311  1.000 42.985  0 71  MET A N   1 ? 
ATOM   533  C CA  . MET A 1 71  ? 14.036  -3.145  -6.608  1.000 43.082  0 71  MET A CA  1 ? 
ATOM   534  C C   . MET A 1 71  ? 14.433  -1.930  -7.461  1.000 43.079  0 71  MET A C   1 ? 
ATOM   535  O O   . MET A 1 71  ? 14.035  -1.884  -8.625  1.000 42.801  0 71  MET A O   1 ? 
ATOM   536  C CB  . MET A 1 71  ? 12.520  -3.163  -6.367  1.000 49.391  0 71  MET A CB  1 ? 
ATOM   537  C CG  . MET A 1 71  ? 11.789  -4.294  -7.105  1.000 59.696  0 71  MET A CG  1 ? 
ATOM   538  S SD  . MET A 1 71  ? 11.831  -5.926  -6.262  1.000 69.853  0 71  MET A SD  1 ? 
ATOM   539  C CE  . MET A 1 71  ? 13.168  -6.748  -7.139  1.000 69.229  0 71  MET A CE  1 ? 
ATOM   540  N N   . ASP A 1 72  ? 15.234  -1.008  -6.915  1.000 46.562  0 72  ASP A N   1 ? 
ATOM   541  C CA  . ASP A 1 72  ? 15.756  0.191   -7.623  1.000 51.491  0 72  ASP A CA  1 ? 
ATOM   542  C C   . ASP A 1 72  ? 14.596  1.085   -8.051  1.000 53.079  0 72  ASP A C   1 ? 
ATOM   543  O O   . ASP A 1 72  ? 14.576  1.511   -9.212  1.000 65.011  0 72  ASP A O   1 ? 
ATOM   544  C CB  . ASP A 1 72  ? 16.581  -0.175  -8.861  1.000 60.024  0 72  ASP A CB  1 ? 
ATOM   545  C CG  . ASP A 1 72  ? 17.299  1.025   -9.455  1.000 66.228  0 72  ASP A CG  1 ? 
ATOM   546  O OD1 . ASP A 1 72  ? 17.181  1.247   -10.710 1.000 63.512  0 72  ASP A OD1 1 ? 
ATOM   547  O OD2 . ASP A 1 72  ? 17.951  1.747   -8.659  1.000 66.329  0 72  ASP A OD2 1 ? 
ATOM   548  N N   . ILE A 1 73  ? 13.671  1.363   -7.146  1.000 50.715  0 73  ILE A N   1 ? 
ATOM   549  C CA  . ILE A 1 73  ? 12.571  2.331   -7.386  1.000 47.827  0 73  ILE A CA  1 ? 
ATOM   550  C C   . ILE A 1 73  ? 12.976  3.643   -6.711  1.000 45.958  0 73  ILE A C   1 ? 
ATOM   551  O O   . ILE A 1 73  ? 13.424  3.601   -5.562  1.000 46.369  0 73  ILE A O   1 ? 
ATOM   552  C CB  . ILE A 1 73  ? 11.238  1.754   -6.878  1.000 51.761  0 73  ILE A CB  1 ? 
ATOM   553  C CG1 . ILE A 1 73  ? 11.025  0.324   -7.384  1.000 51.616  0 73  ILE A CG1 1 ? 
ATOM   554  C CG2 . ILE A 1 73  ? 10.086  2.656   -7.267  1.000 57.902  0 73  ILE A CG2 1 ? 
ATOM   555  C CD1 . ILE A 1 73  ? 9.849   -0.399  -6.762  1.000 51.651  0 73  ILE A CD1 1 ? 
ATOM   556  N N   . HIS A 1 74  ? 12.902  4.745   -7.441  1.000 47.709  0 74  HIS A N   1 ? 
ATOM   557  C CA  . HIS A 1 74  ? 13.278  6.109   -6.982  1.000 54.890  0 74  HIS A CA  1 ? 
ATOM   558  C C   . HIS A 1 74  ? 12.039  6.802   -6.410  1.000 52.035  0 74  HIS A C   1 ? 
ATOM   559  O O   . HIS A 1 74  ? 10.933  6.414   -6.766  1.000 49.125  0 74  HIS A O   1 ? 
ATOM   560  C CB  . HIS A 1 74  ? 13.909  6.907   -8.136  1.000 63.336  0 74  HIS A CB  1 ? 
ATOM   561  C CG  . HIS A 1 74  ? 14.980  6.156   -8.860  1.000 71.807  0 74  HIS A CG  1 ? 
ATOM   562  N ND1 . HIS A 1 74  ? 15.965  5.434   -8.190  1.000 72.858  0 74  HIS A ND1 1 ? 
ATOM   563  C CD2 . HIS A 1 74  ? 15.219  5.986   -10.182 1.000 74.517  0 74  HIS A CD2 1 ? 
ATOM   564  C CE1 . HIS A 1 74  ? 16.768  4.868   -9.068  1.000 71.836  0 74  HIS A CE1 1 ? 
ATOM   565  N NE2 . HIS A 1 74  ? 16.334  5.192   -10.299 1.000 78.239  0 74  HIS A NE2 1 ? 
ATOM   566  N N   . GLU A 1 75  ? 12.236  7.808   -5.575  1.000 55.080  0 75  GLU A N   1 ? 
ATOM   567  C CA  . GLU A 1 75  ? 11.158  8.428   -4.779  1.000 66.182  0 75  GLU A CA  1 ? 
ATOM   568  C C   . GLU A 1 75  ? 10.606  9.634   -5.542  1.000 73.204  0 75  GLU A C   1 ? 
ATOM   569  O O   . GLU A 1 75  ? 11.409  10.525  -5.901  1.000 69.771  0 75  GLU A O   1 ? 
ATOM   570  C CB  . GLU A 1 75  ? 11.682  8.813   -3.395  1.000 69.443  0 75  GLU A CB  1 ? 
ATOM   571  C CG  . GLU A 1 75  ? 10.645  9.530   -2.539  1.000 71.777  0 75  GLU A CG  1 ? 
ATOM   572  C CD  . GLU A 1 75  ? 11.060  9.792   -1.104  1.000 67.788  0 75  GLU A CD  1 ? 
ATOM   573  O OE1 . GLU A 1 75  ? 10.513  10.727  -0.497  1.000 67.721  0 75  GLU A OE1 1 ? 
ATOM   574  O OE2 . GLU A 1 75  ? 11.923  9.059   -0.598  1.000 74.314  0 75  GLU A OE2 1 ? 
ATOM   575  N N   . VAL A 1 76  ? 9.286   9.657   -5.766  1.000 79.743  0 76  VAL A N   1 ? 
ATOM   576  C CA  . VAL A 1 76  ? 8.553   10.822  -6.345  1.000 84.208  0 76  VAL A CA  1 ? 
ATOM   577  C C   . VAL A 1 76  ? 7.546   11.350  -5.302  1.000 75.206  0 76  VAL A C   1 ? 
ATOM   578  O O   . VAL A 1 76  ? 6.671   10.587  -4.867  1.000 56.055  0 76  VAL A O   1 ? 
ATOM   579  C CB  . VAL A 1 76  ? 7.907   10.473  -7.703  1.000 92.092  0 76  VAL A CB  1 ? 
ATOM   580  C CG1 . VAL A 1 76  ? 6.853   9.376   -7.601  1.000 100.602 0 76  VAL A CG1 1 ? 
ATOM   581  C CG2 . VAL A 1 76  ? 7.335   11.708  -8.379  1.000 96.761  0 76  VAL A CG2 1 ? 
ATOM   582  N N   . LYS A 1 77  ? 7.692   12.620  -4.909  1.000 77.537  0 77  LYS A N   1 ? 
ATOM   583  C CA  . LYS A 1 77  ? 6.845   13.304  -3.891  1.000 80.229  0 77  LYS A CA  1 ? 
ATOM   584  C C   . LYS A 1 77  ? 5.803   14.184  -4.600  1.000 73.811  0 77  LYS A C   1 ? 
ATOM   585  O O   . LYS A 1 77  ? 6.120   14.748  -5.660  1.000 60.932  0 77  LYS A O   1 ? 
ATOM   586  C CB  . LYS A 1 77  ? 7.720   14.128  -2.940  1.000 82.505  0 77  LYS A CB  1 ? 
ATOM   587  C CG  . LYS A 1 77  ? 9.089   13.523  -2.628  1.000 87.543  0 77  LYS A CG  1 ? 
ATOM   588  C CD  . LYS A 1 77  ? 9.915   14.275  -1.591  1.000 85.443  0 77  LYS A CD  1 ? 
ATOM   589  C CE  . LYS A 1 77  ? 9.764   15.779  -1.657  1.000 84.900  0 77  LYS A CE  1 ? 
ATOM   590  N NZ  . LYS A 1 77  ? 8.623   16.254  -0.835  1.000 81.545  0 77  LYS A NZ  1 ? 
ATOM   591  N N   . ILE A 1 78  ? 4.581   14.247  -4.065  1.000 85.659  0 78  ILE A N   1 ? 
ATOM   592  C CA  . ILE A 1 78  ? 3.443   15.021  -4.659  1.000 90.833  0 78  ILE A CA  1 ? 
ATOM   593  C C   . ILE A 1 78  ? 2.775   15.836  -3.549  1.000 77.000  0 78  ILE A C   1 ? 
ATOM   594  O O   . ILE A 1 78  ? 2.045   15.207  -2.778  1.000 71.250  0 78  ILE A O   1 ? 
ATOM   595  C CB  . ILE A 1 78  ? 2.424   14.103  -5.385  1.000 98.047  0 78  ILE A CB  1 ? 
ATOM   596  C CG1 . ILE A 1 78  ? 3.061   12.836  -5.980  1.000 99.905  0 78  ILE A CG1 1 ? 
ATOM   597  C CG2 . ILE A 1 78  ? 1.678   14.904  -6.444  1.000 97.668  0 78  ILE A CG2 1 ? 
ATOM   598  C CD1 . ILE A 1 78  ? 2.084   11.706  -6.233  1.000 91.948  0 78  ILE A CD1 1 ? 
ATOM   599  N N   . LEU A 1 87  ? 1.668   12.621  -0.925  1.000 116.520 0 87  LEU A N   1 ? 
ATOM   600  C CA  . LEU A 1 87  ? 2.871   13.310  -0.379  1.000 106.343 0 87  LEU A CA  1 ? 
ATOM   601  C C   . LEU A 1 87  ? 4.119   12.769  -1.090  1.000 97.877  0 87  LEU A C   1 ? 
ATOM   602  O O   . LEU A 1 87  ? 4.672   13.515  -1.906  1.000 91.239  0 87  LEU A O   1 ? 
ATOM   603  C CB  . LEU A 1 87  ? 2.946   13.117  1.144   1.000 106.707 0 87  LEU A CB  1 ? 
ATOM   604  C CG  . LEU A 1 87  ? 2.442   14.287  1.999   1.000 109.839 0 87  LEU A CG  1 ? 
ATOM   605  C CD1 . LEU A 1 87  ? 2.576   13.972  3.490   1.000 101.160 0 87  LEU A CD1 1 ? 
ATOM   606  C CD2 . LEU A 1 87  ? 3.179   15.580  1.663   1.000 108.771 0 87  LEU A CD2 1 ? 
ATOM   607  N N   . TYR A 1 88  ? 4.513   11.515  -0.818  1.000 101.268 0 88  TYR A N   1 ? 
ATOM   608  C CA  . TYR A 1 88  ? 5.725   10.854  -1.389  1.000 101.637 0 88  TYR A CA  1 ? 
ATOM   609  C C   . TYR A 1 88  ? 5.373   9.448   -1.893  1.000 88.126  0 88  TYR A C   1 ? 
ATOM   610  O O   . TYR A 1 88  ? 4.629   8.722   -1.209  1.000 82.132  0 88  TYR A O   1 ? 
ATOM   611  C CB  . TYR A 1 88  ? 6.882   10.758  -0.378  1.000 112.278 0 88  TYR A CB  1 ? 
ATOM   612  C CG  . TYR A 1 88  ? 6.868   11.749  0.761   1.000 122.673 0 88  TYR A CG  1 ? 
ATOM   613  C CD1 . TYR A 1 88  ? 7.373   13.031  0.608   1.000 120.621 0 88  TYR A CD1 1 ? 
ATOM   614  C CD2 . TYR A 1 88  ? 6.383   11.389  2.010   1.000 125.923 0 88  TYR A CD2 1 ? 
ATOM   615  C CE1 . TYR A 1 88  ? 7.363   13.943  1.651   1.000 124.263 0 88  TYR A CE1 1 ? 
ATOM   616  C CE2 . TYR A 1 88  ? 6.362   12.288  3.064   1.000 128.355 0 88  TYR A CE2 1 ? 
ATOM   617  C CZ  . TYR A 1 88  ? 6.855   13.569  2.885   1.000 129.901 0 88  TYR A CZ  1 ? 
ATOM   618  O OH  . TYR A 1 88  ? 6.839   14.458  3.918   1.000 127.908 0 88  TYR A OH  1 ? 
ATOM   619  N N   . LEU A 1 89  ? 5.957   9.061   -3.031  1.000 86.578  0 89  LEU A N   1 ? 
ATOM   620  C CA  . LEU A 1 89  ? 5.689   7.774   -3.737  1.000 83.076  0 89  LEU A CA  1 ? 
ATOM   621  C C   . LEU A 1 89  ? 6.928   7.285   -4.508  1.000 69.397  0 89  LEU A C   1 ? 
ATOM   622  O O   . LEU A 1 89  ? 7.875   8.056   -4.739  1.000 61.653  0 89  LEU A O   1 ? 
ATOM   623  C CB  . LEU A 1 89  ? 4.518   7.965   -4.708  1.000 88.225  0 89  LEU A CB  1 ? 
ATOM   624  C CG  . LEU A 1 89  ? 3.135   7.764   -4.113  1.000 91.069  0 89  LEU A CG  1 ? 
ATOM   625  C CD1 . LEU A 1 89  ? 2.063   7.858   -5.191  1.000 92.974  0 89  LEU A CD1 1 ? 
ATOM   626  C CD2 . LEU A 1 89  ? 3.068   6.434   -3.390  1.000 94.677  0 89  LEU A CD2 1 ? 
ATOM   627  N N   . GLN A 1 90  ? 6.858   6.056   -4.983  1.000 53.433  0 90  GLN A N   1 ? 
ATOM   628  C CA  . GLN A 1 90  ? 7.979   5.375   -5.638  1.000 51.881  0 90  GLN A CA  1 ? 
ATOM   629  C C   . GLN A 1 90  ? 7.633   5.198   -7.118  1.000 43.083  0 90  GLN A C   1 ? 
ATOM   630  O O   . GLN A 1 90  ? 6.506   4.794   -7.395  1.000 41.682  0 90  GLN A O   1 ? 
ATOM   631  C CB  . GLN A 1 90  ? 8.219   4.066   -4.888  1.000 56.683  0 90  GLN A CB  1 ? 
ATOM   632  C CG  . GLN A 1 90  ? 8.455   4.281   -3.403  1.000 60.410  0 90  GLN A CG  1 ? 
ATOM   633  C CD  . GLN A 1 90  ? 9.838   4.809   -3.122  1.000 58.554  0 90  GLN A CD  1 ? 
ATOM   634  O OE1 . GLN A 1 90  ? 10.842  4.177   -3.464  1.000 58.651  0 90  GLN A OE1 1 ? 
ATOM   635  N NE2 . GLN A 1 90  ? 9.896   5.975   -2.495  1.000 56.800  0 90  GLN A NE2 1 ? 
ATOM   636  N N   . ILE A 1 91  ? 8.575   5.490   -8.013  1.000 35.594  0 91  ILE A N   1 ? 
ATOM   637  C CA  . ILE A 1 91  ? 8.426   5.254   -9.477  1.000 35.812  0 91  ILE A CA  1 ? 
ATOM   638  C C   . ILE A 1 91  ? 9.594   4.400   -9.977  1.000 34.764  0 91  ILE A C   1 ? 
ATOM   639  O O   . ILE A 1 91  ? 10.716  4.698   -9.634  1.000 33.320  0 91  ILE A O   1 ? 
ATOM   640  C CB  . ILE A 1 91  ? 8.315   6.584   -10.243 1.000 35.118  0 91  ILE A CB  1 ? 
ATOM   641  C CG1 . ILE A 1 91  ? 8.175   6.355   -11.749 1.000 33.283  0 91  ILE A CG1 1 ? 
ATOM   642  C CG2 . ILE A 1 91  ? 9.476   7.521   -9.917  1.000 36.588  0 91  ILE A CG2 1 ? 
ATOM   643  C CD1 . ILE A 1 91  ? 7.849   7.620   -12.532 1.000 32.800  0 91  ILE A CD1 1 ? 
ATOM   644  N N   . ASP A 1 92  ? 9.300   3.342   -10.725 1.000 39.159  0 92  ASP A N   1 ? 
ATOM   645  C CA  . ASP A 1 92  ? 10.287  2.550   -11.508 1.000 43.641  0 92  ASP A CA  1 ? 
ATOM   646  C C   . ASP A 1 92  ? 10.513  3.244   -12.857 1.000 42.513  0 92  ASP A C   1 ? 
ATOM   647  O O   . ASP A 1 92  ? 9.842   2.864   -13.827 1.000 43.240  0 92  ASP A O   1 ? 
ATOM   648  C CB  . ASP A 1 92  ? 9.810   1.107   -11.691 1.000 46.963  0 92  ASP A CB  1 ? 
ATOM   649  C CG  . ASP A 1 92  ? 10.740  0.234   -12.515 1.000 48.090  0 92  ASP A CG  1 ? 
ATOM   650  O OD1 . ASP A 1 92  ? 11.794  0.740   -12.943 1.000 52.432  0 92  ASP A OD1 1 ? 
ATOM   651  O OD2 . ASP A 1 92  ? 10.392  -0.952  -12.727 1.000 49.267  0 92  ASP A OD2 1 ? 
ATOM   652  N N   . GLU A 1 93  ? 11.421  4.223   -12.894 1.000 45.590  0 93  GLU A N   1 ? 
ATOM   653  C CA  . GLU A 1 93  ? 11.681  5.091   -14.070 1.000 52.468  0 93  GLU A CA  1 ? 
ATOM   654  C C   . GLU A 1 93  ? 12.080  4.233   -15.272 1.000 53.845  0 93  GLU A C   1 ? 
ATOM   655  O O   . GLU A 1 93  ? 11.548  4.498   -16.382 1.000 52.167  0 93  GLU A O   1 ? 
ATOM   656  C CB  . GLU A 1 93  ? 12.753  6.126   -13.742 1.000 56.772  0 93  GLU A CB  1 ? 
ATOM   657  C CG  . GLU A 1 93  ? 12.267  7.168   -12.758 1.000 63.762  0 93  GLU A CG  1 ? 
ATOM   658  C CD  . GLU A 1 93  ? 13.200  8.346   -12.556 1.000 69.083  0 93  GLU A CD  1 ? 
ATOM   659  O OE1 . GLU A 1 93  ? 13.205  9.260   -13.425 1.000 71.971  0 93  GLU A OE1 1 ? 
ATOM   660  O OE2 . GLU A 1 93  ? 13.908  8.352   -11.524 1.000 71.116  0 93  GLU A OE2 1 ? 
ATOM   661  N N   . GLU A 1 94  ? 12.960  3.247   -15.063 1.000 53.049  0 94  GLU A N   1 ? 
ATOM   662  C CA  . GLU A 1 94  ? 13.458  2.352   -16.144 1.000 59.808  0 94  GLU A CA  1 ? 
ATOM   663  C C   . GLU A 1 94  ? 12.260  1.706   -16.867 1.000 56.483  0 94  GLU A C   1 ? 
ATOM   664  O O   . GLU A 1 94  ? 12.165  1.845   -18.090 1.000 56.478  0 94  GLU A O   1 ? 
ATOM   665  C CB  . GLU A 1 94  ? 14.455  1.339   -15.578 1.000 68.494  0 94  GLU A CB  1 ? 
ATOM   666  C CG  . GLU A 1 94  ? 15.801  1.968   -15.236 1.000 79.312  0 94  GLU A CG  1 ? 
ATOM   667  C CD  . GLU A 1 94  ? 16.875  1.009   -14.733 1.000 93.545  0 94  GLU A CD  1 ? 
ATOM   668  O OE1 . GLU A 1 94  ? 16.623  0.308   -13.720 1.000 106.005 0 94  GLU A OE1 1 ? 
ATOM   669  O OE2 . GLU A 1 94  ? 17.973  0.971   -15.346 1.000 89.936  0 94  GLU A OE2 1 ? 
ATOM   670  N N   . ASN A 1 95  ? 11.321  1.115   -16.138 1.000 52.186  0 95  ASN A N   1 ? 
ATOM   671  C CA  . ASN A 1 95  ? 10.208  0.342   -16.741 1.000 51.118  0 95  ASN A CA  1 ? 
ATOM   672  C C   . ASN A 1 95  ? 8.947   1.200   -16.866 1.000 47.538  0 95  ASN A C   1 ? 
ATOM   673  O O   . ASN A 1 95  ? 7.859   0.613   -16.864 1.000 48.244  0 95  ASN A O   1 ? 
ATOM   674  C CB  . ASN A 1 95  ? 9.917   -0.930  -15.948 1.000 54.721  0 95  ASN A CB  1 ? 
ATOM   675  C CG  . ASN A 1 95  ? 10.982  -1.986  -16.156 1.000 61.263  0 95  ASN A CG  1 ? 
ATOM   676  O OD1 . ASN A 1 95  ? 12.062  -1.923  -15.569 1.000 53.187  0 95  ASN A OD1 1 ? 
ATOM   677  N ND2 . ASN A 1 95  ? 10.691  -2.950  -17.011 1.000 69.202  0 95  ASN A ND2 1 ? 
ATOM   678  N N   . SER A 1 96  ? 9.065   2.513   -17.058 1.000 47.857  0 96  SER A N   1 ? 
ATOM   679  C CA  . SER A 1 96  ? 7.882   3.399   -17.247 1.000 51.860  0 96  SER A CA  1 ? 
ATOM   680  C C   . SER A 1 96  ? 8.121   4.376   -18.410 1.000 55.923  0 96  SER A C   1 ? 
ATOM   681  O O   . SER A 1 96  ? 9.006   5.258   -18.281 1.000 60.535  0 96  SER A O   1 ? 
ATOM   682  C CB  . SER A 1 96  ? 7.477   4.093   -15.948 1.000 46.754  0 96  SER A CB  1 ? 
ATOM   683  O OG  . SER A 1 96  ? 8.213   5.274   -15.722 1.000 46.756  0 96  SER A OG  1 ? 
ATOM   684  N N   . GLY A 1 97  ? 7.359   4.196   -19.506 1.000 56.877  0 97  GLY A N   1 ? 
ATOM   685  C CA  . GLY A 1 97  ? 7.455   4.977   -20.758 1.000 54.333  0 97  GLY A CA  1 ? 
ATOM   686  C C   . GLY A 1 97  ? 6.548   6.200   -20.757 1.000 53.467  0 97  GLY A C   1 ? 
ATOM   687  O O   . GLY A 1 97  ? 6.992   7.263   -20.282 1.000 54.486  0 97  GLY A O   1 ? 
ATOM   688  N N   . ASP A 1 98  ? 5.357   6.070   -21.348 1.000 58.074  0 98  ASP A N   1 ? 
ATOM   689  C CA  . ASP A 1 98  ? 4.287   7.110   -21.401 1.000 58.387  0 98  ASP A CA  1 ? 
ATOM   690  C C   . ASP A 1 98  ? 3.426   6.997   -20.136 1.000 54.643  0 98  ASP A C   1 ? 
ATOM   691  O O   . ASP A 1 98  ? 2.876   8.031   -19.677 1.000 41.835  0 98  ASP A O   1 ? 
ATOM   692  C CB  . ASP A 1 98  ? 3.418   6.932   -22.646 1.000 64.938  0 98  ASP A CB  1 ? 
ATOM   693  C CG  . ASP A 1 98  ? 3.055   5.477   -22.921 1.000 72.690  0 98  ASP A CG  1 ? 
ATOM   694  O OD1 . ASP A 1 98  ? 3.987   4.617   -22.908 1.000 65.716  0 98  ASP A OD1 1 ? 
ATOM   695  O OD2 . ASP A 1 98  ? 1.850   5.205   -23.141 1.000 80.581  0 98  ASP A OD2 1 ? 
ATOM   696  N N   . VAL A 1 99  ? 3.309   5.765   -19.624 1.000 55.433  0 99  VAL A N   1 ? 
ATOM   697  C CA  . VAL A 1 99  ? 2.606   5.392   -18.358 1.000 50.981  0 99  VAL A CA  1 ? 
ATOM   698  C C   . VAL A 1 99  ? 3.645   5.303   -17.226 1.000 41.320  0 99  VAL A C   1 ? 
ATOM   699  O O   . VAL A 1 99  ? 4.508   4.412   -17.303 1.000 35.285  0 99  VAL A O   1 ? 
ATOM   700  C CB  . VAL A 1 99  ? 1.855   4.055   -18.543 1.000 55.445  0 99  VAL A CB  1 ? 
ATOM   701  C CG1 . VAL A 1 99  ? 1.318   3.498   -17.234 1.000 53.940  0 99  VAL A CG1 1 ? 
ATOM   702  C CG2 . VAL A 1 99  ? 0.736   4.174   -19.567 1.000 59.304  0 99  VAL A CG2 1 ? 
ATOM   703  N N   . ALA A 1 100 ? 3.558   6.187   -16.222 1.000 33.437  0 100 ALA A N   1 ? 
ATOM   704  C CA  . ALA A 1 100 ? 4.407   6.177   -15.007 1.000 31.048  0 100 ALA A CA  1 ? 
ATOM   705  C C   . ALA A 1 100 ? 3.998   5.003   -14.110 1.000 30.053  0 100 ALA A C   1 ? 
ATOM   706  O O   . ALA A 1 100 ? 2.810   4.905   -13.795 1.000 31.331  0 100 ALA A O   1 ? 
ATOM   707  C CB  . ALA A 1 100 ? 4.281   7.485   -14.275 1.000 30.330  0 100 ALA A CB  1 ? 
ATOM   708  N N   . VAL A 1 101 ? 4.942   4.137   -13.725 1.000 27.734  0 101 VAL A N   1 ? 
ATOM   709  C CA  . VAL A 1 101 ? 4.660   2.932   -12.889 1.000 26.572  0 101 VAL A CA  1 ? 
ATOM   710  C C   . VAL A 1 101 ? 5.086   3.228   -11.444 1.000 26.792  0 101 VAL A C   1 ? 
ATOM   711  O O   . VAL A 1 101 ? 6.294   3.116   -11.145 1.000 27.481  0 101 VAL A O   1 ? 
ATOM   712  C CB  . VAL A 1 101 ? 5.327   1.685   -13.476 1.000 27.282  0 101 VAL A CB  1 ? 
ATOM   713  C CG1 . VAL A 1 101 ? 4.842   0.425   -12.799 1.000 28.520  0 101 VAL A CG1 1 ? 
ATOM   714  C CG2 . VAL A 1 101 ? 5.067   1.592   -14.970 1.000 28.885  0 101 VAL A CG2 1 ? 
ATOM   715  N N   . LEU A 1 102 ? 4.113   3.644   -10.612 1.000 25.110  0 102 LEU A N   1 ? 
ATOM   716  C CA  . LEU A 1 102 ? 4.267   4.074   -9.200  1.000 22.081  0 102 LEU A CA  1 ? 
ATOM   717  C C   . LEU A 1 102 ? 3.922   2.918   -8.272  1.000 20.900  0 102 LEU A C   1 ? 
ATOM   718  O O   . LEU A 1 102 ? 3.086   2.080   -8.627  1.000 19.239  0 102 LEU A O   1 ? 
ATOM   719  C CB  . LEU A 1 102 ? 3.336   5.249   -8.921  1.000 21.600  0 102 LEU A CB  1 ? 
ATOM   720  C CG  . LEU A 1 102 ? 3.374   6.320   -9.983  1.000 23.484  0 102 LEU A CG  1 ? 
ATOM   721  C CD1 . LEU A 1 102 ? 2.184   7.241   -9.890  1.000 24.551  0 102 LEU A CD1 1 ? 
ATOM   722  C CD2 . LEU A 1 102 ? 4.666   7.092   -9.888  1.000 24.037  0 102 LEU A CD2 1 ? 
ATOM   723  N N   . TYR A 1 103 ? 4.499   2.951   -7.081  1.000 22.049  0 103 TYR A N   1 ? 
ATOM   724  C CA  . TYR A 1 103 ? 4.431   1.867   -6.067  1.000 22.242  0 103 TYR A CA  1 ? 
ATOM   725  C C   . TYR A 1 103 ? 4.206   2.469   -4.682  1.000 20.585  0 103 TYR A C   1 ? 
ATOM   726  O O   . TYR A 1 103 ? 4.739   3.568   -4.376  1.000 17.801  0 103 TYR A O   1 ? 
ATOM   727  C CB  . TYR A 1 103 ? 5.732   1.052   -6.062  1.000 22.222  0 103 TYR A CB  1 ? 
ATOM   728  C CG  . TYR A 1 103 ? 5.954   0.227   -7.292  1.000 21.865  0 103 TYR A CG  1 ? 
ATOM   729  C CD1 . TYR A 1 103 ? 6.584   0.747   -8.397  1.000 23.346  0 103 TYR A CD1 1 ? 
ATOM   730  C CD2 . TYR A 1 103 ? 5.504   -1.070  -7.356  1.000 24.542  0 103 TYR A CD2 1 ? 
ATOM   731  C CE1 . TYR A 1 103 ? 6.781   -0.016  -9.539  1.000 23.879  0 103 TYR A CE1 1 ? 
ATOM   732  C CE2 . TYR A 1 103 ? 5.667   -1.842  -8.489  1.000 25.112  0 103 TYR A CE2 1 ? 
ATOM   733  C CZ  . TYR A 1 103 ? 6.314   -1.315  -9.585  1.000 24.715  0 103 TYR A CZ  1 ? 
ATOM   734  O OH  . TYR A 1 103 ? 6.492   -2.100  -10.689 1.000 29.639  0 103 TYR A OH  1 ? 
ATOM   735  N N   . ASP A 1 104 ? 3.487   1.725   -3.855  1.000 21.434  0 104 ASP A N   1 ? 
ATOM   736  C CA  . ASP A 1 104 ? 3.458   1.921   -2.385  1.000 22.194  0 104 ASP A CA  1 ? 
ATOM   737  C C   . ASP A 1 104 ? 3.296   0.557   -1.722  1.000 21.624  0 104 ASP A C   1 ? 
ATOM   738  O O   . ASP A 1 104 ? 2.564   -0.268  -2.259  1.000 20.812  0 104 ASP A O   1 ? 
ATOM   739  C CB  . ASP A 1 104 ? 2.350   2.894   -1.987  1.000 22.672  0 104 ASP A CB  1 ? 
ATOM   740  C CG  . ASP A 1 104 ? 2.506   3.436   -0.587  1.000 23.744  0 104 ASP A CG  1 ? 
ATOM   741  O OD1 . ASP A 1 104 ? 3.556   4.043   -0.344  1.000 24.841  0 104 ASP A OD1 1 ? 
ATOM   742  O OD2 . ASP A 1 104 ? 1.582   3.225   0.257   1.000 24.523  0 104 ASP A OD2 1 ? 
ATOM   743  N N   . MET A 1 105 ? 4.014   0.335   -0.620  1.000 24.783  0 105 MET A N   1 ? 
ATOM   744  C CA  . MET A 1 105 ? 3.723   -0.716  0.392   1.000 25.247  0 105 MET A CA  1 ? 
ATOM   745  C C   . MET A 1 105 ? 3.036   -0.056  1.587   1.000 22.226  0 105 MET A C   1 ? 
ATOM   746  O O   . MET A 1 105 ? 3.635   0.771   2.251   1.000 23.592  0 105 MET A O   1 ? 
ATOM   747  C CB  . MET A 1 105 ? 5.020   -1.393  0.840   1.000 27.644  0 105 MET A CB  1 ? 
ATOM   748  C CG  . MET A 1 105 ? 4.791   -2.563  1.758   1.000 30.160  0 105 MET A CG  1 ? 
ATOM   749  S SD  . MET A 1 105 ? 6.287   -3.536  2.027   1.000 36.036  0 105 MET A SD  1 ? 
ATOM   750  C CE  . MET A 1 105 ? 6.442   -4.366  0.447   1.000 36.227  0 105 MET A CE  1 ? 
ATOM   751  N N   . PRO A 1 106 ? 1.750   -0.335  1.879   1.000 22.737  0 106 PRO A N   1 ? 
ATOM   752  C CA  . PRO A 1 106 ? 1.002   0.447   2.879   1.000 23.723  0 106 PRO A CA  1 ? 
ATOM   753  C C   . PRO A 1 106 ? 1.541   0.324   4.318   1.000 23.070  0 106 PRO A C   1 ? 
ATOM   754  O O   . PRO A 1 106 ? 1.366   -0.722  4.906   1.000 20.604  0 106 PRO A O   1 ? 
ATOM   755  C CB  . PRO A 1 106 ? -0.423  -0.126  2.839   1.000 21.219  0 106 PRO A CB  1 ? 
ATOM   756  C CG  . PRO A 1 106 ? -0.480  -0.905  1.529   1.000 21.779  0 106 PRO A CG  1 ? 
ATOM   757  C CD  . PRO A 1 106 ? 0.929   -1.380  1.257   1.000 22.109  0 106 PRO A CD  1 ? 
ATOM   758  N N   . THR A 1 107 ? 2.145   1.398   4.845   1.000 21.730  0 107 THR A N   1 ? 
ATOM   759  C CA  . THR A 1 107 ? 2.828   1.416   6.161   1.000 21.180  0 107 THR A CA  1 ? 
ATOM   760  C C   . THR A 1 107 ? 1.772   1.301   7.262   1.000 20.043  0 107 THR A C   1 ? 
ATOM   761  O O   . THR A 1 107 ? 2.112   0.838   8.384   1.000 21.558  0 107 THR A O   1 ? 
ATOM   762  C CB  . THR A 1 107 ? 3.684   2.678   6.325   1.000 21.502  0 107 THR A CB  1 ? 
ATOM   763  O OG1 . THR A 1 107 ? 2.831   3.783   6.083   1.000 21.311  0 107 THR A OG1 1 ? 
ATOM   764  C CG2 . THR A 1 107 ? 4.859   2.741   5.378   1.000 21.836  0 107 THR A CG2 1 ? 
ATOM   765  N N   . THR A 1 108 ? 0.544   1.710   6.952   1.000 19.004  0 108 THR A N   1 ? 
ATOM   766  C CA  . THR A 1 108 ? -0.643  1.620   7.843   1.000 17.511  0 108 THR A CA  1 ? 
ATOM   767  C C   . THR A 1 108 ? -0.783  0.171   8.328   1.000 16.961  0 108 THR A C   1 ? 
ATOM   768  O O   . THR A 1 108 ? -1.391  -0.043  9.376   1.000 16.688  0 108 THR A O   1 ? 
ATOM   769  C CB  . THR A 1 108 ? -1.894  2.140   7.102   1.000 18.488  0 108 THR A CB  1 ? 
ATOM   770  O OG1 . THR A 1 108 ? -2.997  2.279   7.994   1.000 19.110  0 108 THR A OG1 1 ? 
ATOM   771  C CG2 . THR A 1 108 ? -2.358  1.253   5.961   1.000 18.220  0 108 THR A CG2 1 ? 
ATOM   772  N N   . LEU A 1 109 ? -0.299  -0.801  7.548   1.000 17.380  0 109 LEU A N   1 ? 
ATOM   773  C CA  . LEU A 1 109 ? -0.458  -2.249  7.849   1.000 18.401  0 109 LEU A CA  1 ? 
ATOM   774  C C   . LEU A 1 109 ? 0.299   -2.618  9.134   1.000 18.442  0 109 LEU A C   1 ? 
ATOM   775  O O   . LEU A 1 109 ? -0.147  -3.552  9.808   1.000 19.938  0 109 LEU A O   1 ? 
ATOM   776  C CB  . LEU A 1 109 ? 0.010   -3.083  6.648   1.000 19.432  0 109 LEU A CB  1 ? 
ATOM   777  C CG  . LEU A 1 109 ? -1.081  -3.387  5.621   1.000 20.113  0 109 LEU A CG  1 ? 
ATOM   778  C CD1 . LEU A 1 109 ? -0.538  -4.141  4.435   1.000 19.865  0 109 LEU A CD1 1 ? 
ATOM   779  C CD2 . LEU A 1 109 ? -2.216  -4.185  6.262   1.000 22.449  0 109 LEU A CD2 1 ? 
ATOM   780  N N   . GLY A 1 110 ? 1.347   -1.875  9.493   1.000 17.777  0 110 GLY A N   1 ? 
ATOM   781  C CA  . GLY A 1 110 ? 2.098   -2.066  10.751  1.000 19.058  0 110 GLY A CA  1 ? 
ATOM   782  C C   . GLY A 1 110 ? 1.246   -1.928  12.015  1.000 19.530  0 110 GLY A C   1 ? 
ATOM   783  O O   . GLY A 1 110 ? 1.629   -2.506  13.036  1.000 19.682  0 110 GLY A O   1 ? 
ATOM   784  N N   . GLY A 1 111 ? 0.134   -1.198  11.964  1.000 19.686  0 111 GLY A N   1 ? 
ATOM   785  C CA  . GLY A 1 111 ? -0.734  -0.947  13.125  1.000 20.342  0 111 GLY A CA  1 ? 
ATOM   786  C C   . GLY A 1 111 ? -1.416  -2.209  13.633  1.000 20.702  0 111 GLY A C   1 ? 
ATOM   787  O O   . GLY A 1 111 ? -1.866  -2.219  14.767  1.000 19.545  0 111 GLY A O   1 ? 
ATOM   788  N N   . ILE A 1 112 ? -1.477  -3.248  12.829  1.000 23.425  0 112 ILE A N   1 ? 
ATOM   789  C CA  . ILE A 1 112 ? -1.942  -4.590  13.284  1.000 27.160  0 112 ILE A CA  1 ? 
ATOM   790  C C   . ILE A 1 112 ? -0.972  -5.166  14.333  1.000 25.919  0 112 ILE A C   1 ? 
ATOM   791  O O   . ILE A 1 112 ? -1.423  -5.469  15.441  1.000 25.572  0 112 ILE A O   1 ? 
ATOM   792  C CB  . ILE A 1 112 ? -2.149  -5.513  12.071  1.000 30.298  0 112 ILE A CB  1 ? 
ATOM   793  C CG1 . ILE A 1 112 ? -3.318  -4.993  11.229  1.000 33.096  0 112 ILE A CG1 1 ? 
ATOM   794  C CG2 . ILE A 1 112 ? -2.365  -6.956  12.505  1.000 29.617  0 112 ILE A CG2 1 ? 
ATOM   795  C CD1 . ILE A 1 112 ? -3.278  -5.432  9.811   1.000 36.585  0 112 ILE A CD1 1 ? 
ATOM   796  N N   . ASP A 1 113 ? 0.309   -5.288  14.034  1.000 24.826  0 113 ASP A N   1 ? 
ATOM   797  C CA  . ASP A 1 113 ? 1.270   -5.792  15.046  1.000 27.090  0 113 ASP A CA  1 ? 
ATOM   798  C C   . ASP A 1 113 ? 1.394   -4.777  16.192  1.000 28.511  0 113 ASP A C   1 ? 
ATOM   799  O O   . ASP A 1 113 ? 1.413   -5.205  17.341  1.000 31.435  0 113 ASP A O   1 ? 
ATOM   800  C CB  . ASP A 1 113 ? 2.597   -6.170  14.399  1.000 29.547  0 113 ASP A CB  1 ? 
ATOM   801  C CG  . ASP A 1 113 ? 2.497   -7.498  13.655  1.000 30.310  0 113 ASP A CG  1 ? 
ATOM   802  O OD1 . ASP A 1 113 ? 3.361   -7.761  12.805  1.000 33.092  0 113 ASP A OD1 1 ? 
ATOM   803  O OD2 . ASP A 1 113 ? 1.535   -8.268  13.936  1.000 28.993  0 113 ASP A OD2 1 ? 
ATOM   804  N N   . LYS A 1 114 ? 1.401   -3.479  15.905  1.000 28.925  0 114 LYS A N   1 ? 
ATOM   805  C CA  . LYS A 1 114 ? 1.513   -2.433  16.953  1.000 27.829  0 114 LYS A CA  1 ? 
ATOM   806  C C   . LYS A 1 114 ? 0.363   -2.598  17.947  1.000 25.590  0 114 LYS A C   1 ? 
ATOM   807  O O   . LYS A 1 114 ? 0.605   -2.507  19.110  1.000 26.872  0 114 LYS A O   1 ? 
ATOM   808  C CB  . LYS A 1 114 ? 1.485   -1.015  16.371  1.000 28.763  0 114 LYS A CB  1 ? 
ATOM   809  C CG  . LYS A 1 114 ? 2.751   -0.519  15.690  1.000 27.496  0 114 LYS A CG  1 ? 
ATOM   810  C CD  . LYS A 1 114 ? 2.628   0.954   15.339  1.000 28.385  0 114 LYS A CD  1 ? 
ATOM   811  C CE  . LYS A 1 114 ? 3.749   1.490   14.479  1.000 30.872  0 114 LYS A CE  1 ? 
ATOM   812  N NZ  . LYS A 1 114 ? 3.536   1.145   13.051  1.000 34.912  0 114 LYS A NZ  1 ? 
ATOM   813  N N   . ALA A 1 115 ? -0.857  -2.793  17.487  1.000 27.285  0 115 ALA A N   1 ? 
ATOM   814  C CA  . ALA A 1 115 ? -2.046  -2.927  18.369  1.000 29.056  0 115 ALA A CA  1 ? 
ATOM   815  C C   . ALA A 1 115 ? -1.935  -4.221  19.188  1.000 28.729  0 115 ALA A C   1 ? 
ATOM   816  O O   . ALA A 1 115 ? -2.217  -4.190  20.383  1.000 26.934  0 115 ALA A O   1 ? 
ATOM   817  C CB  . ALA A 1 115 ? -3.322  -2.902  17.561  1.000 28.220  0 115 ALA A CB  1 ? 
ATOM   818  N N   . ILE A 1 116 ? -1.507  -5.312  18.566  1.000 31.637  0 116 ILE A N   1 ? 
ATOM   819  C CA  . ILE A 1 116 ? -1.283  -6.609  19.269  1.000 34.739  0 116 ILE A CA  1 ? 
ATOM   820  C C   . ILE A 1 116 ? -0.171  -6.454  20.305  1.000 39.238  0 116 ILE A C   1 ? 
ATOM   821  O O   . ILE A 1 116 ? -0.418  -6.844  21.446  1.000 48.108  0 116 ILE A O   1 ? 
ATOM   822  C CB  . ILE A 1 116 ? -0.984  -7.734  18.283  1.000 31.787  0 116 ILE A CB  1 ? 
ATOM   823  C CG1 . ILE A 1 116 ? -2.287  -8.241  17.667  1.000 29.972  0 116 ILE A CG1 1 ? 
ATOM   824  C CG2 . ILE A 1 116 ? -0.185  -8.833  18.963  1.000 32.525  0 116 ILE A CG2 1 ? 
ATOM   825  C CD1 . ILE A 1 116 ? -2.091  -8.971  16.378  1.000 32.075  0 116 ILE A CD1 1 ? 
ATOM   826  N N   . GLU A 1 117 ? 0.987   -5.906  19.918  1.000 42.641  0 117 GLU A N   1 ? 
ATOM   827  C CA  . GLU A 1 117 ? 2.176   -5.734  20.799  1.000 42.303  0 117 GLU A CA  1 ? 
ATOM   828  C C   . GLU A 1 117 ? 1.852   -4.809  21.971  1.000 44.190  0 117 GLU A C   1 ? 
ATOM   829  O O   . GLU A 1 117 ? 2.259   -5.124  23.085  1.000 45.355  0 117 GLU A O   1 ? 
ATOM   830  C CB  . GLU A 1 117 ? 3.362   -5.211  20.011  1.000 41.778  0 117 GLU A CB  1 ? 
ATOM   831  C CG  . GLU A 1 117 ? 4.129   -6.325  19.337  1.000 43.936  0 117 GLU A CG  1 ? 
ATOM   832  C CD  . GLU A 1 117 ? 4.915   -5.857  18.134  1.000 48.862  0 117 GLU A CD  1 ? 
ATOM   833  O OE1 . GLU A 1 117 ? 5.568   -4.779  18.234  1.000 57.847  0 117 GLU A OE1 1 ? 
ATOM   834  O OE2 . GLU A 1 117 ? 4.841   -6.537  17.089  1.000 51.560  0 117 GLU A OE2 1 ? 
ATOM   835  N N   . MET A 1 118 ? 1.164   -3.702  21.727  1.000 48.907  0 118 MET A N   1 ? 
ATOM   836  C CA  . MET A 1 118 ? 0.418   -2.973  22.781  1.000 53.832  0 118 MET A CA  1 ? 
ATOM   837  C C   . MET A 1 118 ? -0.460  -4.013  23.492  1.000 65.044  0 118 MET A C   1 ? 
ATOM   838  O O   . MET A 1 118 ? -0.736  -5.051  22.858  1.000 70.337  0 118 MET A O   1 ? 
ATOM   839  C CB  . MET A 1 118 ? -0.455  -1.887  22.148  1.000 54.489  0 118 MET A CB  1 ? 
ATOM   840  C CG  . MET A 1 118 ? -0.702  -0.708  23.041  1.000 55.615  0 118 MET A CG  1 ? 
ATOM   841  S SD  . MET A 1 118 ? -1.629  0.585   22.198  1.000 54.578  0 118 MET A SD  1 ? 
ATOM   842  C CE  . MET A 1 118 ? -1.660  1.851   23.470  1.000 51.307  0 118 MET A CE  1 ? 
ATOM   843  N N   . TYR A 1 119 ? -0.883  -3.773  24.741  1.000 69.529  0 119 TYR A N   1 ? 
ATOM   844  C CA  . TYR A 1 119 ? -1.760  -4.704  25.519  1.000 66.396  0 119 TYR A CA  1 ? 
ATOM   845  C C   . TYR A 1 119 ? -1.194  -6.136  25.398  1.000 60.550  0 119 TYR A C   1 ? 
ATOM   846  O O   . TYR A 1 119 ? -1.792  -6.990  24.734  1.000 75.615  0 119 TYR A O   1 ? 
ATOM   847  C CB  . TYR A 1 119 ? -3.223  -4.623  25.039  1.000 66.947  0 119 TYR A CB  1 ? 
ATOM   848  C CG  . TYR A 1 119 ? -3.848  -3.246  25.032  1.000 67.965  0 119 TYR A CG  1 ? 
ATOM   849  C CD1 . TYR A 1 119 ? -4.317  -2.677  23.854  1.000 66.974  0 119 TYR A CD1 1 ? 
ATOM   850  C CD2 . TYR A 1 119 ? -3.972  -2.503  26.199  1.000 70.738  0 119 TYR A CD2 1 ? 
ATOM   851  C CE1 . TYR A 1 119 ? -4.901  -1.419  23.835  1.000 65.656  0 119 TYR A CE1 1 ? 
ATOM   852  C CE2 . TYR A 1 119 ? -4.525  -1.230  26.192  1.000 72.313  0 119 TYR A CE2 1 ? 
ATOM   853  C CZ  . TYR A 1 119 ? -4.995  -0.686  25.008  1.000 69.411  0 119 TYR A CZ  1 ? 
ATOM   854  O OH  . TYR A 1 119 ? -5.543  0.564   25.000  1.000 69.436  0 119 TYR A OH  1 ? 
ATOM   855  N N   . MET A 1 120 ? -0.017  -6.356  25.969  1.000 55.684  0 120 MET A N   1 ? 
ATOM   856  C CA  . MET A 1 120 ? 0.715   -7.645  25.997  1.000 59.327  0 120 MET A CA  1 ? 
ATOM   857  C C   . MET A 1 120 ? 1.872   -7.477  27.003  1.000 68.705  0 120 MET A C   1 ? 
ATOM   858  O O   . MET A 1 120 ? 2.030   -6.345  27.494  1.000 75.951  0 120 MET A O   1 ? 
ATOM   859  C CB  . MET A 1 120 ? 1.228   -7.984  24.590  1.000 58.664  0 120 MET A CB  1 ? 
ATOM   860  C CG  . MET A 1 120 ? 1.968   -9.318  24.477  1.000 57.079  0 120 MET A CG  1 ? 
ATOM   861  S SD  . MET A 1 120 ? 2.829   -9.541  22.904  1.000 54.838  0 120 MET A SD  1 ? 
ATOM   862  C CE  . MET A 1 120 ? 1.537   -10.312 21.922  1.000 58.068  0 120 MET A CE  1 ? 
ATOM   863  N N   . LYS A 1 121 ? 2.600   -8.547  27.361  1.000 73.986  0 121 LYS A N   1 ? 
ATOM   864  C CA  . LYS A 1 121 ? 3.767   -8.489  28.292  1.000 68.948  0 121 LYS A CA  1 ? 
ATOM   865  C C   . LYS A 1 121 ? 5.087   -8.454  27.505  1.000 71.947  0 121 LYS A C   1 ? 
ATOM   866  O O   . LYS A 1 121 ? 5.221   -9.205  26.521  1.000 60.790  0 121 LYS A O   1 ? 
ATOM   867  C CB  . LYS A 1 121 ? 3.773   -9.675  29.258  1.000 73.546  0 121 LYS A CB  1 ? 
ATOM   868  C CG  . LYS A 1 121 ? 4.779   -9.561  30.396  1.000 73.067  0 121 LYS A CG  1 ? 
ATOM   869  C CD  . LYS A 1 121 ? 4.950   -10.826 31.202  1.000 77.421  0 121 LYS A CD  1 ? 
ATOM   870  C CE  . LYS A 1 121 ? 5.580   -10.581 32.558  1.000 75.797  0 121 LYS A CE  1 ? 
ATOM   871  N NZ  . LYS A 1 121 ? 4.625   -9.936  33.493  1.000 69.731  0 121 LYS A NZ  1 ? 
ATOM   872  N N   . LYS A 1 122 ? 6.059   -7.695  28.026  1.000 83.094  0 122 LYS A N   1 ? 
ATOM   873  C CA  . LYS A 1 122 ? 7.217   -7.109  27.294  1.000 87.127  0 122 LYS A CA  1 ? 
ATOM   874  C C   . LYS A 1 122 ? 8.020   -8.187  26.551  1.000 99.151  0 122 LYS A C   1 ? 
ATOM   875  O O   . LYS A 1 122 ? 8.417   -7.923  25.404  1.000 120.675 0 122 LYS A O   1 ? 
ATOM   876  C CB  . LYS A 1 122 ? 8.111   -6.327  28.263  1.000 87.181  0 122 LYS A CB  1 ? 
ATOM   877  C CG  . LYS A 1 122 ? 8.436   -7.034  29.574  1.000 96.119  0 122 LYS A CG  1 ? 
ATOM   878  C CD  . LYS A 1 122 ? 9.706   -6.537  30.240  1.000 105.894 0 122 LYS A CD  1 ? 
ATOM   879  C CE  . LYS A 1 122 ? 10.954  -6.743  29.403  1.000 111.417 0 122 LYS A CE  1 ? 
ATOM   880  N NZ  . LYS A 1 122 ? 11.057  -8.126  28.871  1.000 110.838 0 122 LYS A NZ  1 ? 
ATOM   881  N N   . GLY A 1 123 ? 8.255   -9.346  27.170  1.000 99.631  0 123 GLY A N   1 ? 
ATOM   882  C CA  . GLY A 1 123 ? 9.316   -10.291 26.763  1.000 94.068  0 123 GLY A CA  1 ? 
ATOM   883  C C   . GLY A 1 123 ? 9.103   -10.907 25.383  1.000 88.324  0 123 GLY A C   1 ? 
ATOM   884  O O   . GLY A 1 123 ? 10.136  -11.170 24.723  1.000 80.551  0 123 GLY A O   1 ? 
ATOM   885  N N   . HIS A 1 124 ? 7.839   -11.120 24.958  1.000 77.434  0 124 HIS A N   1 ? 
ATOM   886  C CA  . HIS A 1 124 ? 7.415   -12.134 23.938  1.000 79.292  0 124 HIS A CA  1 ? 
ATOM   887  C C   . HIS A 1 124 ? 8.316   -12.113 22.695  1.000 67.141  0 124 HIS A C   1 ? 
ATOM   888  O O   . HIS A 1 124 ? 8.380   -11.074 22.030  1.000 69.307  0 124 HIS A O   1 ? 
ATOM   889  C CB  . HIS A 1 124 ? 5.949   -11.946 23.523  1.000 86.584  0 124 HIS A CB  1 ? 
ATOM   890  C CG  . HIS A 1 124 ? 4.972   -12.484 24.511  1.000 99.410  0 124 HIS A CG  1 ? 
ATOM   891  N ND1 . HIS A 1 124 ? 4.106   -13.510 24.205  1.000 105.708 0 124 HIS A ND1 1 ? 
ATOM   892  C CD2 . HIS A 1 124 ? 4.720   -12.142 25.795  1.000 112.889 0 124 HIS A CD2 1 ? 
ATOM   893  C CE1 . HIS A 1 124 ? 3.358   -13.776 25.263  1.000 119.327 0 124 HIS A CE1 1 ? 
ATOM   894  N NE2 . HIS A 1 124 ? 3.713   -12.948 26.249  1.000 114.189 0 124 HIS A NE2 1 ? 
ATOM   895  N N   . ILE A 1 125 ? 8.937   -13.253 22.387  1.000 60.826  0 125 ILE A N   1 ? 
ATOM   896  C CA  . ILE A 1 125 ? 9.749   -13.515 21.163  1.000 58.713  0 125 ILE A CA  1 ? 
ATOM   897  C C   . ILE A 1 125 ? 8.904   -14.372 20.212  1.000 55.401  0 125 ILE A C   1 ? 
ATOM   898  O O   . ILE A 1 125 ? 8.567   -15.505 20.586  1.000 51.977  0 125 ILE A O   1 ? 
ATOM   899  C CB  . ILE A 1 125 ? 11.075  -14.210 21.544  1.000 58.587  0 125 ILE A CB  1 ? 
ATOM   900  C CG1 . ILE A 1 125 ? 11.957  -13.301 22.396  1.000 66.749  0 125 ILE A CG1 1 ? 
ATOM   901  C CG2 . ILE A 1 125 ? 11.827  -14.710 20.323  1.000 55.012  0 125 ILE A CG2 1 ? 
ATOM   902  C CD1 . ILE A 1 125 ? 13.204  -13.989 22.929  1.000 74.894  0 125 ILE A CD1 1 ? 
ATOM   903  N N   . GLY A 1 126 ? 8.567   -13.844 19.034  1.000 58.734  0 126 GLY A N   1 ? 
ATOM   904  C CA  . GLY A 1 126 ? 7.755   -14.538 18.014  1.000 58.105  0 126 GLY A CA  1 ? 
ATOM   905  C C   . GLY A 1 126 ? 6.259   -14.473 18.310  1.000 56.246  0 126 GLY A C   1 ? 
ATOM   906  O O   . GLY A 1 126 ? 5.854   -13.699 19.187  1.000 53.158  0 126 GLY A O   1 ? 
ATOM   907  N N   . LYS A 1 127 ? 5.482   -15.313 17.633  1.000 55.301  0 127 LYS A N   1 ? 
ATOM   908  C CA  . LYS A 1 127 ? 4.013   -15.192 17.499  1.000 57.629  0 127 LYS A CA  1 ? 
ATOM   909  C C   . LYS A 1 127 ? 3.333   -16.545 17.781  1.000 50.547  0 127 LYS A C   1 ? 
ATOM   910  O O   . LYS A 1 127 ? 3.737   -17.556 17.186  1.000 39.905  0 127 LYS A O   1 ? 
ATOM   911  C CB  . LYS A 1 127 ? 3.689   -14.697 16.083  1.000 71.102  0 127 LYS A CB  1 ? 
ATOM   912  C CG  . LYS A 1 127 ? 4.105   -13.255 15.769  1.000 75.157  0 127 LYS A CG  1 ? 
ATOM   913  C CD  . LYS A 1 127 ? 5.296   -13.104 14.823  1.000 75.524  0 127 LYS A CD  1 ? 
ATOM   914  C CE  . LYS A 1 127 ? 4.973   -12.307 13.570  1.000 71.937  0 127 LYS A CE  1 ? 
ATOM   915  N NZ  . LYS A 1 127 ? 4.742   -10.872 13.846  1.000 68.726  0 127 LYS A NZ  1 ? 
ATOM   916  N N   . THR A 1 128 ? 2.270   -16.533 18.590  1.000 48.252  0 128 THR A N   1 ? 
ATOM   917  C CA  . THR A 1 128 ? 1.420   -17.719 18.905  1.000 48.101  0 128 THR A CA  1 ? 
ATOM   918  C C   . THR A 1 128 ? 0.901   -18.307 17.582  1.000 50.079  0 128 THR A C   1 ? 
ATOM   919  O O   . THR A 1 128 ? 0.872   -17.570 16.581  1.000 41.751  0 128 THR A O   1 ? 
ATOM   920  C CB  . THR A 1 128 ? 0.289   -17.359 19.895  1.000 46.780  0 128 THR A CB  1 ? 
ATOM   921  O OG1 . THR A 1 128 ? -0.758  -16.648 19.229  1.000 49.559  0 128 THR A OG1 1 ? 
ATOM   922  C CG2 . THR A 1 128 ? 0.740   -16.486 21.050  1.000 47.317  0 128 THR A CG2 1 ? 
ATOM   923  N N   . SER A 1 129 ? 0.532   -19.592 17.566  1.000 62.003  0 129 SER A N   1 ? 
ATOM   924  C CA  . SER A 1 129 ? -0.187  -20.253 16.438  1.000 65.140  0 129 SER A CA  1 ? 
ATOM   925  C C   . SER A 1 129 ? -1.423  -19.422 16.041  1.000 60.592  0 129 SER A C   1 ? 
ATOM   926  O O   . SER A 1 129 ? -1.640  -19.234 14.839  1.000 59.773  0 129 SER A O   1 ? 
ATOM   927  C CB  . SER A 1 129 ? -0.577  -21.666 16.805  1.000 67.954  0 129 SER A CB  1 ? 
ATOM   928  O OG  . SER A 1 129 ? -1.530  -21.661 17.859  1.000 71.122  0 129 SER A OG  1 ? 
ATOM   929  N N   . GLN A 1 130 ? -2.191  -18.966 17.039  1.000 56.705  0 130 GLN A N   1 ? 
ATOM   930  C CA  . GLN A 1 130 ? -3.413  -18.121 16.912  1.000 62.470  0 130 GLN A CA  1 ? 
ATOM   931  C C   . GLN A 1 130 ? -3.071  -16.790 16.217  1.000 60.311  0 130 GLN A C   1 ? 
ATOM   932  O O   . GLN A 1 130 ? -3.882  -16.358 15.365  1.000 58.525  0 130 GLN A O   1 ? 
ATOM   933  C CB  . GLN A 1 130 ? -4.030  -17.840 18.295  1.000 71.782  0 130 GLN A CB  1 ? 
ATOM   934  C CG  . GLN A 1 130 ? -4.549  -19.079 19.040  1.000 78.436  0 130 GLN A CG  1 ? 
ATOM   935  C CD  . GLN A 1 130 ? -3.681  -19.563 20.192  1.000 79.838  0 130 GLN A CD  1 ? 
ATOM   936  O OE1 . GLN A 1 130 ? -2.758  -18.891 20.654  1.000 75.809  0 130 GLN A OE1 1 ? 
ATOM   937  N NE2 . GLN A 1 130 ? -3.986  -20.750 20.693  1.000 75.513  0 130 GLN A NE2 1 ? 
ATOM   938  N N   . GLN A 1 131 ? -1.929  -16.173 16.570  1.000 54.947  0 131 GLN A N   1 ? 
ATOM   939  C CA  . GLN A 1 131 ? -1.470  -14.836 16.075  1.000 53.390  0 131 GLN A CA  1 ? 
ATOM   940  C C   . GLN A 1 131 ? -1.083  -14.885 14.582  1.000 54.858  0 131 GLN A C   1 ? 
ATOM   941  O O   . GLN A 1 131 ? -1.419  -13.937 13.842  1.000 52.909  0 131 GLN A O   1 ? 
ATOM   942  C CB  . GLN A 1 131 ? -0.277  -14.342 16.895  1.000 51.801  0 131 GLN A CB  1 ? 
ATOM   943  C CG  . GLN A 1 131 ? -0.346  -12.865 17.264  1.000 53.722  0 131 GLN A CG  1 ? 
ATOM   944  C CD  . GLN A 1 131 ? 0.948   -12.157 16.956  1.000 54.558  0 131 GLN A CD  1 ? 
ATOM   945  O OE1 . GLN A 1 131 ? 1.701   -11.771 17.842  1.000 58.738  0 131 GLN A OE1 1 ? 
ATOM   946  N NE2 . GLN A 1 131 ? 1.220   -11.991 15.677  1.000 63.059  0 131 GLN A NE2 1 ? 
ATOM   947  N N   . GLN A 1 132 ? -0.383  -15.934 14.160  1.000 61.496  0 132 GLN A N   1 ? 
ATOM   948  C CA  . GLN A 1 132 ? 0.144   -16.097 12.779  1.000 62.205  0 132 GLN A CA  1 ? 
ATOM   949  C C   . GLN A 1 132 ? -1.021  -16.336 11.824  1.000 54.288  0 132 GLN A C   1 ? 
ATOM   950  O O   . GLN A 1 132 ? -0.878  -15.988 10.648  1.000 51.249  0 132 GLN A O   1 ? 
ATOM   951  C CB  . GLN A 1 132 ? 1.105   -17.287 12.713  1.000 67.765  0 132 GLN A CB  1 ? 
ATOM   952  C CG  . GLN A 1 132 ? 2.302   -17.160 13.643  1.000 75.722  0 132 GLN A CG  1 ? 
ATOM   953  C CD  . GLN A 1 132 ? 3.003   -18.481 13.852  1.000 79.108  0 132 GLN A CD  1 ? 
ATOM   954  O OE1 . GLN A 1 132 ? 3.084   -19.005 14.967  1.000 71.325  0 132 GLN A OE1 1 ? 
ATOM   955  N NE2 . GLN A 1 132 ? 3.517   -19.036 12.764  1.000 78.377  0 132 GLN A NE2 1 ? 
ATOM   956  N N   . LEU A 1 133 ? -2.067  -17.016 12.310  1.000 55.503  0 133 LEU A N   1 ? 
ATOM   957  C CA  . LEU A 1 133 ? -3.296  -17.375 11.548  1.000 62.012  0 133 LEU A CA  1 ? 
ATOM   958  C C   . LEU A 1 133 ? -4.138  -16.107 11.363  1.000 59.224  0 133 LEU A C   1 ? 
ATOM   959  O O   . LEU A 1 133 ? -4.784  -15.954 10.302  1.000 55.035  0 133 LEU A O   1 ? 
ATOM   960  C CB  . LEU A 1 133 ? -4.077  -18.452 12.313  1.000 63.371  0 133 LEU A CB  1 ? 
ATOM   961  C CG  . LEU A 1 133 ? -5.252  -19.073 11.554  1.000 67.801  0 133 LEU A CG  1 ? 
ATOM   962  C CD1 . LEU A 1 133 ? -4.772  -20.197 10.641  1.000 69.391  0 133 LEU A CD1 1 ? 
ATOM   963  C CD2 . LEU A 1 133 ? -6.327  -19.574 12.508  1.000 62.312  0 133 LEU A CD2 1 ? 
ATOM   964  N N   . LEU A 1 134 ? -4.098  -15.241 12.374  1.000 54.897  0 134 LEU A N   1 ? 
ATOM   965  C CA  . LEU A 1 134 ? -4.704  -13.895 12.382  1.000 50.926  0 134 LEU A CA  1 ? 
ATOM   966  C C   . LEU A 1 134 ? -4.049  -12.994 11.311  1.000 48.654  0 134 LEU A C   1 ? 
ATOM   967  O O   . LEU A 1 134 ? -4.777  -12.502 10.448  1.000 46.648  0 134 LEU A O   1 ? 
ATOM   968  C CB  . LEU A 1 134 ? -4.545  -13.316 13.787  1.000 50.654  0 134 LEU A CB  1 ? 
ATOM   969  C CG  . LEU A 1 134 ? -5.541  -12.220 14.118  1.000 55.542  0 134 LEU A CG  1 ? 
ATOM   970  C CD1 . LEU A 1 134 ? -6.943  -12.804 14.251  1.000 58.741  0 134 LEU A CD1 1 ? 
ATOM   971  C CD2 . LEU A 1 134 ? -5.125  -11.468 15.373  1.000 56.014  0 134 LEU A CD2 1 ? 
ATOM   972  N N   . GLU A 1 135 ? -2.732  -12.773 11.354  1.000 46.571  0 135 GLU A N   1 ? 
ATOM   973  C CA  . GLU A 1 135 ? -2.031  -11.887 10.381  1.000 42.820  0 135 GLU A CA  1 ? 
ATOM   974  C C   . GLU A 1 135 ? -2.378  -12.334 8.964   1.000 44.392  0 135 GLU A C   1 ? 
ATOM   975  O O   . GLU A 1 135 ? -2.716  -11.469 8.141   1.000 55.779  0 135 GLU A O   1 ? 
ATOM   976  C CB  . GLU A 1 135 ? -0.519  -11.918 10.557  1.000 39.766  0 135 GLU A CB  1 ? 
ATOM   977  C CG  . GLU A 1 135 ? -0.041  -11.353 11.880  1.000 41.519  0 135 GLU A CG  1 ? 
ATOM   978  C CD  . GLU A 1 135 ? 1.473   -11.408 12.075  1.000 48.134  0 135 GLU A CD  1 ? 
ATOM   979  O OE1 . GLU A 1 135 ? 2.197   -11.992 11.198  1.000 59.105  0 135 GLU A OE1 1 ? 
ATOM   980  O OE2 . GLU A 1 135 ? 1.942   -10.851 13.077  1.000 47.326  0 135 GLU A OE2 1 ? 
ATOM   981  N N   . GLU A 1 136 ? -2.319  -13.641 8.716   1.000 44.658  0 136 GLU A N   1 ? 
ATOM   982  C CA  . GLU A 1 136 ? -2.628  -14.298 7.420   1.000 45.359  0 136 GLU A CA  1 ? 
ATOM   983  C C   . GLU A 1 136 ? -4.002  -13.825 6.918   1.000 41.363  0 136 GLU A C   1 ? 
ATOM   984  O O   . GLU A 1 136 ? -4.084  -13.341 5.791   1.000 35.101  0 136 GLU A O   1 ? 
ATOM   985  C CB  . GLU A 1 136 ? -2.596  -15.815 7.619   1.000 54.894  0 136 GLU A CB  1 ? 
ATOM   986  C CG  . GLU A 1 136 ? -2.220  -16.604 6.375   1.000 65.867  0 136 GLU A CG  1 ? 
ATOM   987  C CD  . GLU A 1 136 ? -2.524  -18.098 6.463   1.000 72.752  0 136 GLU A CD  1 ? 
ATOM   988  O OE1 . GLU A 1 136 ? -2.560  -18.636 7.596   1.000 79.302  0 136 GLU A OE1 1 ? 
ATOM   989  O OE2 . GLU A 1 136 ? -2.742  -18.722 5.404   1.000 73.313  0 136 GLU A OE2 1 ? 
ATOM   990  N N   . ARG A 1 137 ? -5.041  -13.965 7.736   1.000 38.868  0 137 ARG A N   1 ? 
ATOM   991  C CA  . ARG A 1 137 ? -6.433  -13.691 7.327   1.000 44.347  0 137 ARG A CA  1 ? 
ATOM   992  C C   . ARG A 1 137 ? -6.594  -12.183 7.151   1.000 40.103  0 137 ARG A C   1 ? 
ATOM   993  O O   . ARG A 1 137 ? -7.366  -11.781 6.267   1.000 37.486  0 137 ARG A O   1 ? 
ATOM   994  C CB  . ARG A 1 137 ? -7.436  -14.275 8.332   1.000 54.503  0 137 ARG A CB  1 ? 
ATOM   995  C CG  . ARG A 1 137 ? -7.579  -13.494 9.635   1.000 67.939  0 137 ARG A CG  1 ? 
ATOM   996  C CD  . ARG A 1 137 ? -9.013  -13.393 10.153  1.000 79.113  0 137 ARG A CD  1 ? 
ATOM   997  N NE  . ARG A 1 137 ? -9.456  -14.573 10.895  1.000 90.047  0 137 ARG A NE  1 ? 
ATOM   998  C CZ  . ARG A 1 137 ? -10.727 -14.863 11.187  1.000 93.408  0 137 ARG A CZ  1 ? 
ATOM   999  N NH1 . ARG A 1 137 ? -11.707 -14.063 10.804  1.000 92.293  0 137 ARG A NH1 1 ? 
ATOM   1000 N NH2 . ARG A 1 137 ? -11.013 -15.963 11.861  1.000 98.339  0 137 ARG A NH2 1 ? 
ATOM   1001 N N   . GLU A 1 138 ? -5.870  -11.401 7.955   1.000 37.060  0 138 GLU A N   1 ? 
ATOM   1002 C CA  . GLU A 1 138 ? -5.933  -9.918  7.970   1.000 38.427  0 138 GLU A CA  1 ? 
ATOM   1003 C C   . GLU A 1 138 ? -5.253  -9.380  6.707   1.000 36.542  0 138 GLU A C   1 ? 
ATOM   1004 O O   . GLU A 1 138 ? -5.791  -8.448  6.102   1.000 35.206  0 138 GLU A O   1 ? 
ATOM   1005 C CB  . GLU A 1 138 ? -5.293  -9.340  9.239   1.000 40.709  0 138 GLU A CB  1 ? 
ATOM   1006 C CG  . GLU A 1 138 ? -6.116  -9.560  10.505  1.000 43.621  0 138 GLU A CG  1 ? 
ATOM   1007 C CD  . GLU A 1 138 ? -7.503  -8.930  10.524  1.000 50.785  0 138 GLU A CD  1 ? 
ATOM   1008 O OE1 . GLU A 1 138 ? -8.435  -9.517  9.920   1.000 60.157  0 138 GLU A OE1 1 ? 
ATOM   1009 O OE2 . GLU A 1 138 ? -7.662  -7.858  11.155  1.000 54.528  0 138 GLU A OE2 1 ? 
ATOM   1010 N N   . LEU A 1 139 ? -4.124  -9.959  6.314   1.000 34.424  0 139 LEU A N   1 ? 
ATOM   1011 C CA  . LEU A 1 139 ? -3.412  -9.550  5.085   1.000 32.366  0 139 LEU A CA  1 ? 
ATOM   1012 C C   . LEU A 1 139 ? -4.328  -9.756  3.889   1.000 30.564  0 139 LEU A C   1 ? 
ATOM   1013 O O   . LEU A 1 139 ? -4.431  -8.848  3.111   1.000 30.954  0 139 LEU A O   1 ? 
ATOM   1014 C CB  . LEU A 1 139 ? -2.129  -10.358 4.925   1.000 32.249  0 139 LEU A CB  1 ? 
ATOM   1015 C CG  . LEU A 1 139 ? -0.847  -9.620  5.277   1.000 34.024  0 139 LEU A CG  1 ? 
ATOM   1016 C CD1 . LEU A 1 139 ? 0.361   -10.508 5.064   1.000 34.841  0 139 LEU A CD1 1 ? 
ATOM   1017 C CD2 . LEU A 1 139 ? -0.698  -8.359  4.459   1.000 36.885  0 139 LEU A CD2 1 ? 
ATOM   1018 N N   . ARG A 1 140 ? -4.956  -10.927 3.780   1.000 36.150  0 140 ARG A N   1 ? 
ATOM   1019 C CA  . ARG A 1 140 ? -5.793  -11.332 2.616   1.000 38.933  0 140 ARG A CA  1 ? 
ATOM   1020 C C   . ARG A 1 140 ? -7.100  -10.537 2.631   1.000 30.692  0 140 ARG A C   1 ? 
ATOM   1021 O O   . ARG A 1 140 ? -7.591  -10.174 1.541   1.000 26.916  0 140 ARG A O   1 ? 
ATOM   1022 C CB  . ARG A 1 140 ? -6.069  -12.842 2.601   1.000 47.427  0 140 ARG A CB  1 ? 
ATOM   1023 C CG  . ARG A 1 140 ? -5.190  -13.622 1.620   1.000 59.296  0 140 ARG A CG  1 ? 
ATOM   1024 C CD  . ARG A 1 140 ? -5.675  -15.047 1.333   1.000 66.021  0 140 ARG A CD  1 ? 
ATOM   1025 N NE  . ARG A 1 140 ? -6.249  -15.660 2.532   1.000 70.613  0 140 ARG A NE  1 ? 
ATOM   1026 C CZ  . ARG A 1 140 ? -5.561  -16.298 3.481   1.000 63.824  0 140 ARG A CZ  1 ? 
ATOM   1027 N NH1 . ARG A 1 140 ? -4.249  -16.465 3.367   1.000 64.751  0 140 ARG A NH1 1 ? 
ATOM   1028 N NH2 . ARG A 1 140 ? -6.195  -16.758 4.550   1.000 54.693  0 140 ARG A NH2 1 ? 
ATOM   1029 N N   . ASN A 1 141 ? -7.617  -10.232 3.811   1.000 25.285  0 141 ASN A N   1 ? 
ATOM   1030 C CA  . ASN A 1 141 ? -8.866  -9.461  3.924   1.000 24.167  0 141 ASN A CA  1 ? 
ATOM   1031 C C   . ASN A 1 141 ? -8.618  -8.005  3.498   1.000 24.213  0 141 ASN A C   1 ? 
ATOM   1032 O O   . ASN A 1 141 ? -9.526  -7.407  2.867   1.000 22.259  0 141 ASN A O   1 ? 
ATOM   1033 C CB  . ASN A 1 141 ? -9.459  -9.524  5.313   1.000 23.993  0 141 ASN A CB  1 ? 
ATOM   1034 C CG  . ASN A 1 141 ? -10.779 -8.799  5.303   1.000 26.971  0 141 ASN A CG  1 ? 
ATOM   1035 O OD1 . ASN A 1 141 ? -11.615 -9.074  4.444   1.000 29.165  0 141 ASN A OD1 1 ? 
ATOM   1036 N ND2 . ASN A 1 141 ? -10.932 -7.813  6.168   1.000 27.012  0 141 ASN A ND2 1 ? 
ATOM   1037 N N   . PHE A 1 142 ? -7.448  -7.455  3.835   1.000 21.586  0 142 PHE A N   1 ? 
ATOM   1038 C CA  . PHE A 1 142 ? -7.035  -6.080  3.477   1.000 20.132  0 142 PHE A CA  1 ? 
ATOM   1039 C C   . PHE A 1 142 ? -6.936  -6.010  1.975   1.000 21.760  0 142 PHE A C   1 ? 
ATOM   1040 O O   . PHE A 1 142 ? -7.422  -5.050  1.394   1.000 27.201  0 142 PHE A O   1 ? 
ATOM   1041 C CB  . PHE A 1 142 ? -5.702  -5.694  4.115   1.000 19.622  0 142 PHE A CB  1 ? 
ATOM   1042 C CG  . PHE A 1 142 ? -5.132  -4.368  3.676   1.000 17.803  0 142 PHE A CG  1 ? 
ATOM   1043 C CD1 . PHE A 1 142 ? -4.258  -4.281  2.616   1.000 17.325  0 142 PHE A CD1 1 ? 
ATOM   1044 C CD2 . PHE A 1 142 ? -5.416  -3.210  4.374   1.000 18.501  0 142 PHE A CD2 1 ? 
ATOM   1045 C CE1 . PHE A 1 142 ? -3.741  -3.060  2.227   1.000 17.349  0 142 PHE A CE1 1 ? 
ATOM   1046 C CE2 . PHE A 1 142 ? -4.899  -1.986  3.981   1.000 17.335  0 142 PHE A CE2 1 ? 
ATOM   1047 C CZ  . PHE A 1 142 ? -4.056  -1.918  2.914   1.000 17.058  0 142 PHE A CZ  1 ? 
ATOM   1048 N N   . LYS A 1 143 ? -6.341  -7.011  1.361   1.000 22.558  0 143 LYS A N   1 ? 
ATOM   1049 C CA  . LYS A 1 143 ? -6.156  -7.046  -0.112  1.000 24.306  0 143 LYS A CA  1 ? 
ATOM   1050 C C   . LYS A 1 143 ? -7.537  -7.109  -0.827  1.000 25.318  0 143 LYS A C   1 ? 
ATOM   1051 O O   . LYS A 1 143 ? -7.753  -6.420  -1.845  1.000 23.458  0 143 LYS A O   1 ? 
ATOM   1052 C CB  . LYS A 1 143 ? -5.232  -8.217  -0.422  1.000 25.190  0 143 LYS A CB  1 ? 
ATOM   1053 C CG  . LYS A 1 143 ? -4.796  -8.307  -1.855  1.000 28.991  0 143 LYS A CG  1 ? 
ATOM   1054 C CD  . LYS A 1 143 ? -4.026  -9.549  -2.158  1.000 33.211  0 143 LYS A CD  1 ? 
ATOM   1055 C CE  . LYS A 1 143 ? -3.751  -9.686  -3.637  1.000 38.686  0 143 LYS A CE  1 ? 
ATOM   1056 N NZ  . LYS A 1 143 ? -3.076  -10.963 -3.946  1.000 45.556  0 143 LYS A NZ  1 ? 
ATOM   1057 N N   . THR A 1 144 ? -8.461  -7.902  -0.321  1.000 25.800  0 144 THR A N   1 ? 
ATOM   1058 C CA  . THR A 1 144 ? -9.792  -8.101  -0.946  1.000 28.081  0 144 THR A CA  1 ? 
ATOM   1059 C C   . THR A 1 144 ? -10.586 -6.805  -0.838  1.000 26.471  0 144 THR A C   1 ? 
ATOM   1060 O O   . THR A 1 144 ? -11.162 -6.363  -1.851  1.000 26.583  0 144 THR A O   1 ? 
ATOM   1061 C CB  . THR A 1 144 ? -10.509 -9.289  -0.295  1.000 30.131  0 144 THR A CB  1 ? 
ATOM   1062 O OG1 . THR A 1 144 ? -9.806  -10.421 -0.810  1.000 34.263  0 144 THR A OG1 1 ? 
ATOM   1063 C CG2 . THR A 1 144 ? -11.987 -9.371  -0.598  1.000 31.038  0 144 THR A CG2 1 ? 
ATOM   1064 N N   . THR A 1 145 ? -10.635 -6.244  0.364   1.000 25.238  0 145 THR A N   1 ? 
ATOM   1065 C CA  . THR A 1 145 ? -11.378 -5.007  0.666   1.000 23.252  0 145 THR A CA  1 ? 
ATOM   1066 C C   . THR A 1 145 ? -10.862 -3.896  -0.239  1.000 23.362  0 145 THR A C   1 ? 
ATOM   1067 O O   . THR A 1 145 ? -11.684 -3.224  -0.867  1.000 23.113  0 145 THR A O   1 ? 
ATOM   1068 C CB  . THR A 1 145 ? -11.274 -4.653  2.142   1.000 20.911  0 145 THR A CB  1 ? 
ATOM   1069 O OG1 . THR A 1 145 ? -11.691 -5.829  2.829   1.000 19.006  0 145 THR A OG1 1 ? 
ATOM   1070 C CG2 . THR A 1 145 ? -12.153 -3.472  2.504   1.000 21.111  0 145 THR A CG2 1 ? 
ATOM   1071 N N   . LEU A 1 146 ? -9.541  -3.793  -0.359  1.000 23.074  0 146 LEU A N   1 ? 
ATOM   1072 C CA  . LEU A 1 146 ? -8.868  -2.704  -1.094  1.000 22.314  0 146 LEU A CA  1 ? 
ATOM   1073 C C   . LEU A 1 146 ? -9.150  -2.844  -2.591  1.000 22.070  0 146 LEU A C   1 ? 
ATOM   1074 O O   . LEU A 1 146 ? -9.428  -1.808  -3.240  1.000 22.588  0 146 LEU A O   1 ? 
ATOM   1075 C CB  . LEU A 1 146 ? -7.368  -2.760  -0.803  1.000 21.988  0 146 LEU A CB  1 ? 
ATOM   1076 C CG  . LEU A 1 146 ? -6.560  -1.644  -1.457  1.000 21.711  0 146 LEU A CG  1 ? 
ATOM   1077 C CD1 . LEU A 1 146 ? -7.057  -0.283  -1.004  1.000 20.847  0 146 LEU A CD1 1 ? 
ATOM   1078 C CD2 . LEU A 1 146 ? -5.083  -1.802  -1.158  1.000 21.792  0 146 LEU A CD2 1 ? 
ATOM   1079 N N   . ILE A 1 147 ? -9.046  -4.062  -3.129  1.000 21.406  0 147 ILE A N   1 ? 
ATOM   1080 C CA  . ILE A 1 147 ? -9.412  -4.380  -4.547  1.000 19.731  0 147 ILE A CA  1 ? 
ATOM   1081 C C   . ILE A 1 147 ? -10.903 -4.072  -4.739  1.000 19.442  0 147 ILE A C   1 ? 
ATOM   1082 O O   . ILE A 1 147 ? -11.260 -3.456  -5.758  1.000 18.833  0 147 ILE A O   1 ? 
ATOM   1083 C CB  . ILE A 1 147 ? -9.040  -5.834  -4.915  1.000 18.843  0 147 ILE A CB  1 ? 
ATOM   1084 C CG1 . ILE A 1 147 ? -7.526  -6.008  -5.028  1.000 19.625  0 147 ILE A CG1 1 ? 
ATOM   1085 C CG2 . ILE A 1 147 ? -9.710  -6.276  -6.191  1.000 18.650  0 147 ILE A CG2 1 ? 
ATOM   1086 C CD1 . ILE A 1 147 ? -7.074  -7.443  -5.179  1.000 20.081  0 147 ILE A CD1 1 ? 
ATOM   1087 N N   . ASN A 1 148 ? -11.761 -4.439  -3.798  1.000 19.321  0 148 ASN A N   1 ? 
ATOM   1088 C CA  . ASN A 1 148 ? -13.205 -4.189  -4.003  1.000 21.136  0 148 ASN A CA  1 ? 
ATOM   1089 C C   . ASN A 1 148 ? -13.387 -2.676  -4.180  1.000 20.193  0 148 ASN A C   1 ? 
ATOM   1090 O O   . ASN A 1 148 ? -13.883 -2.286  -5.212  1.000 21.398  0 148 ASN A O   1 ? 
ATOM   1091 C CB  . ASN A 1 148 ? -14.087 -4.872  -2.949  1.000 22.805  0 148 ASN A CB  1 ? 
ATOM   1092 C CG  . ASN A 1 148 ? -14.135 -6.386  -3.102  1.000 25.267  0 148 ASN A CG  1 ? 
ATOM   1093 O OD1 . ASN A 1 148 ? -14.375 -7.117  -2.131  1.000 31.946  0 148 ASN A OD1 1 ? 
ATOM   1094 N ND2 . ASN A 1 148 ? -13.852 -6.891  -4.292  1.000 25.401  0 148 ASN A ND2 1 ? 
ATOM   1095 N N   . LEU A 1 149 ? -12.876 -1.863  -3.265  1.000 19.461  0 149 LEU A N   1 ? 
ATOM   1096 C CA  . LEU A 1 149 ? -13.051 -0.384  -3.256  1.000 18.133  0 149 LEU A CA  1 ? 
ATOM   1097 C C   . LEU A 1 149 ? -12.486 0.244   -4.548  1.000 18.070  0 149 LEU A C   1 ? 
ATOM   1098 O O   . LEU A 1 149 ? -13.138 1.154   -5.094  1.000 20.407  0 149 LEU A O   1 ? 
ATOM   1099 C CB  . LEU A 1 149 ? -12.325 0.178   -2.026  1.000 18.127  0 149 LEU A CB  1 ? 
ATOM   1100 C CG  . LEU A 1 149 ? -12.910 -0.200  -0.668  1.000 18.543  0 149 LEU A CG  1 ? 
ATOM   1101 C CD1 . LEU A 1 149 ? -11.882 -0.036  0.433   1.000 19.351  0 149 LEU A CD1 1 ? 
ATOM   1102 C CD2 . LEU A 1 149 ? -14.128 0.629   -0.345  1.000 19.114  0 149 LEU A CD2 1 ? 
ATOM   1103 N N   . ILE A 1 150 ? -11.281 -0.152  -4.964  1.000 16.975  0 150 ILE A N   1 ? 
ATOM   1104 C CA  . ILE A 1 150 ? -10.626 0.278   -6.230  1.000 17.578  0 150 ILE A CA  1 ? 
ATOM   1105 C C   . ILE A 1 150 ? -11.568 0.066   -7.417  1.000 18.619  0 150 ILE A C   1 ? 
ATOM   1106 O O   . ILE A 1 150 ? -11.648 0.966   -8.274  1.000 16.990  0 150 ILE A O   1 ? 
ATOM   1107 C CB  . ILE A 1 150 ? -9.301  -0.484  -6.452  1.000 18.231  0 150 ILE A CB  1 ? 
ATOM   1108 C CG1 . ILE A 1 150 ? -8.217  -0.028  -5.467  1.000 18.725  0 150 ILE A CG1 1 ? 
ATOM   1109 C CG2 . ILE A 1 150 ? -8.836  -0.333  -7.892  1.000 17.164  0 150 ILE A CG2 1 ? 
ATOM   1110 C CD1 . ILE A 1 150 ? -7.053  -0.954  -5.367  1.000 19.163  0 150 ILE A CD1 1 ? 
ATOM   1111 N N   . ASN A 1 151 ? -12.194 -1.110  -7.496  1.000 22.145  0 151 ASN A N   1 ? 
ATOM   1112 C CA  . ASN A 1 151 ? -12.996 -1.573  -8.663  1.000 24.901  0 151 ASN A CA  1 ? 
ATOM   1113 C C   . ASN A 1 151 ? -14.395 -0.950  -8.695  1.000 26.423  0 151 ASN A C   1 ? 
ATOM   1114 O O   . ASN A 1 151 ? -14.977 -0.925  -9.769  1.000 30.231  0 151 ASN A O   1 ? 
ATOM   1115 C CB  . ASN A 1 151 ? -13.109 -3.089  -8.687  1.000 25.058  0 151 ASN A CB  1 ? 
ATOM   1116 C CG  . ASN A 1 151 ? -11.850 -3.721  -9.220  1.000 25.969  0 151 ASN A CG  1 ? 
ATOM   1117 O OD1 . ASN A 1 151 ? -11.088 -3.059  -9.912  1.000 30.338  0 151 ASN A OD1 1 ? 
ATOM   1118 N ND2 . ASN A 1 151 ? -11.624 -4.986  -8.905  1.000 25.619  0 151 ASN A ND2 1 ? 
ATOM   1119 N N   . ASN A 1 152 ? -14.913 -0.457  -7.587  1.000 28.151  0 152 ASN A N   1 ? 
ATOM   1120 C CA  . ASN A 1 152 ? -16.289 0.084   -7.543  1.000 32.839  0 152 ASN A CA  1 ? 
ATOM   1121 C C   . ASN A 1 152 ? -16.260 1.578   -7.805  1.000 28.791  0 152 ASN A C   1 ? 
ATOM   1122 O O   . ASN A 1 152 ? -17.312 2.197   -7.658  1.000 31.522  0 152 ASN A O   1 ? 
ATOM   1123 C CB  . ASN A 1 152 ? -16.989 -0.280  -6.233  1.000 41.031  0 152 ASN A CB  1 ? 
ATOM   1124 C CG  . ASN A 1 152 ? -17.145 -1.782  -6.098  1.000 52.153  0 152 ASN A CG  1 ? 
ATOM   1125 O OD1 . ASN A 1 152 ? -16.792 -2.541  -7.010  1.000 59.019  0 152 ASN A OD1 1 ? 
ATOM   1126 N ND2 . ASN A 1 152 ? -17.627 -2.227  -4.953  1.000 61.430  0 152 ASN A ND2 1 ? 
ATOM   1127 N N   . ASN A 1 153 ? -15.114 2.128   -8.203  1.000 26.874  0 153 ASN A N   1 ? 
ATOM   1128 C CA  . ASN A 1 153 ? -14.969 3.592   -8.394  1.000 24.689  0 153 ASN A CA  1 ? 
ATOM   1129 C C   . ASN A 1 153 ? -14.207 3.918   -9.671  1.000 23.499  0 153 ASN A C   1 ? 
ATOM   1130 O O   . ASN A 1 153 ? -13.033 3.573   -9.764  1.000 23.807  0 153 ASN A O   1 ? 
ATOM   1131 C CB  . ASN A 1 153 ? -14.278 4.257   -7.224  1.000 23.864  0 153 ASN A CB  1 ? 
ATOM   1132 C CG  . ASN A 1 153 ? -14.644 5.718   -7.159  1.000 23.157  0 153 ASN A CG  1 ? 
ATOM   1133 O OD1 . ASN A 1 153 ? -14.292 6.483   -8.043  1.000 24.994  0 153 ASN A OD1 1 ? 
ATOM   1134 N ND2 . ASN A 1 153 ? -15.382 6.101   -6.139  1.000 23.058  0 153 ASN A ND2 1 ? 
ATOM   1135 N N   . SER A 1 154 ? -14.843 4.676   -10.558 1.000 22.803  0 154 SER A N   1 ? 
ATOM   1136 C CA  . SER A 1 154 ? -14.324 5.015   -11.900 1.000 22.170  0 154 SER A CA  1 ? 
ATOM   1137 C C   . SER A 1 154 ? -13.120 5.921   -11.745 1.000 20.709  0 154 SER A C   1 ? 
ATOM   1138 O O   . SER A 1 154 ? -12.370 6.035   -12.691 1.000 19.866  0 154 SER A O   1 ? 
ATOM   1139 C CB  . SER A 1 154 ? -15.374 5.647   -12.734 1.000 21.532  0 154 SER A CB  1 ? 
ATOM   1140 O OG  . SER A 1 154 ? -16.007 6.661   -11.994 1.000 23.235  0 154 SER A OG  1 ? 
ATOM   1141 N N   . PHE A 1 155 ? -12.949 6.533   -10.578 1.000 22.632  0 155 PHE A N   1 ? 
ATOM   1142 C CA  . PHE A 1 155 ? -11.798 7.438   -10.300 1.000 24.457  0 155 PHE A CA  1 ? 
ATOM   1143 C C   . PHE A 1 155 ? -10.525 6.627   -9.979  1.000 24.128  0 155 PHE A C   1 ? 
ATOM   1144 O O   . PHE A 1 155 ? -9.441  7.197   -10.110 1.000 25.870  0 155 PHE A O   1 ? 
ATOM   1145 C CB  . PHE A 1 155 ? -12.162 8.444   -9.205  1.000 23.999  0 155 PHE A CB  1 ? 
ATOM   1146 C CG  . PHE A 1 155 ? -13.157 9.485   -9.645  1.000 24.042  0 155 PHE A CG  1 ? 
ATOM   1147 C CD1 . PHE A 1 155 ? -12.735 10.640  -10.282 1.000 24.134  0 155 PHE A CD1 1 ? 
ATOM   1148 C CD2 . PHE A 1 155 ? -14.526 9.283   -9.476  1.000 25.279  0 155 PHE A CD2 1 ? 
ATOM   1149 C CE1 . PHE A 1 155 ? -13.658 11.600  -10.692 1.000 26.480  0 155 PHE A CE1 1 ? 
ATOM   1150 C CE2 . PHE A 1 155 ? -15.448 10.240  -9.883  1.000 25.808  0 155 PHE A CE2 1 ? 
ATOM   1151 C CZ  . PHE A 1 155 ? -15.011 11.398  -10.498 1.000 26.459  0 155 PHE A CZ  1 ? 
ATOM   1152 N N   . THR A 1 156 ? -10.650 5.349   -9.586  1.000 25.239  0 156 THR A N   1 ? 
ATOM   1153 C CA  . THR A 1 156 ? -9.510  4.453   -9.219  1.000 23.801  0 156 THR A CA  1 ? 
ATOM   1154 C C   . THR A 1 156 ? -9.442  3.202   -10.105 1.000 23.640  0 156 THR A C   1 ? 
ATOM   1155 O O   . THR A 1 156 ? -8.320  2.682   -10.272 1.000 23.053  0 156 THR A O   1 ? 
ATOM   1156 C CB  . THR A 1 156 ? -9.573  4.042   -7.749  1.000 21.850  0 156 THR A CB  1 ? 
ATOM   1157 O OG1 . THR A 1 156 ? -10.891 3.595   -7.456  1.000 21.141  0 156 THR A OG1 1 ? 
ATOM   1158 C CG2 . THR A 1 156 ? -9.230  5.186   -6.836  1.000 22.883  0 156 THR A CG2 1 ? 
ATOM   1159 N N   . LYS A 1 157 ? -10.560 2.740   -10.660 1.000 24.449  0 157 LYS A N   1 ? 
ATOM   1160 C CA  . LYS A 1 157 ? -10.690 1.350   -11.172 1.000 28.688  0 157 LYS A CA  1 ? 
ATOM   1161 C C   . LYS A 1 157 ? -9.541  0.975   -12.125 1.000 32.908  0 157 LYS A C   1 ? 
ATOM   1162 O O   . LYS A 1 157 ? -9.004  -0.181  -12.009 1.000 40.906  0 157 LYS A O   1 ? 
ATOM   1163 C CB  . LYS A 1 157 ? -12.009 1.138   -11.900 1.000 28.448  0 157 LYS A CB  1 ? 
ATOM   1164 C CG  . LYS A 1 157 ? -12.195 -0.272  -12.418 1.000 28.609  0 157 LYS A CG  1 ? 
ATOM   1165 C CD  . LYS A 1 157 ? -13.550 -0.517  -13.013 1.000 30.353  0 157 LYS A CD  1 ? 
ATOM   1166 C CE  . LYS A 1 157 ? -13.747 -1.978  -13.311 1.000 32.704  0 157 LYS A CE  1 ? 
ATOM   1167 N NZ  . LYS A 1 157 ? -12.525 -2.578  -13.910 1.000 33.636  0 157 LYS A NZ  1 ? 
ATOM   1168 N N   . THR A 1 158 ? -9.184  1.861   -13.048 1.000 33.424  0 158 THR A N   1 ? 
ATOM   1169 C CA  . THR A 1 158 ? -8.206  1.563   -14.126 1.000 35.107  0 158 THR A CA  1 ? 
ATOM   1170 C C   . THR A 1 158 ? -6.777  1.956   -13.707 1.000 34.083  0 158 THR A C   1 ? 
ATOM   1171 O O   . THR A 1 158 ? -5.846  1.496   -14.359 1.000 39.083  0 158 THR A O   1 ? 
ATOM   1172 C CB  . THR A 1 158 ? -8.651  2.242   -15.424 1.000 37.688  0 158 THR A CB  1 ? 
ATOM   1173 O OG1 . THR A 1 158 ? -9.924  1.682   -15.737 1.000 37.651  0 158 THR A OG1 1 ? 
ATOM   1174 C CG2 . THR A 1 158 ? -7.697  2.033   -16.577 1.000 41.353  0 158 THR A CG2 1 ? 
ATOM   1175 N N   . PHE A 1 159 ? -6.597  2.751   -12.658 1.000 31.443  0 159 PHE A N   1 ? 
ATOM   1176 C CA  . PHE A 1 159 ? -5.325  3.467   -12.388 1.000 32.731  0 159 PHE A CA  1 ? 
ATOM   1177 C C   . PHE A 1 159 ? -4.518  2.804   -11.256 1.000 31.416  0 159 PHE A C   1 ? 
ATOM   1178 O O   . PHE A 1 159 ? -3.410  3.299   -10.955 1.000 34.101  0 159 PHE A O   1 ? 
ATOM   1179 C CB  . PHE A 1 159 ? -5.632  4.929   -12.074 1.000 34.903  0 159 PHE A CB  1 ? 
ATOM   1180 C CG  . PHE A 1 159 ? -6.520  5.588   -13.098 1.000 41.430  0 159 PHE A CG  1 ? 
ATOM   1181 C CD1 . PHE A 1 159 ? -5.988  6.084   -14.288 1.000 40.230  0 159 PHE A CD1 1 ? 
ATOM   1182 C CD2 . PHE A 1 159 ? -7.896  5.706   -12.886 1.000 39.052  0 159 PHE A CD2 1 ? 
ATOM   1183 C CE1 . PHE A 1 159 ? -6.811  6.692   -15.227 1.000 36.538  0 159 PHE A CE1 1 ? 
ATOM   1184 C CE2 . PHE A 1 159 ? -8.709  6.299   -13.842 1.000 33.551  0 159 PHE A CE2 1 ? 
ATOM   1185 C CZ  . PHE A 1 159 ? -8.166  6.790   -15.003 1.000 31.901  0 159 PHE A CZ  1 ? 
ATOM   1186 N N   . VAL A 1 160 ? -5.034  1.729   -10.662 1.000 27.166  0 160 VAL A N   1 ? 
ATOM   1187 C CA  . VAL A 1 160 ? -4.576  1.197   -9.351  1.000 25.134  0 160 VAL A CA  1 ? 
ATOM   1188 C C   . VAL A 1 160 ? -4.697  -0.330  -9.380  1.000 24.210  0 160 VAL A C   1 ? 
ATOM   1189 O O   . VAL A 1 160 ? -5.797  -0.815  -9.635  1.000 23.762  0 160 VAL A O   1 ? 
ATOM   1190 C CB  . VAL A 1 160 ? -5.382  1.813   -8.187  1.000 26.207  0 160 VAL A CB  1 ? 
ATOM   1191 C CG1 . VAL A 1 160 ? -4.892  1.332   -6.835  1.000 25.703  0 160 VAL A CG1 1 ? 
ATOM   1192 C CG2 . VAL A 1 160 ? -5.368  3.335   -8.212  1.000 26.879  0 160 VAL A CG2 1 ? 
ATOM   1193 N N   . LYS A 1 161 ? -3.582  -1.039  -9.188  1.000 25.287  0 161 LYS A N   1 ? 
ATOM   1194 C CA  . LYS A 1 161 ? -3.510  -2.523  -9.103  1.000 27.444  0 161 LYS A CA  1 ? 
ATOM   1195 C C   . LYS A 1 161 ? -2.949  -2.944  -7.735  1.000 25.887  0 161 LYS A C   1 ? 
ATOM   1196 O O   . LYS A 1 161 ? -2.121  -2.183  -7.135  1.000 22.552  0 161 LYS A O   1 ? 
ATOM   1197 C CB  . LYS A 1 161 ? -2.632  -3.080  -10.224 1.000 32.161  0 161 LYS A CB  1 ? 
ATOM   1198 C CG  . LYS A 1 161 ? -2.964  -2.573  -11.623 1.000 38.527  0 161 LYS A CG  1 ? 
ATOM   1199 C CD  . LYS A 1 161 ? -4.041  -3.384  -12.349 1.000 42.060  0 161 LYS A CD  1 ? 
ATOM   1200 C CE  . LYS A 1 161 ? -4.248  -2.934  -13.787 1.000 44.836  0 161 LYS A CE  1 ? 
ATOM   1201 N NZ  . LYS A 1 161 ? -5.156  -1.759  -13.890 1.000 45.559  0 161 LYS A NZ  1 ? 
ATOM   1202 N N   . VAL A 1 162 ? -3.395  -4.094  -7.237  1.000 24.662  0 162 VAL A N   1 ? 
ATOM   1203 C CA  . VAL A 1 162 ? -2.933  -4.640  -5.931  1.000 27.736  0 162 VAL A CA  1 ? 
ATOM   1204 C C   . VAL A 1 162 ? -2.182  -5.954  -6.180  1.000 32.248  0 162 VAL A C   1 ? 
ATOM   1205 O O   . VAL A 1 162 ? -2.795  -6.908  -6.698  1.000 33.814  0 162 VAL A O   1 ? 
ATOM   1206 C CB  . VAL A 1 162 ? -4.101  -4.805  -4.949  1.000 25.086  0 162 VAL A CB  1 ? 
ATOM   1207 C CG1 . VAL A 1 162 ? -3.644  -5.330  -3.599  1.000 22.778  0 162 VAL A CG1 1 ? 
ATOM   1208 C CG2 . VAL A 1 162 ? -4.842  -3.484  -4.785  1.000 26.745  0 162 VAL A CG2 1 ? 
ATOM   1209 N N   . ILE A 1 163 ? -0.899  -5.990  -5.824  1.000 32.419  0 163 ILE A N   1 ? 
ATOM   1210 C CA  . ILE A 1 163 ? 0.012   -7.111  -6.186  1.000 33.836  0 163 ILE A CA  1 ? 
ATOM   1211 C C   . ILE A 1 163 ? 0.740   -7.594  -4.926  1.000 34.135  0 163 ILE A C   1 ? 
ATOM   1212 O O   . ILE A 1 163 ? 0.759   -6.892  -3.916  1.000 31.482  0 163 ILE A O   1 ? 
ATOM   1213 C CB  . ILE A 1 163 ? 0.977   -6.689  -7.320  1.000 32.058  0 163 ILE A CB  1 ? 
ATOM   1214 C CG1 . ILE A 1 163 ? 2.063   -5.738  -6.819  1.000 33.885  0 163 ILE A CG1 1 ? 
ATOM   1215 C CG2 . ILE A 1 163 ? 0.214   -6.105  -8.502  1.000 30.355  0 163 ILE A CG2 1 ? 
ATOM   1216 C CD1 . ILE A 1 163 ? 2.871   -5.075  -7.921  1.000 34.825  0 163 ILE A CD1 1 ? 
ATOM   1217 N N   . GLU A 1 164 ? 1.257   -8.809  -4.983  1.000 43.976  0 164 GLU A N   1 ? 
ATOM   1218 C CA  . GLU A 1 164 ? 2.016   -9.440  -3.877  1.000 43.112  0 164 GLU A CA  1 ? 
ATOM   1219 C C   . GLU A 1 164 ? 3.478   -9.012  -3.972  1.000 38.882  0 164 GLU A C   1 ? 
ATOM   1220 O O   . GLU A 1 164 ? 3.919   -8.571  -5.028  1.000 35.934  0 164 GLU A O   1 ? 
ATOM   1221 C CB  . GLU A 1 164 ? 1.813   -10.949 -3.904  1.000 44.331  0 164 GLU A CB  1 ? 
ATOM   1222 C CG  . GLU A 1 164 ? 0.364   -11.338 -3.672  1.000 47.056  0 164 GLU A CG  1 ? 
ATOM   1223 C CD  . GLU A 1 164 ? -0.118  -11.195 -2.239  1.000 52.799  0 164 GLU A CD  1 ? 
ATOM   1224 O OE1 . GLU A 1 164 ? 0.719   -10.882 -1.341  1.000 61.112  0 164 GLU A OE1 1 ? 
ATOM   1225 O OE2 . GLU A 1 164 ? -1.328  -11.419 -2.009  1.000 54.763  0 164 GLU A OE2 1 ? 
ATOM   1226 N N   . GLU A 1 165 ? 4.136   -8.990  -2.835  1.000 44.250  0 165 GLU A N   1 ? 
ATOM   1227 C CA  . GLU A 1 165 ? 5.591   -8.764  -2.717  1.000 48.778  0 165 GLU A CA  1 ? 
ATOM   1228 C C   . GLU A 1 165 ? 6.308   -9.857  -3.521  1.000 52.683  0 165 GLU A C   1 ? 
ATOM   1229 O O   . GLU A 1 165 ? 6.099   -11.043 -3.185  1.000 47.279  0 165 GLU A O   1 ? 
ATOM   1230 C CB  . GLU A 1 165 ? 5.985   -8.814  -1.243  1.000 46.446  0 165 GLU A CB  1 ? 
ATOM   1231 C CG  . GLU A 1 165 ? 7.066   -7.847  -0.880  1.000 41.952  0 165 GLU A CG  1 ? 
ATOM   1232 C CD  . GLU A 1 165 ? 7.547   -8.068  0.528   1.000 42.836  0 165 GLU A CD  1 ? 
ATOM   1233 O OE1 . GLU A 1 165 ? 6.706   -8.035  1.426   1.000 42.194  0 165 GLU A OE1 1 ? 
ATOM   1234 O OE2 . GLU A 1 165 ? 8.759   -8.326  0.712   1.000 51.138  0 165 GLU A OE2 1 ? 
ATOM   1235 O OXT . GLU A 1 165 ? 7.073   -9.576  -4.479  1.000 49.268  0 165 GLU A OXT 1 ? 
HETATM 1236 O O   . HOH B 2 .   ? 7.984   -1.626  -12.504 1.000 28.014  0 201 HOH A O   1 ? 
HETATM 1237 O O   . HOH B 2 .   ? -5.339  2.894   6.727   1.000 22.597  0 202 HOH A O   1 ? 
HETATM 1238 O O   . HOH B 2 .   ? -15.276 2.441   -4.383  1.000 29.714  0 203 HOH A O   1 ? 
HETATM 1239 O O   . HOH B 2 .   ? 6.383   -6.966  15.027  1.000 21.885  0 204 HOH A O   1 ? 
HETATM 1240 O O   . HOH B 2 .   ? 10.282  -4.619  13.880  1.000 36.403  0 205 HOH A O   1 ? 
HETATM 1241 O O   . HOH B 2 .   ? 9.702   13.386  -6.474  1.000 31.943  0 206 HOH A O   1 ? 
HETATM 1242 O O   . HOH B 2 .   ? 5.306   2.355   0.873   1.000 32.882  0 207 HOH A O   1 ? 
HETATM 1243 O O   . HOH B 2 .   ? 18.934  -0.453  -11.968 1.000 53.876  0 208 HOH A O   1 ? 
HETATM 1244 O O   . HOH B 2 .   ? -11.070 10.641  -0.155  1.000 30.146  0 209 HOH A O   1 ? 
HETATM 1245 O O   . HOH B 2 .   ? 1.676   -5.291  11.593  1.000 31.745  0 210 HOH A O   1 ? 
HETATM 1246 O O   . HOH B 2 .   ? 4.927   0.396   9.661   1.000 30.159  0 211 HOH A O   1 ? 
HETATM 1247 O O   . HOH B 2 .   ? 12.006  -2.188  12.841  1.000 26.275  0 212 HOH A O   1 ? 
HETATM 1248 O O   . HOH B 2 .   ? 4.868   2.195   -18.996 1.000 38.134  0 213 HOH A O   1 ? 
HETATM 1249 O O   . HOH B 2 .   ? 2.676   -0.997  20.301  1.000 30.722  0 214 HOH A O   1 ? 
HETATM 1250 O O   . HOH B 2 .   ? -15.137 4.140   0.678   1.000 41.398  0 215 HOH A O   1 ? 
HETATM 1251 O O   . HOH B 2 .   ? -2.706  -11.593 0.493   1.000 41.641  0 216 HOH A O   1 ? 
HETATM 1252 O O   . HOH B 2 .   ? -2.393  8.571   -25.642 1.000 47.660  0 217 HOH A O   1 ? 
HETATM 1253 O O   . HOH B 2 .   ? 1.983   4.648   2.806   1.000 22.678  0 218 HOH A O   1 ? 
HETATM 1254 O O   . HOH B 2 .   ? -2.771  18.374  -8.196  1.000 37.748  0 219 HOH A O   1 ? 
HETATM 1255 O O   . HOH B 2 .   ? 10.753  11.556  -8.642  1.000 37.503  0 220 HOH A O   1 ? 
HETATM 1256 O O   . HOH B 2 .   ? -9.536  -3.235  -13.879 1.000 31.828  0 221 HOH A O   1 ? 
HETATM 1257 O O   . HOH B 2 .   ? -5.691  -5.524  -8.672  1.000 29.005  0 222 HOH A O   1 ? 
HETATM 1258 O O   . HOH B 2 .   ? -8.914  14.709  -3.793  1.000 42.709  0 223 HOH A O   1 ? 
HETATM 1259 O O   . HOH B 2 .   ? 5.020   15.804  -8.335  1.000 46.421  0 224 HOH A O   1 ? 
HETATM 1260 O O   . HOH B 2 .   ? 18.367  1.189   -5.312  1.000 35.555  0 225 HOH A O   1 ? 
HETATM 1261 O O   . HOH B 2 .   ? -12.557 6.493   7.048   1.000 34.945  0 226 HOH A O   1 ? 
HETATM 1262 O O   . HOH B 2 .   ? -17.202 4.862   -3.907  1.000 43.086  0 227 HOH A O   1 ? 
HETATM 1263 O O   . HOH B 2 .   ? 5.913   -9.681  20.682  1.000 43.295  0 228 HOH A O   1 ? 
HETATM 1264 O O   . HOH B 2 .   ? 13.747  5.723   -2.995  1.000 49.112  0 229 HOH A O   1 ? 
HETATM 1265 O O   . HOH B 2 .   ? -18.066 4.919   -9.777  1.000 52.534  0 230 HOH A O   1 ? 
HETATM 1266 O O   . HOH B 2 .   ? -0.385  4.219   4.804   1.000 24.030  0 231 HOH A O   1 ? 
HETATM 1267 O O   . HOH B 2 .   ? -11.501 8.939   -14.298 1.000 34.141  0 232 HOH A O   1 ? 
HETATM 1268 O O   . HOH B 2 .   ? 1.757   -1.915  -13.903 1.000 47.673  0 233 HOH A O   1 ? 
HETATM 1269 O O   . HOH B 2 .   ? 4.128   18.055  -2.000  1.000 32.938  0 234 HOH A O   1 ? 
HETATM 1270 O O   . HOH B 2 .   ? -13.217 8.673   -1.414  1.000 33.747  0 235 HOH A O   1 ? 
HETATM 1271 O O   . HOH B 2 .   ? 8.145   0.897   14.412  1.000 47.808  0 236 HOH A O   1 ? 
HETATM 1272 O O   . HOH B 2 .   ? -3.623  5.585   5.750   1.000 28.670  0 237 HOH A O   1 ? 
HETATM 1273 O O   . HOH B 2 .   ? 1.314   20.454  -1.830  1.000 51.309  0 238 HOH A O   1 ? 
HETATM 1274 O O   . HOH B 2 .   ? 13.886  9.902   7.034   0.500 22.083  0 239 HOH A O   1 ? 
HETATM 1275 O O   . HOH B 2 .   ? -18.826 -11.642 2.950   1.000 36.560  0 240 HOH A O   1 ? 
HETATM 1276 O O   . HOH B 2 .   ? 26.964  2.673   -5.896  1.000 34.728  0 241 HOH A O   1 ? 
# 
